data_6GYA
#
_entry.id   6GYA
#
_cell.length_a   212.180
_cell.length_b   212.180
_cell.length_c   172.220
_cell.angle_alpha   90.00
_cell.angle_beta   90.00
_cell.angle_gamma   120.00
#
_symmetry.space_group_name_H-M   'P 61'
#
loop_
_entity.id
_entity.type
_entity.pdbx_description
1 polymer A-amylase
2 branched alpha-D-glucopyranose-(1-6)-alpha-D-glucopyranose-(1-4)-alpha-D-glucopyranose
3 branched alpha-D-glucopyranose-(1-4)-alpha-D-glucopyranose
4 non-polymer 'CALCIUM ION'
5 non-polymer 'SODIUM ION'
6 non-polymer alpha-D-glucopyranose
7 non-polymer beta-D-glucopyranose
8 water water
#
_entity_poly.entity_id   1
_entity_poly.type   'polypeptide(L)'
_entity_poly.pdbx_seq_one_letter_code
;TFAGDNGTMMQYFEWYLPNDGTLWTKMGSDASHLKSIGITGVWFPPAYKGQSQSDVGYGVYDMYDLGEFNQKGTVRTKYG
TKAQLQSAITSLHNNGIQAYGDVVLNHRMGADATETISAVEVNPSNRNQVTSGAYNISAWTDFEFPGRGNTYSSFKWHSY
YFDGVDWDQSRQLSGKIYQIQGKAWDWEVDSENGNYDYLMGADIDYDHPDVQTEVKNWGKWFVNTLNLDGVRLDAVKHIK
FDYMSSWLSSVKSTTGKSNLFAVGEYWNTSLGALENYENKTNWSMSLFDVPLHMNFQAAANGGGYYDMRNLLNNTMMKNH
PIQAVTFVDNHDTEPGQALQSWVSDWFKPLAYATILTRQEGYPCVFYGDYYGIPSQSVSAKSTWLDKQLSARKSYAYGTQ
HDYLDNQDVIGWTREGDSAHAGSGLATVMSDGPGGSKTMYVGTAHAGQVFKDITGNRTDTVTINSAGNGTFPCNGGSVSI
WVKQ
;
_entity_poly.pdbx_strand_id   A,B,C,D
#
# COMPACT_ATOMS: atom_id res chain seq x y z
N GLY A 4 31.83 -2.01 18.75
CA GLY A 4 31.41 -1.53 17.39
C GLY A 4 31.45 0.00 17.32
N ASP A 5 32.38 0.53 16.51
CA ASP A 5 32.48 1.95 16.05
C ASP A 5 31.42 2.27 14.97
N ASN A 6 30.99 3.54 14.84
CA ASN A 6 30.05 3.96 13.76
C ASN A 6 30.70 3.66 12.40
N GLY A 7 29.89 3.44 11.38
CA GLY A 7 30.34 3.25 10.00
C GLY A 7 30.02 4.44 9.12
N THR A 8 30.89 4.75 8.16
CA THR A 8 30.78 5.94 7.31
C THR A 8 31.33 5.58 5.94
N MET A 9 30.51 5.71 4.92
CA MET A 9 30.91 5.41 3.52
C MET A 9 31.44 6.71 2.92
N MET A 10 32.23 6.60 1.86
CA MET A 10 32.65 7.74 1.00
C MET A 10 32.57 7.28 -0.45
N GLN A 11 31.78 8.00 -1.26
CA GLN A 11 31.82 7.91 -2.74
C GLN A 11 33.13 8.54 -3.19
N TYR A 12 34.09 7.75 -3.64
CA TYR A 12 35.47 8.22 -3.95
C TYR A 12 35.58 8.54 -5.44
N PHE A 13 34.67 9.35 -5.93
CA PHE A 13 34.76 9.96 -7.28
C PHE A 13 33.72 11.06 -7.42
N GLU A 14 33.85 11.82 -8.49
CA GLU A 14 32.80 12.73 -9.02
C GLU A 14 32.91 12.67 -10.53
N TRP A 15 31.93 13.25 -11.20
CA TRP A 15 31.75 13.13 -12.66
C TRP A 15 32.93 13.75 -13.43
N TYR A 16 33.40 14.90 -12.97
CA TYR A 16 34.28 15.81 -13.74
C TYR A 16 35.73 15.61 -13.31
N LEU A 17 36.09 14.50 -12.68
CA LEU A 17 37.54 14.21 -12.44
C LEU A 17 38.25 14.29 -13.78
N PRO A 18 39.52 14.73 -13.79
CA PRO A 18 40.30 14.77 -15.03
C PRO A 18 40.62 13.34 -15.48
N ASN A 19 40.68 13.12 -16.79
CA ASN A 19 40.99 11.80 -17.40
C ASN A 19 42.50 11.62 -17.40
N ASP A 20 43.12 11.35 -16.25
CA ASP A 20 44.60 11.30 -16.13
C ASP A 20 45.05 9.95 -15.56
N GLY A 21 44.15 8.98 -15.40
CA GLY A 21 44.52 7.65 -14.92
C GLY A 21 45.20 7.64 -13.56
N THR A 22 44.76 8.49 -12.63
CA THR A 22 45.42 8.63 -11.29
C THR A 22 44.51 8.32 -10.09
N LEU A 23 43.20 8.12 -10.30
CA LEU A 23 42.29 7.99 -9.13
C LEU A 23 42.68 6.79 -8.27
N TRP A 24 43.04 5.64 -8.85
CA TRP A 24 43.40 4.44 -8.06
C TRP A 24 44.63 4.76 -7.21
N THR A 25 45.70 5.26 -7.84
CA THR A 25 46.92 5.76 -7.16
C THR A 25 46.50 6.57 -5.94
N LYS A 26 45.70 7.63 -6.16
CA LYS A 26 45.29 8.62 -5.12
C LYS A 26 44.54 7.90 -3.98
N MET A 27 43.54 7.08 -4.33
CA MET A 27 42.71 6.30 -3.36
C MET A 27 43.63 5.51 -2.42
N GLY A 28 44.61 4.82 -2.99
CA GLY A 28 45.68 4.11 -2.27
C GLY A 28 46.34 5.04 -1.27
N SER A 29 46.88 6.17 -1.72
CA SER A 29 47.56 7.17 -0.83
C SER A 29 46.62 7.64 0.28
N ASP A 30 45.37 7.90 -0.07
CA ASP A 30 44.39 8.48 0.88
C ASP A 30 43.95 7.51 2.00
N ALA A 31 44.20 6.21 1.86
CA ALA A 31 43.77 5.16 2.79
C ALA A 31 43.93 5.62 4.24
N SER A 32 45.15 5.93 4.67
CA SER A 32 45.40 6.15 6.12
C SER A 32 44.76 7.47 6.58
N HIS A 33 44.69 8.49 5.69
CA HIS A 33 43.94 9.75 5.94
C HIS A 33 42.44 9.45 6.15
N LEU A 34 41.83 8.71 5.21
CA LEU A 34 40.41 8.30 5.29
C LEU A 34 40.24 7.58 6.64
N LYS A 35 41.19 6.72 7.05
CA LYS A 35 40.97 6.01 8.33
C LYS A 35 40.91 7.01 9.47
N SER A 36 41.79 8.02 9.49
CA SER A 36 41.86 8.99 10.61
C SER A 36 40.58 9.85 10.74
N ILE A 37 39.80 10.06 9.67
CA ILE A 37 38.58 10.91 9.71
C ILE A 37 37.32 10.04 9.88
N GLY A 38 37.45 8.71 9.86
CA GLY A 38 36.39 7.78 10.29
C GLY A 38 35.69 7.12 9.13
N ILE A 39 36.33 7.07 7.95
CA ILE A 39 35.76 6.34 6.78
C ILE A 39 36.01 4.84 6.99
N THR A 40 34.95 4.05 7.00
CA THR A 40 35.00 2.59 7.24
C THR A 40 34.80 1.84 5.93
N GLY A 41 34.27 2.54 4.91
CA GLY A 41 33.97 1.92 3.60
C GLY A 41 34.03 2.93 2.47
N VAL A 42 34.51 2.49 1.31
CA VAL A 42 34.73 3.34 0.11
C VAL A 42 34.00 2.74 -1.08
N TRP A 43 33.12 3.51 -1.68
CA TRP A 43 32.46 3.13 -2.95
C TRP A 43 33.31 3.73 -4.09
N PHE A 44 33.89 2.89 -4.94
CA PHE A 44 34.77 3.31 -6.05
C PHE A 44 34.01 3.11 -7.36
N PRO A 45 34.30 3.91 -8.41
CA PRO A 45 33.45 3.91 -9.61
C PRO A 45 33.66 2.72 -10.53
N PRO A 46 32.83 2.58 -11.57
CA PRO A 46 33.00 1.46 -12.50
C PRO A 46 34.46 1.35 -12.95
N ALA A 47 35.09 0.23 -12.59
CA ALA A 47 36.55 -0.02 -12.71
C ALA A 47 36.89 -0.73 -14.03
N TYR A 48 35.86 -1.08 -14.82
CA TYR A 48 36.01 -1.86 -16.08
C TYR A 48 35.89 -0.90 -17.28
N LYS A 49 36.28 -1.40 -18.44
CA LYS A 49 36.53 -0.60 -19.66
C LYS A 49 35.20 -0.09 -20.22
N GLY A 50 35.09 1.22 -20.38
CA GLY A 50 33.93 1.85 -21.00
C GLY A 50 34.19 2.05 -22.48
N GLN A 51 33.30 2.77 -23.17
CA GLN A 51 33.32 2.93 -24.64
C GLN A 51 34.49 3.80 -25.10
N SER A 52 35.13 4.55 -24.20
CA SER A 52 36.32 5.41 -24.42
C SER A 52 37.15 5.43 -23.14
N GLN A 53 38.36 5.95 -23.23
CA GLN A 53 39.27 6.02 -22.07
C GLN A 53 38.65 6.97 -21.05
N SER A 54 37.92 7.98 -21.54
CA SER A 54 37.46 9.11 -20.70
C SER A 54 36.09 8.79 -20.10
N ASP A 55 35.48 7.65 -20.43
CA ASP A 55 34.14 7.29 -19.91
C ASP A 55 34.22 7.29 -18.37
N VAL A 56 33.21 7.88 -17.73
CA VAL A 56 33.09 7.93 -16.24
C VAL A 56 32.91 6.51 -15.72
N GLY A 57 32.34 5.61 -16.55
CA GLY A 57 32.24 4.16 -16.23
C GLY A 57 30.89 3.55 -16.59
N TYR A 58 29.85 4.36 -16.74
CA TYR A 58 28.46 3.87 -16.92
C TYR A 58 28.26 3.52 -18.40
N GLY A 59 29.17 3.88 -19.30
CA GLY A 59 29.11 3.46 -20.71
C GLY A 59 29.87 2.17 -20.90
N VAL A 60 29.40 1.12 -20.23
CA VAL A 60 30.09 -0.19 -20.06
C VAL A 60 30.35 -0.85 -21.41
N TYR A 61 31.62 -1.20 -21.66
CA TYR A 61 32.04 -2.00 -22.83
C TYR A 61 32.30 -3.44 -22.39
N ASP A 62 33.35 -3.65 -21.59
CA ASP A 62 33.87 -5.00 -21.24
C ASP A 62 34.11 -5.10 -19.73
N MET A 63 33.31 -5.89 -19.03
CA MET A 63 33.38 -5.92 -17.55
C MET A 63 34.53 -6.81 -17.08
N TYR A 64 35.25 -7.48 -18.00
CA TYR A 64 36.40 -8.37 -17.68
C TYR A 64 37.72 -7.61 -17.87
N ASP A 65 37.66 -6.39 -18.42
CA ASP A 65 38.82 -5.50 -18.65
C ASP A 65 38.88 -4.43 -17.54
N LEU A 66 39.64 -4.68 -16.48
CA LEU A 66 39.80 -3.69 -15.37
C LEU A 66 40.96 -2.73 -15.67
N GLY A 67 41.12 -2.28 -16.92
CA GLY A 67 42.28 -1.48 -17.35
C GLY A 67 43.53 -2.35 -17.39
N GLU A 68 43.40 -3.47 -18.09
CA GLU A 68 44.43 -4.53 -18.21
C GLU A 68 44.76 -4.74 -19.70
N PHE A 69 43.76 -4.67 -20.56
CA PHE A 69 43.82 -5.01 -21.99
C PHE A 69 43.75 -3.73 -22.82
N ASN A 70 44.34 -3.73 -24.01
CA ASN A 70 44.25 -2.59 -24.94
C ASN A 70 42.97 -2.70 -25.77
N GLN A 71 41.92 -2.00 -25.37
CA GLN A 71 40.65 -1.90 -26.14
C GLN A 71 40.14 -0.46 -26.04
N LYS A 72 39.36 -0.03 -27.02
CA LYS A 72 38.82 1.34 -27.09
C LYS A 72 39.96 2.35 -27.01
N GLY A 73 41.15 1.94 -27.48
CA GLY A 73 42.32 2.80 -27.71
C GLY A 73 43.11 3.08 -26.45
N THR A 74 42.94 2.30 -25.39
CA THR A 74 43.64 2.52 -24.10
C THR A 74 43.79 1.18 -23.38
N VAL A 75 44.82 1.06 -22.55
CA VAL A 75 44.90 -0.04 -21.55
C VAL A 75 44.11 0.42 -20.33
N ARG A 76 44.51 1.54 -19.70
CA ARG A 76 43.87 2.02 -18.45
C ARG A 76 42.43 2.50 -18.73
N THR A 77 41.57 2.40 -17.73
CA THR A 77 40.26 3.08 -17.63
C THR A 77 40.53 4.56 -17.37
N LYS A 78 39.49 5.39 -17.27
CA LYS A 78 39.69 6.79 -16.81
C LYS A 78 40.51 6.80 -15.50
N TYR A 79 40.41 5.75 -14.70
CA TYR A 79 40.78 5.77 -13.26
C TYR A 79 42.16 5.16 -13.03
N GLY A 80 42.69 4.39 -13.99
CA GLY A 80 43.99 3.70 -13.86
C GLY A 80 43.96 2.26 -14.35
N THR A 81 44.92 1.45 -13.86
CA THR A 81 45.18 0.07 -14.29
C THR A 81 44.74 -0.92 -13.22
N LYS A 82 44.41 -2.15 -13.63
CA LYS A 82 44.03 -3.23 -12.70
C LYS A 82 45.06 -3.30 -11.57
N ALA A 83 46.35 -3.22 -11.93
CA ALA A 83 47.50 -3.25 -10.99
C ALA A 83 47.26 -2.14 -9.94
N GLN A 84 46.96 -0.92 -10.42
CA GLN A 84 46.86 0.31 -9.57
C GLN A 84 45.65 0.14 -8.61
N LEU A 85 44.51 -0.33 -9.14
CA LEU A 85 43.29 -0.66 -8.34
C LEU A 85 43.52 -1.71 -7.26
N GLN A 86 44.19 -2.81 -7.60
CA GLN A 86 44.54 -3.87 -6.61
C GLN A 86 45.45 -3.29 -5.51
N SER A 87 46.41 -2.39 -5.79
CA SER A 87 47.30 -1.84 -4.72
C SER A 87 46.45 -0.98 -3.78
N ALA A 88 45.52 -0.24 -4.38
CA ALA A 88 44.62 0.70 -3.67
C ALA A 88 43.73 -0.10 -2.73
N ILE A 89 43.17 -1.21 -3.22
CA ILE A 89 42.24 -2.01 -2.40
C ILE A 89 43.04 -2.62 -1.24
N THR A 90 44.27 -3.08 -1.50
CA THR A 90 45.16 -3.65 -0.46
C THR A 90 45.38 -2.59 0.62
N SER A 91 45.69 -1.38 0.18
CA SER A 91 45.97 -0.24 1.08
C SER A 91 44.71 0.08 1.92
N LEU A 92 43.52 0.12 1.30
CA LEU A 92 42.26 0.35 2.03
C LEU A 92 42.15 -0.74 3.10
N HIS A 93 42.30 -2.00 2.69
CA HIS A 93 42.22 -3.18 3.61
C HIS A 93 43.25 -3.04 4.73
N ASN A 94 44.51 -2.70 4.44
CA ASN A 94 45.55 -2.48 5.49
C ASN A 94 45.09 -1.39 6.47
N ASN A 95 44.24 -0.44 6.08
CA ASN A 95 43.75 0.59 7.05
C ASN A 95 42.36 0.23 7.58
N GLY A 96 41.93 -1.01 7.39
CA GLY A 96 40.64 -1.52 7.89
C GLY A 96 39.47 -0.79 7.24
N ILE A 97 39.54 -0.54 5.94
CA ILE A 97 38.44 0.13 5.17
C ILE A 97 37.94 -0.88 4.13
N GLN A 98 36.62 -0.93 3.98
CA GLN A 98 35.92 -1.86 3.08
C GLN A 98 35.90 -1.25 1.69
N ALA A 99 35.88 -2.10 0.66
CA ALA A 99 35.90 -1.67 -0.76
C ALA A 99 34.61 -2.18 -1.42
N TYR A 100 33.83 -1.24 -1.93
CA TYR A 100 32.55 -1.52 -2.61
C TYR A 100 32.74 -1.12 -4.07
N GLY A 101 32.59 -2.05 -5.01
CA GLY A 101 32.76 -1.80 -6.45
C GLY A 101 31.45 -1.41 -7.11
N ASP A 102 31.48 -0.46 -8.00
CA ASP A 102 30.29 -0.03 -8.76
C ASP A 102 30.03 -1.13 -9.81
N VAL A 103 28.81 -1.62 -9.84
CA VAL A 103 28.39 -2.75 -10.72
C VAL A 103 27.27 -2.24 -11.62
N VAL A 104 27.53 -2.23 -12.93
CA VAL A 104 26.64 -1.66 -13.98
C VAL A 104 26.18 -2.79 -14.90
N LEU A 105 24.94 -3.26 -14.71
CA LEU A 105 24.43 -4.50 -15.35
C LEU A 105 23.31 -4.17 -16.31
N ASN A 106 22.80 -2.94 -16.33
CA ASN A 106 21.58 -2.60 -17.13
C ASN A 106 21.84 -2.86 -18.61
N HIS A 107 23.01 -2.48 -19.13
CA HIS A 107 23.26 -2.29 -20.59
C HIS A 107 24.73 -2.51 -20.96
N ARG A 108 25.02 -2.38 -22.25
CA ARG A 108 26.38 -2.24 -22.83
C ARG A 108 26.35 -1.16 -23.92
N MET A 109 27.49 -0.54 -24.20
CA MET A 109 27.69 0.41 -25.31
C MET A 109 29.09 0.24 -25.88
N GLY A 110 29.34 0.84 -27.05
CA GLY A 110 30.59 0.74 -27.81
C GLY A 110 30.74 -0.68 -28.34
N ALA A 111 29.65 -1.26 -28.84
CA ALA A 111 29.72 -2.56 -29.54
C ALA A 111 30.81 -2.45 -30.61
N ASP A 112 31.57 -3.53 -30.85
CA ASP A 112 32.64 -3.61 -31.88
C ASP A 112 32.07 -3.52 -33.30
N ALA A 113 30.87 -4.03 -33.55
CA ALA A 113 30.22 -3.87 -34.86
C ALA A 113 28.69 -3.98 -34.77
N THR A 114 28.03 -3.53 -35.83
CA THR A 114 26.57 -3.61 -36.02
C THR A 114 26.20 -5.03 -36.47
N GLU A 115 24.96 -5.42 -36.18
CA GLU A 115 24.30 -6.64 -36.69
C GLU A 115 22.99 -6.18 -37.33
N THR A 116 22.62 -6.69 -38.50
CA THR A 116 21.27 -6.43 -39.09
C THR A 116 20.27 -7.31 -38.34
N ILE A 117 19.17 -6.75 -37.85
CA ILE A 117 18.15 -7.50 -37.06
C ILE A 117 16.78 -6.85 -37.27
N SER A 118 15.74 -7.65 -37.06
CA SER A 118 14.35 -7.19 -37.16
C SER A 118 14.00 -6.59 -35.80
N ALA A 119 13.42 -5.38 -35.80
CA ALA A 119 12.93 -4.70 -34.59
C ALA A 119 11.72 -3.82 -34.94
N VAL A 120 10.91 -3.54 -33.92
CA VAL A 120 9.75 -2.61 -33.95
C VAL A 120 10.09 -1.37 -33.12
N GLU A 121 9.53 -0.21 -33.48
CA GLU A 121 9.58 1.00 -32.62
C GLU A 121 8.51 0.91 -31.53
N VAL A 122 8.86 1.26 -30.30
CA VAL A 122 7.89 1.42 -29.18
C VAL A 122 7.84 2.91 -28.79
N ASN A 123 6.79 3.29 -28.08
CA ASN A 123 6.49 4.68 -27.64
C ASN A 123 7.34 4.96 -26.40
N PRO A 124 8.22 5.99 -26.43
CA PRO A 124 9.04 6.30 -25.27
C PRO A 124 8.27 6.60 -23.98
N SER A 125 7.02 7.08 -24.08
CA SER A 125 6.11 7.31 -22.90
C SER A 125 5.45 5.99 -22.48
N ASN A 126 5.41 4.98 -23.35
CA ASN A 126 4.77 3.67 -23.04
C ASN A 126 5.43 2.59 -23.89
N ARG A 127 6.44 1.92 -23.33
CA ARG A 127 7.31 0.99 -24.09
C ARG A 127 6.51 -0.29 -24.39
N ASN A 128 5.38 -0.49 -23.71
CA ASN A 128 4.47 -1.64 -23.90
C ASN A 128 3.73 -1.47 -25.26
N GLN A 129 3.49 -0.22 -25.68
CA GLN A 129 2.78 0.11 -26.96
C GLN A 129 3.78 0.14 -28.13
N VAL A 130 3.57 -0.76 -29.09
CA VAL A 130 4.34 -0.82 -30.36
C VAL A 130 3.84 0.28 -31.31
N THR A 131 4.71 0.94 -32.09
CA THR A 131 4.34 2.11 -32.95
C THR A 131 4.87 1.95 -34.38
N SER A 132 5.36 0.77 -34.77
CA SER A 132 5.65 0.47 -36.20
C SER A 132 5.64 -1.04 -36.45
N GLY A 133 5.55 -1.42 -37.72
CA GLY A 133 5.73 -2.82 -38.16
C GLY A 133 7.19 -3.18 -38.01
N ALA A 134 7.49 -4.49 -37.99
CA ALA A 134 8.86 -5.04 -37.97
C ALA A 134 9.63 -4.49 -39.17
N TYR A 135 10.94 -4.33 -39.06
CA TYR A 135 11.84 -4.00 -40.19
C TYR A 135 13.30 -4.09 -39.73
N ASN A 136 14.17 -4.05 -40.71
CA ASN A 136 15.62 -4.27 -40.53
C ASN A 136 16.26 -2.96 -40.07
N ILE A 137 17.00 -3.02 -38.95
CA ILE A 137 17.89 -1.94 -38.45
C ILE A 137 19.31 -2.49 -38.35
N SER A 138 20.29 -1.58 -38.36
CA SER A 138 21.72 -1.87 -38.06
C SER A 138 21.99 -1.47 -36.61
N ALA A 139 22.01 -2.45 -35.69
CA ALA A 139 22.03 -2.24 -34.23
C ALA A 139 23.43 -2.55 -33.68
N TRP A 140 23.89 -1.75 -32.73
CA TRP A 140 25.24 -1.93 -32.14
C TRP A 140 25.18 -3.00 -31.04
N THR A 141 25.20 -4.28 -31.43
CA THR A 141 24.95 -5.43 -30.52
C THR A 141 26.09 -6.48 -30.54
N ASP A 142 27.15 -6.28 -31.33
CA ASP A 142 28.26 -7.25 -31.48
C ASP A 142 29.45 -6.87 -30.59
N PHE A 143 29.63 -7.57 -29.47
CA PHE A 143 30.75 -7.38 -28.52
C PHE A 143 31.71 -8.58 -28.62
N GLU A 144 32.87 -8.38 -29.24
CA GLU A 144 33.85 -9.46 -29.57
C GLU A 144 35.03 -9.42 -28.57
N PHE A 145 35.31 -8.27 -27.97
CA PHE A 145 36.40 -8.08 -26.98
C PHE A 145 37.76 -8.47 -27.56
N PRO A 146 38.16 -7.84 -28.69
CA PRO A 146 39.41 -8.19 -29.39
C PRO A 146 40.71 -8.06 -28.61
N GLY A 147 40.84 -7.15 -27.67
CA GLY A 147 42.13 -6.97 -26.96
C GLY A 147 42.28 -7.98 -25.83
N ARG A 148 41.17 -8.57 -25.38
CA ARG A 148 41.20 -9.53 -24.25
C ARG A 148 41.23 -10.97 -24.80
N GLY A 149 40.67 -11.15 -26.00
CA GLY A 149 40.22 -12.45 -26.52
C GLY A 149 39.40 -13.20 -25.48
N ASN A 150 39.88 -14.37 -25.08
CA ASN A 150 39.07 -15.33 -24.30
C ASN A 150 39.60 -15.41 -22.87
N THR A 151 40.58 -14.57 -22.49
CA THR A 151 41.09 -14.51 -21.11
C THR A 151 39.94 -14.19 -20.15
N TYR A 152 39.81 -14.99 -19.08
CA TYR A 152 38.75 -14.93 -18.04
C TYR A 152 37.37 -15.38 -18.56
N SER A 153 36.97 -15.08 -19.79
CA SER A 153 35.64 -15.46 -20.34
C SER A 153 35.64 -15.33 -21.86
N SER A 154 35.12 -16.36 -22.51
CA SER A 154 34.96 -16.44 -23.98
C SER A 154 33.54 -16.03 -24.37
N PHE A 155 32.77 -15.46 -23.43
CA PHE A 155 31.40 -15.03 -23.69
C PHE A 155 31.45 -13.79 -24.59
N LYS A 156 30.72 -13.85 -25.71
CA LYS A 156 30.56 -12.76 -26.71
C LYS A 156 29.08 -12.39 -26.73
N TRP A 157 28.78 -11.09 -26.80
CA TRP A 157 27.38 -10.59 -26.82
C TRP A 157 26.95 -10.37 -28.26
N HIS A 158 25.73 -10.77 -28.59
CA HIS A 158 25.08 -10.54 -29.90
C HIS A 158 23.62 -10.12 -29.66
N SER A 159 22.94 -9.67 -30.72
CA SER A 159 21.56 -9.09 -30.71
C SER A 159 20.62 -9.90 -29.82
N TYR A 160 20.73 -11.23 -29.87
CA TYR A 160 19.81 -12.16 -29.17
C TYR A 160 20.08 -12.14 -27.65
N TYR A 161 20.98 -11.31 -27.13
CA TYR A 161 21.17 -11.18 -25.66
C TYR A 161 20.62 -9.83 -25.15
N PHE A 162 20.07 -9.00 -26.04
CA PHE A 162 19.52 -7.65 -25.74
C PHE A 162 18.03 -7.57 -26.08
N ASP A 163 17.26 -6.88 -25.24
CA ASP A 163 15.81 -6.61 -25.43
C ASP A 163 15.57 -5.43 -26.37
N GLY A 164 16.56 -4.56 -26.62
CA GLY A 164 16.31 -3.27 -27.33
C GLY A 164 17.54 -2.38 -27.47
N VAL A 165 17.46 -1.38 -28.36
CA VAL A 165 18.50 -0.34 -28.59
C VAL A 165 17.82 1.01 -28.87
N ASP A 166 18.60 2.10 -28.95
CA ASP A 166 18.08 3.48 -29.21
C ASP A 166 18.69 4.01 -30.51
N TRP A 167 19.38 3.17 -31.29
CA TRP A 167 20.07 3.65 -32.51
C TRP A 167 20.04 2.59 -33.59
N ASP A 168 19.55 3.03 -34.76
CA ASP A 168 19.64 2.35 -36.08
C ASP A 168 20.76 3.00 -36.91
N GLN A 169 21.93 2.34 -37.03
CA GLN A 169 23.13 2.96 -37.68
C GLN A 169 22.81 3.26 -39.15
N SER A 170 21.96 2.44 -39.76
CA SER A 170 21.59 2.56 -41.20
C SER A 170 20.80 3.85 -41.42
N ARG A 171 19.85 4.23 -40.56
CA ARG A 171 18.95 5.39 -40.78
C ARG A 171 19.30 6.61 -39.91
N GLN A 172 19.90 6.40 -38.74
CA GLN A 172 20.46 7.45 -37.83
C GLN A 172 19.40 8.45 -37.35
N LEU A 173 18.43 8.03 -36.55
CA LEU A 173 17.27 8.85 -36.12
C LEU A 173 17.24 8.98 -34.60
N SER A 174 16.95 10.18 -34.09
CA SER A 174 16.77 10.45 -32.63
C SER A 174 15.35 10.11 -32.17
N GLY A 175 15.14 10.02 -30.86
CA GLY A 175 13.83 9.95 -30.19
C GLY A 175 13.25 8.55 -30.22
N LYS A 176 13.97 7.56 -30.78
CA LYS A 176 13.41 6.21 -30.99
C LYS A 176 13.94 5.25 -29.92
N ILE A 177 13.10 4.30 -29.56
CA ILE A 177 13.48 3.07 -28.82
C ILE A 177 13.02 1.89 -29.70
N TYR A 178 13.97 1.07 -30.12
CA TYR A 178 13.73 -0.16 -30.92
C TYR A 178 13.66 -1.36 -29.95
N GLN A 179 12.58 -2.15 -30.02
CA GLN A 179 12.51 -3.51 -29.39
C GLN A 179 12.93 -4.58 -30.41
N ILE A 180 13.95 -5.38 -30.09
CA ILE A 180 14.41 -6.52 -30.94
C ILE A 180 13.22 -7.46 -31.15
N GLN A 181 12.97 -7.91 -32.39
CA GLN A 181 11.84 -8.80 -32.76
C GLN A 181 11.86 -10.05 -31.85
N GLY A 182 10.70 -10.37 -31.26
CA GLY A 182 10.46 -11.60 -30.46
C GLY A 182 11.04 -11.51 -29.06
N LYS A 183 11.17 -10.29 -28.54
CA LYS A 183 11.70 -10.02 -27.17
C LYS A 183 10.65 -9.26 -26.39
N ALA A 184 10.66 -9.39 -25.07
CA ALA A 184 9.72 -8.70 -24.17
C ALA A 184 10.55 -7.90 -23.18
N TRP A 185 10.21 -6.63 -22.98
CA TRP A 185 10.77 -5.85 -21.86
C TRP A 185 10.69 -6.72 -20.60
N ASP A 186 11.78 -6.82 -19.84
CA ASP A 186 11.85 -7.68 -18.64
C ASP A 186 10.83 -7.15 -17.61
N TRP A 187 10.56 -7.97 -16.59
CA TRP A 187 9.59 -7.65 -15.50
C TRP A 187 9.90 -8.55 -14.31
N GLU A 188 10.10 -7.95 -13.13
CA GLU A 188 9.45 -6.68 -12.77
C GLU A 188 10.47 -5.53 -12.80
N VAL A 189 10.06 -4.40 -13.40
CA VAL A 189 10.88 -3.16 -13.41
C VAL A 189 10.00 -1.99 -12.95
N ASP A 190 10.59 -0.79 -12.84
CA ASP A 190 9.86 0.47 -12.52
C ASP A 190 8.86 0.67 -13.65
N SER A 191 7.69 1.20 -13.31
CA SER A 191 6.54 1.22 -14.24
C SER A 191 6.34 2.61 -14.86
N GLU A 192 7.25 3.56 -14.62
CA GLU A 192 7.27 4.86 -15.34
C GLU A 192 7.55 4.53 -16.80
N ASN A 193 6.86 5.21 -17.72
CA ASN A 193 6.89 4.92 -19.19
C ASN A 193 6.30 3.52 -19.46
N GLY A 194 5.43 3.03 -18.56
CA GLY A 194 4.75 1.73 -18.67
C GLY A 194 5.66 0.60 -18.23
N ASN A 195 6.87 0.57 -18.82
CA ASN A 195 7.96 -0.36 -18.51
C ASN A 195 9.28 0.38 -18.72
N TYR A 196 10.06 0.61 -17.65
CA TYR A 196 11.34 1.37 -17.67
C TYR A 196 12.53 0.40 -17.73
N ASP A 197 12.38 -0.78 -18.34
CA ASP A 197 13.51 -1.71 -18.56
C ASP A 197 14.55 -1.01 -19.43
N TYR A 198 14.10 -0.38 -20.52
CA TYR A 198 15.00 0.31 -21.45
C TYR A 198 15.32 1.70 -20.90
N LEU A 199 16.61 2.00 -20.76
CA LEU A 199 17.11 3.34 -20.36
C LEU A 199 18.00 3.90 -21.48
N MET A 200 19.10 3.22 -21.77
CA MET A 200 20.09 3.65 -22.79
C MET A 200 20.89 2.44 -23.25
N GLY A 201 21.69 2.65 -24.30
CA GLY A 201 22.63 1.67 -24.88
C GLY A 201 21.89 0.45 -25.42
N ALA A 202 22.54 -0.72 -25.41
CA ALA A 202 21.96 -2.04 -25.72
C ALA A 202 21.44 -2.65 -24.41
N ASP A 203 20.11 -2.78 -24.24
CA ASP A 203 19.51 -3.19 -22.95
C ASP A 203 19.59 -4.71 -22.82
N ILE A 204 20.40 -5.20 -21.90
CA ILE A 204 20.57 -6.66 -21.63
C ILE A 204 19.19 -7.29 -21.32
N ASP A 205 18.87 -8.40 -22.00
CA ASP A 205 17.64 -9.24 -21.80
C ASP A 205 17.92 -10.22 -20.67
N TYR A 206 17.39 -9.95 -19.47
CA TYR A 206 17.58 -10.79 -18.26
C TYR A 206 16.54 -11.91 -18.23
N ASP A 207 15.84 -12.13 -19.36
CA ASP A 207 15.00 -13.33 -19.61
C ASP A 207 15.88 -14.45 -20.17
N HIS A 208 16.76 -14.15 -21.10
CA HIS A 208 17.63 -15.15 -21.76
C HIS A 208 18.54 -15.83 -20.73
N PRO A 209 18.49 -17.17 -20.54
CA PRO A 209 19.15 -17.82 -19.41
C PRO A 209 20.66 -18.03 -19.61
N ASP A 210 21.16 -17.86 -20.84
CA ASP A 210 22.63 -17.84 -21.09
C ASP A 210 23.23 -16.60 -20.42
N VAL A 211 22.54 -15.46 -20.58
CA VAL A 211 22.85 -14.14 -19.96
C VAL A 211 22.81 -14.29 -18.43
N GLN A 212 21.73 -14.84 -17.88
CA GLN A 212 21.54 -14.95 -16.41
C GLN A 212 22.74 -15.65 -15.78
N THR A 213 23.23 -16.75 -16.37
CA THR A 213 24.30 -17.52 -15.68
C THR A 213 25.65 -16.89 -16.02
N GLU A 214 25.82 -16.22 -17.17
CA GLU A 214 27.10 -15.53 -17.50
C GLU A 214 27.31 -14.36 -16.54
N VAL A 215 26.26 -13.55 -16.34
CA VAL A 215 26.33 -12.31 -15.49
C VAL A 215 26.56 -12.71 -14.02
N LYS A 216 26.08 -13.88 -13.57
CA LYS A 216 26.38 -14.36 -12.20
C LYS A 216 27.83 -14.85 -12.09
N ASN A 217 28.44 -15.29 -13.19
CA ASN A 217 29.87 -15.70 -13.23
C ASN A 217 30.70 -14.43 -13.17
N TRP A 218 30.33 -13.44 -14.00
CA TRP A 218 31.02 -12.14 -14.02
C TRP A 218 31.06 -11.65 -12.56
N GLY A 219 29.91 -11.65 -11.89
CA GLY A 219 29.77 -11.26 -10.47
C GLY A 219 30.79 -11.96 -9.59
N LYS A 220 30.89 -13.29 -9.69
CA LYS A 220 31.85 -14.10 -8.88
C LYS A 220 33.28 -13.63 -9.18
N TRP A 221 33.60 -13.46 -10.46
CA TRP A 221 34.96 -13.16 -10.95
C TRP A 221 35.38 -11.79 -10.39
N PHE A 222 34.49 -10.82 -10.52
CA PHE A 222 34.69 -9.40 -10.10
C PHE A 222 34.97 -9.39 -8.60
N VAL A 223 34.05 -9.95 -7.81
CA VAL A 223 34.17 -9.90 -6.33
C VAL A 223 35.43 -10.65 -5.92
N ASN A 224 35.75 -11.79 -6.56
CA ASN A 224 36.96 -12.60 -6.18
C ASN A 224 38.24 -11.86 -6.60
N THR A 225 38.34 -11.44 -7.87
CA THR A 225 39.54 -10.80 -8.47
C THR A 225 39.96 -9.57 -7.64
N LEU A 226 39.02 -8.73 -7.18
CA LEU A 226 39.39 -7.47 -6.45
C LEU A 226 39.22 -7.64 -4.94
N ASN A 227 38.68 -8.78 -4.51
CA ASN A 227 38.53 -9.15 -3.08
C ASN A 227 37.60 -8.12 -2.41
N LEU A 228 36.44 -7.86 -3.01
CA LEU A 228 35.52 -6.78 -2.61
C LEU A 228 34.78 -7.21 -1.34
N ASP A 229 34.42 -6.22 -0.52
CA ASP A 229 33.59 -6.41 0.70
C ASP A 229 32.14 -6.09 0.35
N GLY A 230 31.86 -5.55 -0.83
CA GLY A 230 30.51 -5.09 -1.19
C GLY A 230 30.40 -4.64 -2.63
N VAL A 231 29.18 -4.31 -3.04
CA VAL A 231 28.88 -3.79 -4.40
C VAL A 231 27.90 -2.61 -4.29
N ARG A 232 28.00 -1.68 -5.24
CA ARG A 232 27.03 -0.60 -5.44
C ARG A 232 26.40 -0.88 -6.80
N LEU A 233 25.06 -1.01 -6.84
CA LEU A 233 24.34 -1.56 -8.00
C LEU A 233 23.68 -0.42 -8.76
N ASP A 234 24.21 -0.11 -9.96
CA ASP A 234 23.71 0.97 -10.84
C ASP A 234 22.32 0.58 -11.34
N ALA A 235 21.39 1.52 -11.29
CA ALA A 235 20.20 1.56 -12.17
C ALA A 235 19.26 0.39 -11.87
N VAL A 236 19.12 -0.01 -10.60
CA VAL A 236 18.41 -1.28 -10.26
C VAL A 236 16.94 -1.18 -10.70
N LYS A 237 16.40 0.03 -10.81
CA LYS A 237 14.98 0.23 -11.20
C LYS A 237 14.78 -0.23 -12.65
N HIS A 238 15.83 -0.30 -13.46
CA HIS A 238 15.77 -0.65 -14.91
C HIS A 238 16.19 -2.11 -15.15
N ILE A 239 16.35 -2.89 -14.07
CA ILE A 239 16.87 -4.29 -14.12
C ILE A 239 15.92 -5.21 -13.37
N LYS A 240 15.43 -6.27 -14.06
CA LYS A 240 14.52 -7.34 -13.55
C LYS A 240 14.82 -7.65 -12.07
N PHE A 241 13.90 -7.28 -11.18
CA PHE A 241 14.13 -7.37 -9.71
C PHE A 241 14.41 -8.81 -9.26
N ASP A 242 13.67 -9.79 -9.76
CA ASP A 242 13.91 -11.19 -9.31
C ASP A 242 15.34 -11.61 -9.70
N TYR A 243 15.78 -11.27 -10.91
CA TYR A 243 17.16 -11.66 -11.31
C TYR A 243 18.19 -10.96 -10.43
N MET A 244 18.00 -9.68 -10.13
CA MET A 244 18.97 -8.93 -9.29
C MET A 244 19.01 -9.57 -7.91
N SER A 245 17.86 -9.96 -7.37
CA SER A 245 17.78 -10.60 -6.03
C SER A 245 18.57 -11.91 -6.05
N SER A 246 18.45 -12.70 -7.13
CA SER A 246 19.16 -13.99 -7.24
C SER A 246 20.62 -13.76 -7.63
N TRP A 247 20.87 -12.74 -8.46
CA TRP A 247 22.26 -12.39 -8.87
C TRP A 247 23.07 -12.20 -7.59
N LEU A 248 22.49 -11.51 -6.60
CA LEU A 248 23.21 -11.10 -5.38
C LEU A 248 23.42 -12.33 -4.49
N SER A 249 22.40 -13.18 -4.28
CA SER A 249 22.57 -14.39 -3.42
C SER A 249 23.47 -15.40 -4.14
N SER A 250 23.45 -15.48 -5.48
CA SER A 250 24.43 -16.31 -6.25
C SER A 250 25.85 -15.85 -5.92
N VAL A 251 26.13 -14.55 -5.98
CA VAL A 251 27.53 -14.05 -5.82
C VAL A 251 27.98 -14.30 -4.38
N LYS A 252 27.09 -14.06 -3.40
CA LYS A 252 27.36 -14.29 -1.96
C LYS A 252 27.75 -15.75 -1.72
N SER A 253 27.01 -16.64 -2.39
CA SER A 253 27.16 -18.11 -2.32
C SER A 253 28.45 -18.53 -3.07
N THR A 254 28.57 -18.22 -4.37
CA THR A 254 29.73 -18.62 -5.21
C THR A 254 31.06 -18.07 -4.66
N THR A 255 31.10 -16.96 -3.95
CA THR A 255 32.37 -16.36 -3.46
C THR A 255 32.60 -16.74 -2.00
N GLY A 256 31.55 -17.13 -1.29
CA GLY A 256 31.63 -17.38 0.16
C GLY A 256 31.61 -16.11 1.00
N LYS A 257 31.68 -14.94 0.36
CA LYS A 257 31.46 -13.63 1.03
C LYS A 257 29.94 -13.54 1.29
N SER A 258 29.44 -14.17 2.34
CA SER A 258 27.98 -14.24 2.61
C SER A 258 27.53 -13.00 3.39
N ASN A 259 28.48 -12.20 3.88
CA ASN A 259 28.24 -10.87 4.51
C ASN A 259 28.50 -9.74 3.51
N LEU A 260 28.67 -10.06 2.23
CA LEU A 260 28.82 -9.06 1.13
C LEU A 260 27.76 -7.98 1.34
N PHE A 261 28.24 -6.73 1.43
CA PHE A 261 27.38 -5.52 1.55
C PHE A 261 26.90 -5.14 0.14
N ALA A 262 25.67 -4.68 0.04
CA ALA A 262 25.12 -4.23 -1.25
C ALA A 262 24.19 -3.03 -1.05
N VAL A 263 24.38 -1.98 -1.84
CA VAL A 263 23.48 -0.81 -1.90
C VAL A 263 23.09 -0.61 -3.37
N GLY A 264 21.80 -0.36 -3.63
CA GLY A 264 21.31 -0.13 -5.01
C GLY A 264 20.87 1.31 -5.20
N GLU A 265 21.05 1.84 -6.42
CA GLU A 265 20.49 3.15 -6.86
C GLU A 265 19.11 2.86 -7.44
N TYR A 266 18.07 2.98 -6.62
CA TYR A 266 16.67 3.06 -7.12
C TYR A 266 16.30 4.54 -7.12
N TRP A 267 16.44 5.19 -8.26
CA TRP A 267 16.21 6.65 -8.33
C TRP A 267 14.71 6.89 -8.42
N ASN A 268 14.08 7.20 -7.29
CA ASN A 268 12.65 7.54 -7.24
C ASN A 268 12.44 8.37 -5.98
N THR A 269 11.67 9.47 -6.09
CA THR A 269 11.44 10.41 -4.97
C THR A 269 10.43 9.83 -3.98
N SER A 270 9.76 8.72 -4.33
CA SER A 270 8.63 8.12 -3.58
C SER A 270 9.10 6.90 -2.79
N LEU A 271 8.93 6.93 -1.47
CA LEU A 271 9.35 5.84 -0.54
C LEU A 271 8.66 4.54 -0.95
N GLY A 272 7.41 4.64 -1.42
CA GLY A 272 6.60 3.50 -1.88
C GLY A 272 7.36 2.64 -2.87
N ALA A 273 7.91 3.26 -3.92
CA ALA A 273 8.64 2.58 -5.02
C ALA A 273 9.85 1.79 -4.47
N LEU A 274 10.48 2.36 -3.45
CA LEU A 274 11.72 1.85 -2.82
C LEU A 274 11.32 0.65 -1.97
N GLU A 275 10.35 0.84 -1.07
CA GLU A 275 9.71 -0.24 -0.27
C GLU A 275 9.33 -1.41 -1.23
N ASN A 276 8.68 -1.10 -2.36
CA ASN A 276 8.33 -2.16 -3.35
C ASN A 276 9.58 -2.97 -3.70
N TYR A 277 10.66 -2.29 -4.10
CA TYR A 277 11.92 -2.94 -4.58
C TYR A 277 12.49 -3.80 -3.45
N GLU A 278 12.49 -3.26 -2.23
CA GLU A 278 13.00 -4.00 -1.05
C GLU A 278 12.19 -5.29 -0.90
N ASN A 279 10.85 -5.19 -0.90
CA ASN A 279 9.92 -6.34 -0.77
C ASN A 279 10.30 -7.37 -1.82
N LYS A 280 10.33 -7.00 -3.11
CA LYS A 280 10.64 -7.93 -4.22
C LYS A 280 12.09 -8.45 -4.22
N THR A 281 12.97 -8.05 -3.29
CA THR A 281 14.39 -8.50 -3.25
C THR A 281 14.75 -8.95 -1.84
N ASN A 282 13.74 -9.30 -1.02
CA ASN A 282 13.85 -9.89 0.34
C ASN A 282 14.69 -9.02 1.27
N TRP A 283 14.61 -7.70 1.11
CA TRP A 283 15.35 -6.76 2.00
C TRP A 283 16.81 -7.20 2.10
N SER A 284 17.35 -7.78 1.02
CA SER A 284 18.71 -8.40 0.99
C SER A 284 19.78 -7.32 0.76
N MET A 285 19.39 -6.12 0.31
CA MET A 285 20.27 -4.97 0.01
C MET A 285 19.69 -3.67 0.59
N SER A 286 20.57 -2.70 0.83
CA SER A 286 20.26 -1.29 1.17
C SER A 286 19.95 -0.49 -0.11
N LEU A 287 19.38 0.72 0.03
CA LEU A 287 19.13 1.67 -1.08
C LEU A 287 19.59 3.08 -0.69
N PHE A 288 19.98 3.86 -1.68
CA PHE A 288 20.31 5.29 -1.48
C PHE A 288 19.01 6.01 -1.08
N ASP A 289 19.05 6.75 0.02
CA ASP A 289 17.88 7.51 0.52
C ASP A 289 17.63 8.74 -0.37
N VAL A 290 17.13 8.50 -1.58
CA VAL A 290 16.84 9.58 -2.56
C VAL A 290 15.82 10.56 -1.97
N PRO A 291 14.72 10.11 -1.32
CA PRO A 291 13.77 11.05 -0.75
C PRO A 291 14.39 12.03 0.25
N LEU A 292 15.37 11.58 1.05
CA LEU A 292 16.05 12.47 2.02
C LEU A 292 16.81 13.55 1.24
N HIS A 293 17.53 13.15 0.21
CA HIS A 293 18.24 14.08 -0.70
C HIS A 293 17.28 15.16 -1.20
N MET A 294 16.07 14.76 -1.62
CA MET A 294 15.07 15.70 -2.20
C MET A 294 14.62 16.69 -1.11
N ASN A 295 14.51 16.19 0.12
CA ASN A 295 14.11 17.02 1.29
C ASN A 295 15.23 18.03 1.58
N PHE A 296 16.48 17.58 1.53
CA PHE A 296 17.65 18.47 1.75
C PHE A 296 17.60 19.59 0.67
N GLN A 297 17.38 19.24 -0.57
CA GLN A 297 17.24 20.26 -1.64
C GLN A 297 16.10 21.23 -1.30
N ALA A 298 14.95 20.74 -0.84
CA ALA A 298 13.78 21.62 -0.67
C ALA A 298 14.11 22.66 0.41
N ALA A 299 14.79 22.21 1.47
CA ALA A 299 15.17 23.03 2.63
C ALA A 299 16.23 24.06 2.18
N ALA A 300 17.19 23.63 1.39
CA ALA A 300 18.25 24.48 0.84
C ALA A 300 17.64 25.59 0.00
N ASN A 301 16.61 25.28 -0.79
CA ASN A 301 15.98 26.27 -1.70
C ASN A 301 14.77 26.94 -1.03
N GLY A 302 14.51 26.69 0.24
CA GLY A 302 13.32 27.22 0.93
C GLY A 302 13.55 28.63 1.46
N GLY A 303 14.80 29.11 1.43
CA GLY A 303 15.16 30.45 1.94
C GLY A 303 14.71 30.69 3.39
N GLY A 304 14.70 29.64 4.19
CA GLY A 304 14.43 29.75 5.65
C GLY A 304 13.01 29.35 5.96
N TYR A 305 12.21 29.18 4.92
CA TYR A 305 10.74 29.00 5.05
C TYR A 305 10.37 27.53 4.93
N TYR A 306 11.28 26.62 4.59
CA TYR A 306 11.04 25.15 4.71
C TYR A 306 10.65 24.86 6.17
N ASP A 307 9.75 23.89 6.34
CA ASP A 307 9.29 23.44 7.68
C ASP A 307 10.19 22.31 8.17
N MET A 308 11.22 22.64 8.95
CA MET A 308 12.32 21.73 9.33
C MET A 308 11.76 20.54 10.12
N ARG A 309 10.51 20.62 10.59
CA ARG A 309 9.88 19.46 11.26
C ARG A 309 9.71 18.31 10.29
N ASN A 310 9.59 18.58 8.98
CA ASN A 310 9.33 17.54 7.97
C ASN A 310 10.61 17.00 7.33
N LEU A 311 11.79 17.41 7.80
CA LEU A 311 13.06 17.10 7.10
C LEU A 311 13.20 15.59 6.83
N LEU A 312 12.75 14.73 7.75
CA LEU A 312 12.98 13.26 7.67
C LEU A 312 11.74 12.51 7.14
N ASN A 313 10.62 13.18 6.94
CA ASN A 313 9.36 12.51 6.49
C ASN A 313 9.62 11.79 5.17
N ASN A 314 9.16 10.54 5.06
CA ASN A 314 9.02 9.80 3.76
C ASN A 314 10.38 9.38 3.25
N THR A 315 11.29 9.07 4.16
CA THR A 315 12.71 8.74 3.87
C THR A 315 13.01 7.32 4.34
N MET A 316 13.91 6.64 3.65
CA MET A 316 14.48 5.38 4.18
C MET A 316 15.12 5.66 5.56
N MET A 317 15.72 6.83 5.76
CA MET A 317 16.39 7.13 7.04
C MET A 317 15.41 6.94 8.20
N LYS A 318 14.21 7.51 8.11
CA LYS A 318 13.23 7.51 9.23
C LYS A 318 12.61 6.12 9.33
N ASN A 319 12.23 5.55 8.19
CA ASN A 319 11.22 4.46 8.03
C ASN A 319 11.86 3.08 7.89
N HIS A 320 13.14 2.98 7.51
CA HIS A 320 13.86 1.70 7.23
C HIS A 320 15.35 1.91 7.40
N PRO A 321 15.77 2.48 8.53
CA PRO A 321 17.16 2.91 8.75
C PRO A 321 18.21 1.85 8.47
N ILE A 322 17.89 0.58 8.68
CA ILE A 322 18.92 -0.49 8.53
C ILE A 322 19.25 -0.65 7.04
N GLN A 323 18.35 -0.31 6.13
CA GLN A 323 18.55 -0.49 4.67
C GLN A 323 18.76 0.87 3.99
N ALA A 324 18.96 1.95 4.76
CA ALA A 324 19.20 3.32 4.24
C ALA A 324 20.70 3.60 4.14
N VAL A 325 21.14 3.94 2.93
CA VAL A 325 22.44 4.66 2.72
C VAL A 325 22.12 6.11 2.43
N THR A 326 22.37 6.97 3.42
CA THR A 326 22.04 8.42 3.40
C THR A 326 23.14 9.18 2.68
N PHE A 327 22.78 10.19 1.91
CA PHE A 327 23.73 11.04 1.13
C PHE A 327 23.14 12.45 0.99
N VAL A 328 24.01 13.43 0.72
CA VAL A 328 23.56 14.82 0.50
C VAL A 328 23.54 15.11 -1.02
N ASP A 329 24.60 14.68 -1.71
CA ASP A 329 24.75 14.87 -3.18
C ASP A 329 25.62 13.74 -3.76
N ASN A 330 25.59 13.54 -5.07
CA ASN A 330 26.38 12.47 -5.73
C ASN A 330 26.73 12.92 -7.15
N HIS A 331 27.42 12.06 -7.88
CA HIS A 331 27.88 12.33 -9.26
C HIS A 331 26.68 12.67 -10.15
N ASP A 332 25.49 12.16 -9.84
CA ASP A 332 24.30 12.31 -10.72
C ASP A 332 23.61 13.63 -10.36
N THR A 333 23.65 14.08 -9.10
CA THR A 333 22.96 15.32 -8.62
C THR A 333 23.84 16.58 -8.75
N GLU A 334 25.13 16.44 -9.05
CA GLU A 334 26.08 17.57 -9.08
C GLU A 334 25.77 18.43 -10.30
N PRO A 335 26.18 19.71 -10.30
CA PRO A 335 25.80 20.63 -11.37
C PRO A 335 26.15 20.07 -12.76
N GLY A 336 25.19 20.14 -13.68
CA GLY A 336 25.37 19.78 -15.09
C GLY A 336 25.11 18.30 -15.36
N GLN A 337 25.00 17.46 -14.35
CA GLN A 337 24.66 16.03 -14.57
C GLN A 337 23.13 15.84 -14.61
N ALA A 338 22.72 14.59 -14.82
CA ALA A 338 21.39 14.22 -15.37
C ALA A 338 20.31 14.37 -14.33
N LEU A 339 20.65 14.30 -13.05
CA LEU A 339 19.68 14.40 -11.93
C LEU A 339 20.02 15.63 -11.09
N GLN A 340 20.58 16.67 -11.70
CA GLN A 340 21.00 17.92 -11.03
C GLN A 340 19.93 18.27 -9.99
N SER A 341 20.29 18.31 -8.72
CA SER A 341 19.39 18.59 -7.59
C SER A 341 20.28 18.98 -6.42
N TRP A 342 21.22 19.87 -6.71
CA TRP A 342 22.35 20.22 -5.82
C TRP A 342 21.82 20.89 -4.55
N VAL A 343 22.46 20.59 -3.42
CA VAL A 343 22.18 21.21 -2.11
C VAL A 343 23.14 22.39 -1.94
N SER A 344 22.63 23.63 -1.88
CA SER A 344 23.51 24.82 -1.82
C SER A 344 24.40 24.73 -0.55
N ASP A 345 25.53 25.39 -0.65
CA ASP A 345 26.63 25.46 0.36
C ASP A 345 26.07 25.79 1.76
N TRP A 346 25.10 26.69 1.89
CA TRP A 346 24.70 27.18 3.23
C TRP A 346 24.00 26.06 4.00
N PHE A 347 23.26 25.21 3.29
CA PHE A 347 22.45 24.15 3.91
C PHE A 347 23.27 22.85 4.03
N LYS A 348 24.30 22.68 3.21
CA LYS A 348 25.06 21.41 3.11
C LYS A 348 25.53 20.94 4.49
N PRO A 349 26.08 21.82 5.37
CA PRO A 349 26.48 21.38 6.71
C PRO A 349 25.32 20.87 7.58
N LEU A 350 24.13 21.47 7.47
CA LEU A 350 22.91 21.00 8.20
C LEU A 350 22.56 19.59 7.72
N ALA A 351 22.68 19.36 6.40
CA ALA A 351 22.34 18.06 5.79
C ALA A 351 23.32 17.00 6.27
N TYR A 352 24.63 17.30 6.23
CA TYR A 352 25.71 16.35 6.62
C TYR A 352 25.62 16.09 8.13
N ALA A 353 25.24 17.08 8.94
CA ALA A 353 25.06 16.91 10.40
C ALA A 353 23.89 15.94 10.64
N THR A 354 22.83 16.08 9.86
CA THR A 354 21.65 15.20 9.89
C THR A 354 22.09 13.75 9.64
N ILE A 355 22.90 13.45 8.63
CA ILE A 355 23.20 12.02 8.30
C ILE A 355 24.34 11.47 9.15
N LEU A 356 25.16 12.33 9.78
CA LEU A 356 26.42 11.91 10.42
C LEU A 356 26.26 11.81 11.94
N THR A 357 25.34 12.54 12.58
CA THR A 357 25.21 12.54 14.06
C THR A 357 23.98 11.76 14.52
N ARG A 358 23.22 11.15 13.63
CA ARG A 358 22.00 10.40 14.00
C ARG A 358 22.25 8.88 13.89
N GLN A 359 21.55 8.09 14.69
CA GLN A 359 21.76 6.63 14.74
C GLN A 359 21.22 6.00 13.45
N GLU A 360 20.24 6.58 12.79
CA GLU A 360 19.60 6.02 11.58
C GLU A 360 20.53 6.16 10.36
N GLY A 361 20.70 5.10 9.58
CA GLY A 361 21.36 5.19 8.25
C GLY A 361 22.85 4.88 8.29
N TYR A 362 23.35 4.38 7.15
CA TYR A 362 24.80 4.31 6.79
C TYR A 362 25.10 5.53 5.92
N PRO A 363 25.71 6.59 6.51
CA PRO A 363 25.97 7.82 5.75
C PRO A 363 27.15 7.71 4.77
N CYS A 364 27.04 8.43 3.65
CA CYS A 364 27.99 8.45 2.50
C CYS A 364 28.43 9.89 2.23
N VAL A 365 29.72 10.16 2.46
CA VAL A 365 30.34 11.47 2.14
C VAL A 365 30.74 11.49 0.66
N PHE A 366 30.29 12.50 -0.06
CA PHE A 366 30.61 12.73 -1.50
C PHE A 366 32.02 13.31 -1.65
N TYR A 367 32.86 12.72 -2.49
CA TYR A 367 34.21 13.23 -2.86
C TYR A 367 34.04 14.68 -3.35
N GLY A 368 33.03 14.92 -4.19
CA GLY A 368 32.78 16.26 -4.73
C GLY A 368 32.62 17.29 -3.62
N ASP A 369 32.10 16.85 -2.47
CA ASP A 369 31.90 17.78 -1.34
C ASP A 369 33.20 17.86 -0.56
N TYR A 370 33.83 16.73 -0.26
CA TYR A 370 35.00 16.69 0.65
C TYR A 370 36.17 17.43 -0.03
N TYR A 371 36.46 17.08 -1.28
CA TYR A 371 37.64 17.59 -2.02
C TYR A 371 37.23 18.69 -3.02
N GLY A 372 35.94 18.93 -3.23
CA GLY A 372 35.48 20.03 -4.10
C GLY A 372 35.31 19.59 -5.56
N ILE A 373 34.70 20.46 -6.35
CA ILE A 373 34.48 20.25 -7.82
C ILE A 373 34.97 21.47 -8.56
N PRO A 374 36.27 21.46 -8.93
CA PRO A 374 36.88 22.65 -9.53
C PRO A 374 36.16 23.08 -10.80
N SER A 375 35.71 22.14 -11.60
CA SER A 375 35.10 22.46 -12.91
C SER A 375 33.76 23.19 -12.70
N GLN A 376 33.16 23.16 -11.52
CA GLN A 376 31.90 23.91 -11.25
C GLN A 376 32.11 24.88 -10.08
N SER A 377 33.34 25.27 -9.77
CA SER A 377 33.63 26.34 -8.77
C SER A 377 33.01 25.97 -7.41
N VAL A 378 33.08 24.72 -7.00
CA VAL A 378 32.60 24.26 -5.67
C VAL A 378 33.79 24.18 -4.73
N SER A 379 33.80 24.96 -3.64
CA SER A 379 34.92 24.89 -2.66
C SER A 379 34.95 23.48 -2.09
N ALA A 380 36.09 23.00 -1.63
CA ALA A 380 36.17 21.77 -0.84
C ALA A 380 35.59 22.08 0.55
N LYS A 381 34.85 21.13 1.13
CA LYS A 381 34.16 21.31 2.41
C LYS A 381 34.91 20.50 3.50
N SER A 382 36.10 19.99 3.17
CA SER A 382 36.93 19.09 4.03
C SER A 382 37.16 19.67 5.43
N THR A 383 37.47 20.96 5.54
CA THR A 383 37.82 21.60 6.85
C THR A 383 36.67 21.43 7.84
N TRP A 384 35.42 21.72 7.45
CA TRP A 384 34.27 21.63 8.41
C TRP A 384 33.73 20.20 8.45
N LEU A 385 33.80 19.47 7.33
CA LEU A 385 33.36 18.04 7.31
C LEU A 385 34.21 17.25 8.29
N ASP A 386 35.52 17.54 8.42
CA ASP A 386 36.45 16.79 9.30
C ASP A 386 35.94 16.80 10.74
N LYS A 387 35.41 17.95 11.17
CA LYS A 387 34.89 18.20 12.53
C LYS A 387 33.57 17.43 12.70
N GLN A 388 32.71 17.41 11.69
CA GLN A 388 31.44 16.62 11.76
C GLN A 388 31.82 15.14 11.82
N LEU A 389 32.80 14.71 11.03
CA LEU A 389 33.20 13.29 10.98
C LEU A 389 33.85 12.89 12.30
N SER A 390 34.55 13.82 12.96
CA SER A 390 35.11 13.62 14.32
C SER A 390 33.95 13.37 15.28
N ALA A 391 32.93 14.24 15.30
CA ALA A 391 31.68 14.04 16.06
C ALA A 391 31.16 12.60 15.84
N ARG A 392 30.97 12.19 14.60
CA ARG A 392 30.44 10.83 14.30
C ARG A 392 31.37 9.75 14.86
N LYS A 393 32.66 9.82 14.56
CA LYS A 393 33.67 8.77 14.89
C LYS A 393 33.75 8.57 16.41
N SER A 394 33.72 9.64 17.19
CA SER A 394 34.13 9.60 18.63
C SER A 394 32.98 9.96 19.57
N TYR A 395 31.86 10.53 19.10
CA TYR A 395 30.83 11.09 20.02
C TYR A 395 29.40 10.63 19.71
N ALA A 396 29.05 10.25 18.47
CA ALA A 396 27.64 9.97 18.07
C ALA A 396 27.29 8.53 18.46
N TYR A 397 27.02 8.33 19.74
CA TYR A 397 26.87 7.01 20.38
C TYR A 397 25.80 7.09 21.47
N GLY A 398 25.04 6.01 21.62
CA GLY A 398 24.13 5.79 22.76
C GLY A 398 22.76 6.33 22.45
N THR A 399 21.87 6.30 23.44
CA THR A 399 20.43 6.62 23.26
C THR A 399 20.29 7.99 22.58
N GLN A 400 19.45 8.06 21.56
CA GLN A 400 19.10 9.31 20.82
C GLN A 400 17.77 9.85 21.36
N HIS A 401 17.68 11.15 21.55
CA HIS A 401 16.41 11.88 21.85
C HIS A 401 16.21 12.93 20.75
N ASP A 402 15.05 12.88 20.08
CA ASP A 402 14.73 13.74 18.91
C ASP A 402 13.89 14.95 19.34
N TYR A 403 14.20 16.13 18.86
CA TYR A 403 13.41 17.36 19.07
C TYR A 403 13.17 18.02 17.71
N LEU A 404 12.49 17.30 16.84
CA LEU A 404 12.16 17.79 15.49
C LEU A 404 10.82 18.54 15.55
N ASP A 405 10.80 19.63 16.33
CA ASP A 405 9.58 20.22 16.91
C ASP A 405 9.46 21.74 16.61
N ASN A 406 10.16 22.32 15.63
CA ASN A 406 9.99 23.75 15.25
C ASN A 406 10.29 23.94 13.75
N GLN A 407 9.61 24.89 13.11
CA GLN A 407 9.73 25.17 11.66
C GLN A 407 11.16 25.54 11.28
N ASP A 408 11.89 26.12 12.25
CA ASP A 408 13.22 26.70 12.01
C ASP A 408 14.25 25.87 12.79
N VAL A 409 14.17 25.87 14.11
CA VAL A 409 15.21 25.26 15.00
C VAL A 409 14.85 23.81 15.33
N ILE A 410 15.71 22.85 15.04
CA ILE A 410 15.50 21.44 15.41
C ILE A 410 16.81 20.91 15.99
N GLY A 411 16.75 19.72 16.59
CA GLY A 411 17.92 19.13 17.24
C GLY A 411 17.65 17.72 17.69
N TRP A 412 18.70 17.04 18.12
CA TRP A 412 18.66 15.71 18.75
C TRP A 412 19.89 15.56 19.63
N THR A 413 19.84 14.64 20.60
CA THR A 413 20.98 14.36 21.50
C THR A 413 21.37 12.89 21.36
N ARG A 414 22.59 12.57 21.76
CA ARG A 414 23.11 11.19 21.91
C ARG A 414 23.74 11.13 23.30
N GLU A 415 23.31 10.17 24.13
CA GLU A 415 23.65 10.10 25.58
C GLU A 415 25.12 9.71 25.75
N GLY A 416 25.72 9.02 24.77
CA GLY A 416 27.03 8.36 24.90
C GLY A 416 26.82 6.90 25.27
N ASP A 417 27.81 6.05 24.98
CA ASP A 417 27.93 4.64 25.43
C ASP A 417 29.20 4.61 26.26
N SER A 418 29.46 3.53 27.01
CA SER A 418 30.70 3.37 27.81
C SER A 418 31.86 2.88 26.94
N ALA A 419 31.61 2.17 25.83
CA ALA A 419 32.65 1.73 24.87
C ALA A 419 33.48 2.92 24.34
N HIS A 420 32.90 4.11 24.14
CA HIS A 420 33.63 5.29 23.59
C HIS A 420 33.74 6.38 24.66
N ALA A 421 34.93 6.55 25.22
CA ALA A 421 35.30 7.59 26.23
C ALA A 421 34.67 8.93 25.83
N GLY A 422 34.21 9.72 26.81
CA GLY A 422 33.84 11.14 26.63
C GLY A 422 32.72 11.34 25.62
N SER A 423 32.08 10.25 25.18
CA SER A 423 31.14 10.27 24.04
C SER A 423 29.80 10.85 24.51
N GLY A 424 28.95 11.21 23.56
CA GLY A 424 27.70 11.98 23.73
C GLY A 424 27.74 13.31 22.97
N LEU A 425 26.60 13.75 22.45
CA LEU A 425 26.51 15.07 21.78
C LEU A 425 25.08 15.62 21.76
N ALA A 426 24.97 16.92 21.50
CA ALA A 426 23.72 17.64 21.18
C ALA A 426 23.92 18.40 19.87
N THR A 427 23.24 17.96 18.83
CA THR A 427 23.18 18.66 17.52
C THR A 427 21.97 19.60 17.53
N VAL A 428 22.19 20.87 17.19
CA VAL A 428 21.08 21.86 17.06
C VAL A 428 21.36 22.72 15.83
N MET A 429 20.33 23.05 15.07
CA MET A 429 20.46 23.69 13.74
C MET A 429 19.22 24.52 13.46
N SER A 430 19.36 25.58 12.66
CA SER A 430 18.20 26.39 12.24
C SER A 430 18.31 26.70 10.75
N ASP A 431 17.20 26.50 10.04
CA ASP A 431 17.05 26.90 8.60
C ASP A 431 16.85 28.40 8.58
N GLY A 432 16.68 29.04 9.75
CA GLY A 432 16.24 30.44 9.90
C GLY A 432 17.02 31.20 10.96
N PRO A 433 16.39 32.06 11.76
CA PRO A 433 17.12 32.80 12.80
C PRO A 433 17.77 31.87 13.83
N GLY A 434 18.78 32.37 14.53
CA GLY A 434 19.48 31.60 15.56
C GLY A 434 18.60 31.34 16.77
N GLY A 435 18.96 30.36 17.59
CA GLY A 435 18.30 30.12 18.88
C GLY A 435 18.95 29.01 19.67
N SER A 436 18.16 28.44 20.59
CA SER A 436 18.52 27.51 21.69
C SER A 436 17.56 26.34 21.56
N LYS A 437 17.94 25.16 22.03
CA LYS A 437 16.97 24.13 22.46
C LYS A 437 17.45 23.58 23.78
N THR A 438 16.53 23.35 24.71
CA THR A 438 16.81 22.58 25.94
C THR A 438 16.60 21.10 25.62
N MET A 439 17.66 20.30 25.71
CA MET A 439 17.58 18.86 25.35
C MET A 439 18.31 18.03 26.40
N TYR A 440 17.90 16.77 26.54
CA TYR A 440 18.43 15.83 27.56
C TYR A 440 19.62 15.08 26.95
N VAL A 441 20.83 15.25 27.47
CA VAL A 441 22.02 14.48 26.99
C VAL A 441 22.34 13.34 27.97
N GLY A 442 21.61 13.25 29.10
CA GLY A 442 21.85 12.26 30.16
C GLY A 442 22.33 12.86 31.47
N THR A 443 21.78 12.40 32.60
CA THR A 443 22.15 12.81 34.00
C THR A 443 23.61 12.45 34.26
N ALA A 444 24.11 11.36 33.66
CA ALA A 444 25.55 10.96 33.56
C ALA A 444 26.45 12.17 33.32
N HIS A 445 26.04 13.13 32.49
CA HIS A 445 26.88 14.25 31.98
C HIS A 445 26.74 15.49 32.86
N ALA A 446 25.98 15.41 33.96
CA ALA A 446 25.66 16.59 34.83
C ALA A 446 26.97 17.26 35.25
N GLY A 447 27.02 18.59 35.24
CA GLY A 447 28.20 19.38 35.64
C GLY A 447 29.24 19.51 34.54
N GLN A 448 29.27 18.62 33.53
CA GLN A 448 30.23 18.70 32.39
C GLN A 448 29.93 19.97 31.58
N VAL A 449 30.96 20.50 30.95
CA VAL A 449 30.90 21.70 30.07
C VAL A 449 31.06 21.25 28.61
N PHE A 450 30.12 21.61 27.74
CA PHE A 450 30.12 21.25 26.29
C PHE A 450 30.63 22.45 25.47
N LYS A 451 31.40 22.15 24.42
CA LYS A 451 31.90 23.10 23.38
C LYS A 451 31.25 22.75 22.03
N ASP A 452 31.25 23.69 21.08
CA ASP A 452 30.76 23.45 19.70
C ASP A 452 31.92 22.86 18.89
N ILE A 453 31.93 21.55 18.66
CA ILE A 453 33.06 20.91 17.94
C ILE A 453 33.19 21.53 16.54
N THR A 454 32.15 22.17 16.00
CA THR A 454 32.20 22.75 14.63
C THR A 454 33.01 24.04 14.65
N GLY A 455 33.08 24.74 15.77
CA GLY A 455 33.77 26.02 15.86
C GLY A 455 32.87 27.18 15.49
N ASN A 456 31.66 26.91 15.00
CA ASN A 456 30.67 27.92 14.57
C ASN A 456 30.30 28.84 15.76
N ARG A 457 30.31 28.31 16.99
CA ARG A 457 30.04 29.13 18.19
C ARG A 457 31.18 28.91 19.20
N THR A 458 31.57 29.97 19.90
CA THR A 458 32.69 30.01 20.87
C THR A 458 32.19 29.89 22.31
N ASP A 459 30.91 30.10 22.60
CA ASP A 459 30.37 29.89 23.96
C ASP A 459 30.33 28.39 24.25
N THR A 460 30.08 28.08 25.53
CA THR A 460 30.02 26.71 26.11
C THR A 460 28.67 26.52 26.81
N VAL A 461 28.22 25.27 26.89
CA VAL A 461 26.94 24.90 27.56
C VAL A 461 27.31 24.02 28.76
N THR A 462 26.85 24.41 29.94
CA THR A 462 27.05 23.62 31.18
C THR A 462 25.82 22.74 31.41
N ILE A 463 26.01 21.44 31.61
CA ILE A 463 24.87 20.49 31.78
C ILE A 463 24.41 20.58 33.25
N ASN A 464 23.14 20.88 33.47
CA ASN A 464 22.50 20.92 34.82
C ASN A 464 22.41 19.48 35.36
N SER A 465 22.03 19.32 36.64
CA SER A 465 22.00 18.01 37.32
C SER A 465 20.80 17.16 36.88
N ALA A 466 19.77 17.75 36.27
CA ALA A 466 18.65 17.00 35.63
C ALA A 466 19.13 16.33 34.33
N GLY A 467 20.35 16.63 33.83
CA GLY A 467 20.93 16.07 32.60
C GLY A 467 20.56 16.82 31.33
N ASN A 468 20.15 18.08 31.47
CA ASN A 468 19.73 18.94 30.34
C ASN A 468 20.76 20.06 30.12
N GLY A 469 20.87 20.47 28.86
CA GLY A 469 21.60 21.66 28.43
C GLY A 469 20.70 22.52 27.58
N THR A 470 20.98 23.81 27.53
CA THR A 470 20.37 24.76 26.59
C THR A 470 21.41 25.09 25.52
N PHE A 471 21.21 24.52 24.32
CA PHE A 471 22.19 24.44 23.23
C PHE A 471 21.81 25.44 22.14
N PRO A 472 22.67 26.46 21.90
CA PRO A 472 22.44 27.42 20.83
C PRO A 472 23.08 27.03 19.49
N CYS A 473 22.54 27.59 18.41
CA CYS A 473 23.11 27.59 17.04
C CYS A 473 22.98 28.99 16.47
N ASN A 474 23.77 29.30 15.45
CA ASN A 474 23.64 30.54 14.64
C ASN A 474 22.42 30.39 13.73
N GLY A 475 21.94 31.49 13.15
CA GLY A 475 20.98 31.45 12.04
C GLY A 475 21.56 30.72 10.86
N GLY A 476 20.76 29.92 10.16
CA GLY A 476 21.15 29.15 8.97
C GLY A 476 22.47 28.41 9.14
N SER A 477 22.73 27.88 10.33
CA SER A 477 23.94 27.12 10.68
C SER A 477 23.55 25.90 11.50
N VAL A 478 24.56 25.13 11.93
CA VAL A 478 24.41 23.97 12.85
C VAL A 478 25.57 24.03 13.85
N SER A 479 25.30 23.70 15.10
CA SER A 479 26.35 23.50 16.13
C SER A 479 26.20 22.07 16.64
N ILE A 480 27.34 21.42 16.90
CA ILE A 480 27.37 20.03 17.45
C ILE A 480 28.16 20.10 18.76
N TRP A 481 27.44 19.96 19.87
CA TRP A 481 27.96 20.19 21.24
C TRP A 481 28.46 18.88 21.85
N VAL A 482 29.70 18.89 22.37
CA VAL A 482 30.35 17.69 22.96
C VAL A 482 31.10 18.12 24.22
N LYS A 483 31.30 17.17 25.15
CA LYS A 483 32.13 17.35 26.37
C LYS A 483 33.45 18.01 25.95
N GLN A 484 33.72 19.18 26.53
CA GLN A 484 34.96 19.95 26.32
C GLN A 484 36.16 19.05 26.58
N GLY B 4 -30.91 12.60 14.90
CA GLY B 4 -29.82 11.63 15.16
C GLY B 4 -30.33 10.34 15.81
N ASP B 5 -31.52 9.83 15.38
CA ASP B 5 -32.00 8.44 15.63
C ASP B 5 -31.12 7.43 14.89
N ASN B 6 -30.72 6.33 15.52
CA ASN B 6 -29.81 5.33 14.89
C ASN B 6 -30.52 4.74 13.66
N GLY B 7 -29.74 4.33 12.65
CA GLY B 7 -30.25 3.70 11.41
C GLY B 7 -29.93 2.22 11.42
N THR B 8 -30.84 1.42 10.87
CA THR B 8 -30.72 -0.05 10.90
C THR B 8 -31.32 -0.60 9.60
N MET B 9 -30.51 -1.31 8.84
CA MET B 9 -30.93 -1.90 7.54
C MET B 9 -31.45 -3.29 7.87
N MET B 10 -32.26 -3.84 6.97
CA MET B 10 -32.66 -5.26 6.99
C MET B 10 -32.61 -5.78 5.55
N GLN B 11 -31.83 -6.83 5.31
CA GLN B 11 -31.91 -7.65 4.07
C GLN B 11 -33.23 -8.43 4.13
N TYR B 12 -34.21 -8.06 3.32
CA TYR B 12 -35.59 -8.64 3.39
C TYR B 12 -35.72 -9.78 2.39
N PHE B 13 -34.80 -10.73 2.46
CA PHE B 13 -34.93 -12.03 1.75
C PHE B 13 -33.87 -13.00 2.26
N GLU B 14 -34.02 -14.26 1.86
CA GLU B 14 -32.96 -15.29 1.95
C GLU B 14 -33.10 -16.18 0.70
N TRP B 15 -32.11 -17.04 0.50
CA TRP B 15 -31.97 -17.82 -0.74
C TRP B 15 -33.15 -18.79 -0.95
N TYR B 16 -33.59 -19.43 0.13
CA TYR B 16 -34.47 -20.63 0.08
C TYR B 16 -35.91 -20.20 0.37
N LEU B 17 -36.27 -18.93 0.23
CA LEU B 17 -37.71 -18.55 0.30
C LEU B 17 -38.45 -19.39 -0.73
N PRO B 18 -39.72 -19.74 -0.45
CA PRO B 18 -40.51 -20.51 -1.41
C PRO B 18 -40.84 -19.62 -2.62
N ASN B 19 -40.95 -20.26 -3.79
CA ASN B 19 -41.32 -19.57 -5.04
C ASN B 19 -42.84 -19.45 -5.09
N ASP B 20 -43.45 -18.57 -4.30
CA ASP B 20 -44.93 -18.46 -4.20
C ASP B 20 -45.42 -17.04 -4.53
N GLY B 21 -44.56 -16.16 -5.03
CA GLY B 21 -44.95 -14.80 -5.42
C GLY B 21 -45.60 -14.00 -4.32
N THR B 22 -45.13 -14.13 -3.07
CA THR B 22 -45.74 -13.42 -1.89
C THR B 22 -44.79 -12.47 -1.14
N LEU B 23 -43.48 -12.43 -1.47
CA LEU B 23 -42.54 -11.62 -0.66
C LEU B 23 -42.95 -10.14 -0.69
N TRP B 24 -43.36 -9.59 -1.83
CA TRP B 24 -43.73 -8.15 -1.91
C TRP B 24 -44.94 -7.91 -0.99
N THR B 25 -45.99 -8.70 -1.16
CA THR B 25 -47.17 -8.69 -0.26
C THR B 25 -46.69 -8.59 1.19
N LYS B 26 -45.87 -9.55 1.63
CA LYS B 26 -45.41 -9.72 3.03
C LYS B 26 -44.65 -8.45 3.48
N MET B 27 -43.67 -8.02 2.68
CA MET B 27 -42.83 -6.83 2.97
C MET B 27 -43.75 -5.62 3.26
N GLY B 28 -44.75 -5.41 2.41
CA GLY B 28 -45.81 -4.40 2.60
C GLY B 28 -46.45 -4.55 3.96
N SER B 29 -46.97 -5.74 4.31
CA SER B 29 -47.62 -6.00 5.63
C SER B 29 -46.66 -5.69 6.78
N ASP B 30 -45.40 -6.11 6.63
CA ASP B 30 -44.40 -6.00 7.70
C ASP B 30 -43.95 -4.55 8.00
N ALA B 31 -44.26 -3.60 7.12
CA ALA B 31 -43.84 -2.19 7.22
C ALA B 31 -43.97 -1.70 8.67
N SER B 32 -45.16 -1.71 9.25
CA SER B 32 -45.35 -1.01 10.54
C SER B 32 -44.67 -1.78 11.69
N HIS B 33 -44.58 -3.12 11.58
CA HIS B 33 -43.81 -3.99 12.52
C HIS B 33 -42.32 -3.62 12.44
N LEU B 34 -41.75 -3.58 11.22
CA LEU B 34 -40.33 -3.19 10.99
C LEU B 34 -40.13 -1.82 11.61
N LYS B 35 -41.09 -0.89 11.46
CA LYS B 35 -40.87 0.45 12.04
C LYS B 35 -40.75 0.32 13.55
N SER B 36 -41.60 -0.47 14.20
CA SER B 36 -41.61 -0.57 15.68
C SER B 36 -40.32 -1.17 16.26
N ILE B 37 -39.56 -1.96 15.51
CA ILE B 37 -38.32 -2.62 16.01
C ILE B 37 -37.07 -1.82 15.58
N GLY B 38 -37.24 -0.75 14.80
CA GLY B 38 -36.19 0.26 14.55
C GLY B 38 -35.55 0.11 13.18
N ILE B 39 -36.22 -0.54 12.24
CA ILE B 39 -35.68 -0.68 10.86
C ILE B 39 -35.97 0.64 10.13
N THR B 40 -34.92 1.28 9.64
CA THR B 40 -34.99 2.59 8.94
C THR B 40 -34.86 2.39 7.43
N GLY B 41 -34.32 1.25 7.01
CA GLY B 41 -34.08 0.95 5.60
C GLY B 41 -34.13 -0.55 5.30
N VAL B 42 -34.67 -0.89 4.13
CA VAL B 42 -34.89 -2.29 3.69
C VAL B 42 -34.19 -2.52 2.36
N TRP B 43 -33.31 -3.49 2.31
CA TRP B 43 -32.69 -3.95 1.05
C TRP B 43 -33.55 -5.11 0.54
N PHE B 44 -34.17 -4.97 -0.64
CA PHE B 44 -35.05 -6.00 -1.24
C PHE B 44 -34.31 -6.62 -2.43
N PRO B 45 -34.60 -7.88 -2.78
CA PRO B 45 -33.77 -8.60 -3.77
C PRO B 45 -34.04 -8.19 -5.22
N PRO B 46 -33.23 -8.69 -6.17
CA PRO B 46 -33.43 -8.36 -7.58
C PRO B 46 -34.92 -8.54 -7.95
N ALA B 47 -35.55 -7.42 -8.32
CA ALA B 47 -37.01 -7.26 -8.52
C ALA B 47 -37.40 -7.52 -9.98
N TYR B 48 -36.43 -7.72 -10.86
CA TYR B 48 -36.61 -7.87 -12.33
C TYR B 48 -36.50 -9.35 -12.71
N LYS B 49 -36.94 -9.66 -13.92
CA LYS B 49 -37.21 -11.04 -14.40
C LYS B 49 -35.87 -11.77 -14.59
N GLY B 50 -35.74 -12.92 -13.95
CA GLY B 50 -34.56 -13.79 -14.10
C GLY B 50 -34.84 -14.83 -15.16
N GLN B 51 -33.95 -15.80 -15.30
CA GLN B 51 -33.99 -16.82 -16.37
C GLN B 51 -35.13 -17.80 -16.14
N SER B 52 -35.73 -17.83 -14.95
CA SER B 52 -36.92 -18.65 -14.57
C SER B 52 -37.72 -17.89 -13.52
N GLN B 53 -38.93 -18.35 -13.28
CA GLN B 53 -39.81 -17.71 -12.28
C GLN B 53 -39.16 -17.90 -10.90
N SER B 54 -38.43 -19.00 -10.72
CA SER B 54 -37.92 -19.43 -9.40
C SER B 54 -36.55 -18.79 -9.13
N ASP B 55 -35.96 -18.09 -10.09
CA ASP B 55 -34.60 -17.50 -9.91
C ASP B 55 -34.63 -16.57 -8.70
N VAL B 56 -33.60 -16.65 -7.85
CA VAL B 56 -33.46 -15.79 -6.64
C VAL B 56 -33.31 -14.33 -7.08
N GLY B 57 -32.82 -14.10 -8.31
CA GLY B 57 -32.71 -12.75 -8.90
C GLY B 57 -31.38 -12.48 -9.62
N TYR B 58 -30.32 -13.23 -9.27
CA TYR B 58 -28.95 -12.96 -9.75
C TYR B 58 -28.78 -13.52 -11.18
N GLY B 59 -29.71 -14.36 -11.64
CA GLY B 59 -29.69 -14.87 -13.02
C GLY B 59 -30.50 -13.96 -13.90
N VAL B 60 -30.05 -12.71 -14.01
CA VAL B 60 -30.81 -11.57 -14.61
C VAL B 60 -31.09 -11.86 -16.07
N TYR B 61 -32.35 -11.74 -16.48
CA TYR B 61 -32.77 -11.80 -17.91
C TYR B 61 -33.05 -10.38 -18.42
N ASP B 62 -34.08 -9.74 -17.89
CA ASP B 62 -34.63 -8.46 -18.41
C ASP B 62 -34.86 -7.47 -17.26
N MET B 63 -34.06 -6.42 -17.17
CA MET B 63 -34.10 -5.50 -16.00
C MET B 63 -35.26 -4.52 -16.15
N TYR B 64 -36.01 -4.56 -17.27
CA TYR B 64 -37.16 -3.65 -17.53
C TYR B 64 -38.47 -4.37 -17.20
N ASP B 65 -38.40 -5.67 -16.91
CA ASP B 65 -39.55 -6.51 -16.51
C ASP B 65 -39.55 -6.69 -14.98
N LEU B 66 -40.28 -5.88 -14.24
CA LEU B 66 -40.36 -6.00 -12.76
C LEU B 66 -41.49 -6.95 -12.36
N GLY B 67 -41.68 -8.07 -13.08
CA GLY B 67 -42.87 -8.93 -12.93
C GLY B 67 -44.13 -8.22 -13.45
N GLU B 68 -44.04 -7.71 -14.69
CA GLU B 68 -45.12 -6.96 -15.38
C GLU B 68 -45.50 -7.72 -16.67
N PHE B 69 -44.51 -8.29 -17.35
CA PHE B 69 -44.63 -8.89 -18.69
C PHE B 69 -44.54 -10.40 -18.54
N ASN B 70 -45.17 -11.13 -19.44
CA ASN B 70 -45.09 -12.61 -19.48
C ASN B 70 -43.86 -13.01 -20.28
N GLN B 71 -42.78 -13.35 -19.58
CA GLN B 71 -41.53 -13.92 -20.17
C GLN B 71 -41.03 -15.02 -19.24
N LYS B 72 -40.25 -15.97 -19.78
CA LYS B 72 -39.71 -17.11 -19.03
C LYS B 72 -40.88 -17.83 -18.34
N GLY B 73 -42.06 -17.77 -18.93
CA GLY B 73 -43.23 -18.57 -18.58
C GLY B 73 -44.07 -17.97 -17.47
N THR B 74 -43.80 -16.75 -17.03
CA THR B 74 -44.44 -16.15 -15.83
C THR B 74 -44.58 -14.66 -16.02
N VAL B 75 -45.59 -14.05 -15.40
CA VAL B 75 -45.65 -12.57 -15.25
C VAL B 75 -44.80 -12.20 -14.04
N ARG B 76 -45.13 -12.72 -12.85
CA ARG B 76 -44.42 -12.39 -11.59
C ARG B 76 -42.99 -12.94 -11.60
N THR B 77 -42.10 -12.25 -10.89
CA THR B 77 -40.77 -12.75 -10.44
C THR B 77 -41.01 -13.78 -9.33
N LYS B 78 -39.95 -14.38 -8.77
CA LYS B 78 -40.10 -15.24 -7.56
C LYS B 78 -40.91 -14.47 -6.50
N TYR B 79 -40.83 -13.15 -6.49
CA TYR B 79 -41.17 -12.30 -5.31
C TYR B 79 -42.57 -11.69 -5.47
N GLY B 80 -43.13 -11.65 -6.68
CA GLY B 80 -44.45 -11.01 -6.94
C GLY B 80 -44.45 -10.14 -8.20
N THR B 81 -45.42 -9.22 -8.29
CA THR B 81 -45.70 -8.35 -9.48
C THR B 81 -45.23 -6.92 -9.21
N LYS B 82 -44.90 -6.19 -10.28
CA LYS B 82 -44.55 -4.75 -10.23
C LYS B 82 -45.57 -4.03 -9.34
N ALA B 83 -46.86 -4.29 -9.55
CA ALA B 83 -47.99 -3.70 -8.78
C ALA B 83 -47.73 -3.95 -7.31
N GLN B 84 -47.42 -5.21 -6.95
CA GLN B 84 -47.29 -5.67 -5.52
C GLN B 84 -46.06 -4.99 -4.90
N LEU B 85 -44.93 -4.94 -5.64
CA LEU B 85 -43.70 -4.21 -5.23
C LEU B 85 -43.93 -2.72 -4.99
N GLN B 86 -44.62 -2.04 -5.89
CA GLN B 86 -44.98 -0.61 -5.74
C GLN B 86 -45.86 -0.42 -4.48
N SER B 87 -46.81 -1.30 -4.14
CA SER B 87 -47.66 -1.12 -2.91
C SER B 87 -46.76 -1.25 -1.68
N ALA B 88 -45.83 -2.20 -1.73
CA ALA B 88 -44.90 -2.53 -0.64
C ALA B 88 -43.97 -1.33 -0.40
N ILE B 89 -43.46 -0.74 -1.48
CA ILE B 89 -42.54 0.41 -1.34
C ILE B 89 -43.32 1.59 -0.74
N THR B 90 -44.57 1.79 -1.19
CA THR B 90 -45.45 2.88 -0.67
C THR B 90 -45.63 2.66 0.83
N SER B 91 -45.90 1.42 1.21
CA SER B 91 -46.14 1.03 2.62
C SER B 91 -44.87 1.29 3.46
N LEU B 92 -43.70 0.91 2.95
CA LEU B 92 -42.42 1.19 3.64
C LEU B 92 -42.34 2.69 3.84
N HIS B 93 -42.54 3.45 2.75
CA HIS B 93 -42.47 4.95 2.77
C HIS B 93 -43.49 5.49 3.79
N ASN B 94 -44.74 5.03 3.79
CA ASN B 94 -45.76 5.47 4.79
C ASN B 94 -45.26 5.20 6.21
N ASN B 95 -44.37 4.22 6.47
CA ASN B 95 -43.85 3.98 7.84
C ASN B 95 -42.46 4.60 8.02
N GLY B 96 -42.07 5.51 7.13
CA GLY B 96 -40.78 6.19 7.20
C GLY B 96 -39.61 5.23 7.09
N ILE B 97 -39.67 4.26 6.19
CA ILE B 97 -38.59 3.27 5.93
C ILE B 97 -38.12 3.46 4.49
N GLN B 98 -36.80 3.42 4.29
CA GLN B 98 -36.16 3.63 2.98
C GLN B 98 -36.14 2.31 2.23
N ALA B 99 -36.19 2.36 0.90
CA ALA B 99 -36.21 1.18 0.02
C ALA B 99 -34.95 1.19 -0.86
N TYR B 100 -34.15 0.15 -0.73
CA TYR B 100 -32.89 -0.06 -1.47
C TYR B 100 -33.11 -1.26 -2.38
N GLY B 101 -33.01 -1.07 -3.69
CA GLY B 101 -33.20 -2.15 -4.69
C GLY B 101 -31.88 -2.80 -5.03
N ASP B 102 -31.89 -4.11 -5.18
CA ASP B 102 -30.68 -4.88 -5.55
C ASP B 102 -30.49 -4.62 -7.05
N VAL B 103 -29.27 -4.26 -7.41
CA VAL B 103 -28.90 -3.88 -8.80
C VAL B 103 -27.80 -4.84 -9.26
N VAL B 104 -28.10 -5.61 -10.30
CA VAL B 104 -27.21 -6.67 -10.84
C VAL B 104 -26.81 -6.30 -12.26
N LEU B 105 -25.59 -5.80 -12.44
CA LEU B 105 -25.11 -5.22 -13.71
C LEU B 105 -24.00 -6.08 -14.32
N ASN B 106 -23.44 -7.05 -13.59
CA ASN B 106 -22.24 -7.80 -14.07
C ASN B 106 -22.55 -8.50 -15.41
N HIS B 107 -23.73 -9.13 -15.56
CA HIS B 107 -24.00 -10.17 -16.61
C HIS B 107 -25.49 -10.22 -17.00
N ARG B 108 -25.79 -11.09 -17.95
CA ARG B 108 -27.17 -11.57 -18.25
C ARG B 108 -27.13 -13.09 -18.48
N MET B 109 -28.26 -13.77 -18.25
CA MET B 109 -28.44 -15.21 -18.53
C MET B 109 -29.85 -15.44 -19.06
N GLY B 110 -30.08 -16.63 -19.63
CA GLY B 110 -31.34 -17.03 -20.26
C GLY B 110 -31.58 -16.22 -21.52
N ALA B 111 -30.52 -16.06 -22.31
CA ALA B 111 -30.63 -15.45 -23.65
C ALA B 111 -31.73 -16.19 -24.39
N ASP B 112 -32.51 -15.49 -25.22
CA ASP B 112 -33.62 -16.06 -26.04
C ASP B 112 -33.08 -16.99 -27.13
N ALA B 113 -31.89 -16.76 -27.68
CA ALA B 113 -31.27 -17.69 -28.65
C ALA B 113 -29.75 -17.49 -28.72
N THR B 114 -29.09 -18.49 -29.30
CA THR B 114 -27.61 -18.51 -29.53
C THR B 114 -27.29 -17.65 -30.76
N GLU B 115 -26.07 -17.13 -30.83
CA GLU B 115 -25.46 -16.49 -32.00
C GLU B 115 -24.13 -17.22 -32.25
N THR B 116 -23.80 -17.55 -33.50
CA THR B 116 -22.45 -18.09 -33.82
C THR B 116 -21.47 -16.91 -33.82
N ILE B 117 -20.33 -17.03 -33.12
CA ILE B 117 -19.31 -15.95 -33.02
C ILE B 117 -17.92 -16.57 -32.87
N SER B 118 -16.90 -15.80 -33.23
CA SER B 118 -15.48 -16.20 -33.05
C SER B 118 -15.10 -15.86 -31.60
N ALA B 119 -14.46 -16.80 -30.91
CA ALA B 119 -13.95 -16.62 -29.54
C ALA B 119 -12.74 -17.52 -29.29
N VAL B 120 -11.91 -17.13 -28.33
CA VAL B 120 -10.72 -17.88 -27.83
C VAL B 120 -11.02 -18.38 -26.41
N GLU B 121 -10.46 -19.52 -26.02
CA GLU B 121 -10.45 -19.96 -24.60
C GLU B 121 -9.34 -19.24 -23.83
N VAL B 122 -9.65 -18.77 -22.61
CA VAL B 122 -8.66 -18.23 -21.65
C VAL B 122 -8.57 -19.20 -20.46
N ASN B 123 -7.49 -19.07 -19.67
CA ASN B 123 -7.15 -19.91 -18.50
C ASN B 123 -7.98 -19.39 -17.32
N PRO B 124 -8.83 -20.23 -16.70
CA PRO B 124 -9.64 -19.79 -15.56
C PRO B 124 -8.84 -19.24 -14.36
N SER B 125 -7.58 -19.67 -14.18
CA SER B 125 -6.66 -19.13 -13.14
C SER B 125 -6.01 -17.83 -13.61
N ASN B 126 -6.02 -17.54 -14.92
CA ASN B 126 -5.38 -16.31 -15.49
C ASN B 126 -6.09 -15.97 -16.80
N ARG B 127 -7.09 -15.10 -16.73
CA ARG B 127 -8.00 -14.81 -17.88
C ARG B 127 -7.22 -13.97 -18.90
N ASN B 128 -6.08 -13.39 -18.50
CA ASN B 128 -5.18 -12.60 -19.37
C ASN B 128 -4.48 -13.55 -20.37
N GLN B 129 -4.22 -14.81 -19.96
CA GLN B 129 -3.53 -15.84 -20.79
C GLN B 129 -4.54 -16.56 -21.68
N VAL B 130 -4.39 -16.40 -22.99
CA VAL B 130 -5.19 -17.12 -24.03
C VAL B 130 -4.67 -18.56 -24.14
N THR B 131 -5.54 -19.56 -24.35
CA THR B 131 -5.16 -21.01 -24.34
C THR B 131 -5.71 -21.75 -25.57
N SER B 132 -6.21 -21.05 -26.58
CA SER B 132 -6.55 -21.67 -27.89
C SER B 132 -6.58 -20.60 -28.99
N GLY B 133 -6.52 -21.04 -30.24
CA GLY B 133 -6.77 -20.16 -31.40
C GLY B 133 -8.23 -19.81 -31.46
N ALA B 134 -8.57 -18.75 -32.21
CA ALA B 134 -9.96 -18.33 -32.51
C ALA B 134 -10.71 -19.51 -33.13
N TYR B 135 -12.02 -19.59 -32.90
CA TYR B 135 -12.92 -20.54 -33.59
C TYR B 135 -14.37 -20.22 -33.24
N ASN B 136 -15.26 -20.87 -33.97
CA ASN B 136 -16.70 -20.58 -33.93
C ASN B 136 -17.32 -21.35 -32.76
N ILE B 137 -18.04 -20.63 -31.88
CA ILE B 137 -18.89 -21.20 -30.78
C ILE B 137 -20.33 -20.72 -30.97
N SER B 138 -21.28 -21.45 -30.39
CA SER B 138 -22.72 -21.07 -30.28
C SER B 138 -22.96 -20.51 -28.88
N ALA B 139 -22.98 -19.18 -28.73
CA ALA B 139 -22.97 -18.46 -27.44
C ALA B 139 -24.37 -17.90 -27.14
N TRP B 140 -24.79 -17.95 -25.87
CA TRP B 140 -26.13 -17.47 -25.48
C TRP B 140 -26.12 -15.96 -25.28
N THR B 141 -26.18 -15.18 -26.36
CA THR B 141 -25.96 -13.71 -26.33
C THR B 141 -27.12 -12.92 -26.95
N ASP B 142 -28.20 -13.56 -27.40
CA ASP B 142 -29.33 -12.88 -28.09
C ASP B 142 -30.49 -12.67 -27.11
N PHE B 143 -30.66 -11.43 -26.65
CA PHE B 143 -31.76 -11.01 -25.74
C PHE B 143 -32.75 -10.13 -26.52
N GLU B 144 -33.92 -10.69 -26.86
CA GLU B 144 -34.93 -10.02 -27.73
C GLU B 144 -36.07 -9.47 -26.86
N PHE B 145 -36.31 -10.02 -25.69
CA PHE B 145 -37.35 -9.57 -24.73
C PHE B 145 -38.73 -9.63 -25.37
N PRO B 146 -39.14 -10.83 -25.87
CA PRO B 146 -40.40 -11.03 -26.57
C PRO B 146 -41.69 -10.58 -25.87
N GLY B 147 -41.78 -10.72 -24.57
CA GLY B 147 -43.04 -10.43 -23.85
C GLY B 147 -43.16 -8.96 -23.53
N ARG B 148 -42.05 -8.21 -23.59
CA ARG B 148 -42.09 -6.76 -23.28
C ARG B 148 -42.19 -5.96 -24.59
N GLY B 149 -41.69 -6.54 -25.69
CA GLY B 149 -41.48 -5.81 -26.95
C GLY B 149 -40.60 -4.61 -26.70
N ASN B 150 -41.07 -3.40 -26.99
CA ASN B 150 -40.21 -2.20 -26.96
C ASN B 150 -40.61 -1.31 -25.78
N THR B 151 -41.52 -1.75 -24.92
CA THR B 151 -42.04 -0.91 -23.80
C THR B 151 -40.88 -0.52 -22.90
N TYR B 152 -40.77 0.78 -22.58
CA TYR B 152 -39.70 1.41 -21.75
C TYR B 152 -38.33 1.45 -22.46
N SER B 153 -37.95 0.47 -23.27
CA SER B 153 -36.62 0.41 -23.94
C SER B 153 -36.67 -0.60 -25.08
N SER B 154 -36.19 -0.18 -26.25
CA SER B 154 -36.11 -1.03 -27.46
C SER B 154 -34.69 -1.58 -27.60
N PHE B 155 -33.85 -1.39 -26.57
CA PHE B 155 -32.48 -1.91 -26.54
C PHE B 155 -32.55 -3.46 -26.47
N LYS B 156 -31.85 -4.11 -27.40
CA LYS B 156 -31.68 -5.59 -27.50
C LYS B 156 -30.19 -5.90 -27.36
N TRP B 157 -29.85 -6.97 -26.67
CA TRP B 157 -28.44 -7.37 -26.41
C TRP B 157 -28.03 -8.43 -27.42
N HIS B 158 -26.82 -8.29 -27.98
CA HIS B 158 -26.19 -9.27 -28.92
C HIS B 158 -24.71 -9.43 -28.54
N SER B 159 -24.04 -10.43 -29.12
CA SER B 159 -22.65 -10.86 -28.79
C SER B 159 -21.71 -9.66 -28.65
N TYR B 160 -21.85 -8.64 -29.49
CA TYR B 160 -20.96 -7.45 -29.53
C TYR B 160 -21.19 -6.54 -28.28
N TYR B 161 -22.06 -6.91 -27.34
CA TYR B 161 -22.20 -6.14 -26.07
C TYR B 161 -21.59 -6.89 -24.88
N PHE B 162 -21.03 -8.09 -25.10
CA PHE B 162 -20.46 -9.00 -24.07
C PHE B 162 -18.98 -9.25 -24.33
N ASP B 163 -18.17 -9.28 -23.26
CA ASP B 163 -16.73 -9.60 -23.29
C ASP B 163 -16.46 -11.11 -23.34
N GLY B 164 -17.43 -11.97 -22.97
CA GLY B 164 -17.17 -13.42 -22.76
C GLY B 164 -18.39 -14.23 -22.31
N VAL B 165 -18.30 -15.57 -22.42
CA VAL B 165 -19.32 -16.54 -21.94
C VAL B 165 -18.63 -17.79 -21.36
N ASP B 166 -19.40 -18.71 -20.73
CA ASP B 166 -18.84 -19.95 -20.10
C ASP B 166 -19.43 -21.17 -20.81
N TRP B 167 -20.14 -20.98 -21.92
CA TRP B 167 -20.82 -22.12 -22.59
C TRP B 167 -20.84 -21.90 -24.09
N ASP B 168 -20.36 -22.95 -24.78
CA ASP B 168 -20.49 -23.20 -26.24
C ASP B 168 -21.60 -24.24 -26.46
N GLN B 169 -22.78 -23.81 -26.91
CA GLN B 169 -23.98 -24.70 -27.03
C GLN B 169 -23.67 -25.81 -28.03
N SER B 170 -22.85 -25.53 -29.05
CA SER B 170 -22.49 -26.51 -30.11
C SER B 170 -21.64 -27.64 -29.52
N ARG B 171 -20.68 -27.40 -28.63
CA ARG B 171 -19.74 -28.46 -28.13
C ARG B 171 -20.01 -28.88 -26.67
N GLN B 172 -20.63 -28.02 -25.85
CA GLN B 172 -21.17 -28.31 -24.49
C GLN B 172 -20.08 -28.83 -23.53
N LEU B 173 -19.10 -28.00 -23.12
CA LEU B 173 -17.95 -28.46 -22.29
C LEU B 173 -17.90 -27.72 -20.95
N SER B 174 -17.48 -28.42 -19.91
CA SER B 174 -17.19 -27.85 -18.56
C SER B 174 -15.84 -27.13 -18.53
N GLY B 175 -15.70 -26.20 -17.61
CA GLY B 175 -14.42 -25.65 -17.13
C GLY B 175 -13.90 -24.57 -18.04
N LYS B 176 -14.65 -24.15 -19.06
CA LYS B 176 -14.13 -23.19 -20.06
C LYS B 176 -14.65 -21.78 -19.77
N ILE B 177 -13.81 -20.80 -20.05
CA ILE B 177 -14.20 -19.38 -20.20
C ILE B 177 -13.80 -18.94 -21.61
N TYR B 178 -14.78 -18.54 -22.41
CA TYR B 178 -14.58 -18.06 -23.79
C TYR B 178 -14.52 -16.51 -23.77
N GLN B 179 -13.47 -15.91 -24.34
CA GLN B 179 -13.43 -14.46 -24.67
C GLN B 179 -13.90 -14.23 -26.10
N ILE B 180 -14.93 -13.40 -26.30
CA ILE B 180 -15.45 -13.00 -27.65
C ILE B 180 -14.27 -12.37 -28.41
N GLN B 181 -14.05 -12.76 -29.68
CA GLN B 181 -12.94 -12.26 -30.53
C GLN B 181 -12.99 -10.73 -30.57
N GLY B 182 -11.82 -10.09 -30.31
CA GLY B 182 -11.58 -8.64 -30.45
C GLY B 182 -12.16 -7.85 -29.29
N LYS B 183 -12.26 -8.49 -28.12
CA LYS B 183 -12.75 -7.89 -26.86
C LYS B 183 -11.67 -8.03 -25.81
N ALA B 184 -11.64 -7.09 -24.85
CA ALA B 184 -10.64 -7.10 -23.76
C ALA B 184 -11.37 -7.06 -22.43
N TRP B 185 -10.86 -7.79 -21.43
CA TRP B 185 -11.51 -7.80 -20.09
C TRP B 185 -11.48 -6.38 -19.53
N ASP B 186 -12.58 -5.96 -18.90
CA ASP B 186 -12.70 -4.58 -18.35
C ASP B 186 -11.67 -4.34 -17.23
N TRP B 187 -11.21 -3.09 -17.14
CA TRP B 187 -10.21 -2.67 -16.12
C TRP B 187 -10.50 -1.21 -15.73
N GLU B 188 -10.59 -0.91 -14.44
CA GLU B 188 -10.01 -1.75 -13.34
C GLU B 188 -11.07 -2.69 -12.76
N VAL B 189 -10.61 -3.85 -12.29
CA VAL B 189 -11.45 -4.90 -11.62
C VAL B 189 -10.57 -5.62 -10.59
N ASP B 190 -11.12 -6.65 -9.93
CA ASP B 190 -10.35 -7.45 -8.95
C ASP B 190 -9.36 -8.27 -9.76
N SER B 191 -8.16 -8.47 -9.22
CA SER B 191 -7.03 -9.03 -9.99
C SER B 191 -6.80 -10.51 -9.64
N GLU B 192 -7.67 -11.12 -8.83
CA GLU B 192 -7.65 -12.59 -8.60
C GLU B 192 -7.99 -13.23 -9.94
N ASN B 193 -7.30 -14.32 -10.29
CA ASN B 193 -7.39 -14.98 -11.63
C ASN B 193 -6.85 -14.03 -12.72
N GLY B 194 -5.98 -13.10 -12.34
CA GLY B 194 -5.32 -12.12 -13.25
C GLY B 194 -6.26 -10.97 -13.56
N ASN B 195 -7.47 -11.32 -14.01
CA ASN B 195 -8.60 -10.39 -14.27
C ASN B 195 -9.91 -11.11 -13.94
N TYR B 196 -10.65 -10.64 -12.92
CA TYR B 196 -11.92 -11.26 -12.45
C TYR B 196 -13.14 -10.55 -13.04
N ASP B 197 -13.02 -9.97 -14.22
CA ASP B 197 -14.18 -9.34 -14.92
C ASP B 197 -15.22 -10.43 -15.17
N TYR B 198 -14.78 -11.59 -15.67
CA TYR B 198 -15.69 -12.70 -15.99
C TYR B 198 -15.98 -13.48 -14.71
N LEU B 199 -17.27 -13.63 -14.37
CA LEU B 199 -17.72 -14.46 -13.25
C LEU B 199 -18.59 -15.61 -13.76
N MET B 200 -19.73 -15.24 -14.36
CA MET B 200 -20.73 -16.20 -14.87
C MET B 200 -21.57 -15.51 -15.95
N GLY B 201 -22.40 -16.32 -16.62
CA GLY B 201 -23.36 -15.89 -17.66
C GLY B 201 -22.65 -15.26 -18.84
N ALA B 202 -23.33 -14.33 -19.53
CA ALA B 202 -22.77 -13.46 -20.60
C ALA B 202 -22.23 -12.18 -19.94
N ASP B 203 -20.90 -11.97 -19.92
CA ASP B 203 -20.29 -10.86 -19.16
C ASP B 203 -20.40 -9.57 -19.97
N ILE B 204 -21.20 -8.61 -19.50
CA ILE B 204 -21.41 -7.29 -20.17
C ILE B 204 -20.05 -6.59 -20.34
N ASP B 205 -19.76 -6.10 -21.55
CA ASP B 205 -18.55 -5.32 -21.93
C ASP B 205 -18.82 -3.85 -21.61
N TYR B 206 -18.30 -3.35 -20.47
CA TYR B 206 -18.59 -1.96 -20.05
C TYR B 206 -17.71 -0.95 -20.78
N ASP B 207 -16.95 -1.43 -21.76
CA ASP B 207 -16.10 -0.54 -22.61
C ASP B 207 -16.97 -0.05 -23.76
N HIS B 208 -17.77 -0.96 -24.35
CA HIS B 208 -18.66 -0.54 -25.46
C HIS B 208 -19.55 0.61 -25.00
N PRO B 209 -19.53 1.79 -25.67
CA PRO B 209 -20.19 2.99 -25.12
C PRO B 209 -21.71 3.02 -25.36
N ASP B 210 -22.26 2.15 -26.22
CA ASP B 210 -23.73 1.98 -26.36
C ASP B 210 -24.28 1.40 -25.06
N VAL B 211 -23.57 0.39 -24.53
CA VAL B 211 -23.82 -0.29 -23.22
C VAL B 211 -23.76 0.75 -22.09
N GLN B 212 -22.68 1.53 -22.02
CA GLN B 212 -22.46 2.51 -20.94
C GLN B 212 -23.68 3.43 -20.82
N THR B 213 -24.21 3.94 -21.94
CA THR B 213 -25.32 4.93 -21.92
C THR B 213 -26.63 4.21 -21.61
N GLU B 214 -26.81 2.98 -22.14
CA GLU B 214 -28.08 2.23 -21.95
C GLU B 214 -28.23 1.88 -20.47
N VAL B 215 -27.17 1.37 -19.85
CA VAL B 215 -27.20 0.88 -18.43
C VAL B 215 -27.39 2.10 -17.49
N LYS B 216 -26.93 3.30 -17.85
CA LYS B 216 -27.21 4.51 -17.02
C LYS B 216 -28.65 4.98 -17.20
N ASN B 217 -29.31 4.65 -18.33
CA ASN B 217 -30.75 4.96 -18.55
C ASN B 217 -31.54 3.97 -17.73
N TRP B 218 -31.17 2.69 -17.80
CA TRP B 218 -31.83 1.62 -17.01
C TRP B 218 -31.82 2.11 -15.55
N GLY B 219 -30.65 2.53 -15.05
CA GLY B 219 -30.46 3.07 -13.70
C GLY B 219 -31.49 4.14 -13.38
N LYS B 220 -31.64 5.14 -14.24
CA LYS B 220 -32.59 6.26 -14.05
C LYS B 220 -34.01 5.71 -13.97
N TRP B 221 -34.34 4.79 -14.89
CA TRP B 221 -35.71 4.22 -15.06
C TRP B 221 -36.09 3.47 -13.78
N PHE B 222 -35.17 2.62 -13.32
CA PHE B 222 -35.35 1.76 -12.13
C PHE B 222 -35.59 2.64 -10.91
N VAL B 223 -34.67 3.57 -10.66
CA VAL B 223 -34.75 4.42 -9.44
C VAL B 223 -36.03 5.25 -9.52
N ASN B 224 -36.40 5.76 -10.71
CA ASN B 224 -37.60 6.65 -10.85
C ASN B 224 -38.87 5.80 -10.70
N THR B 225 -39.00 4.70 -11.46
CA THR B 225 -40.20 3.81 -11.51
C THR B 225 -40.56 3.32 -10.09
N LEU B 226 -39.59 2.95 -9.25
CA LEU B 226 -39.89 2.37 -7.91
C LEU B 226 -39.67 3.42 -6.81
N ASN B 227 -39.17 4.59 -7.17
CA ASN B 227 -38.98 5.75 -6.25
C ASN B 227 -38.04 5.33 -5.11
N LEU B 228 -36.89 4.76 -5.49
CA LEU B 228 -35.92 4.16 -4.55
C LEU B 228 -35.19 5.26 -3.80
N ASP B 229 -34.78 4.95 -2.57
CA ASP B 229 -33.94 5.82 -1.71
C ASP B 229 -32.49 5.37 -1.85
N GLY B 230 -32.24 4.23 -2.48
CA GLY B 230 -30.88 3.67 -2.54
C GLY B 230 -30.79 2.44 -3.42
N VAL B 231 -29.57 1.93 -3.59
CA VAL B 231 -29.30 0.71 -4.39
C VAL B 231 -28.27 -0.16 -3.62
N ARG B 232 -28.37 -1.46 -3.82
CA ARG B 232 -27.37 -2.45 -3.36
C ARG B 232 -26.77 -3.04 -4.63
N LEU B 233 -25.45 -2.95 -4.78
CA LEU B 233 -24.77 -3.19 -6.08
C LEU B 233 -24.09 -4.56 -6.03
N ASP B 234 -24.65 -5.53 -6.77
CA ASP B 234 -24.14 -6.94 -6.86
C ASP B 234 -22.77 -6.90 -7.54
N ALA B 235 -21.83 -7.62 -6.96
CA ALA B 235 -20.65 -8.19 -7.66
C ALA B 235 -19.74 -7.06 -8.15
N VAL B 236 -19.58 -5.97 -7.40
CA VAL B 236 -18.88 -4.77 -7.91
C VAL B 236 -17.43 -5.10 -8.24
N LYS B 237 -16.87 -6.14 -7.62
CA LYS B 237 -15.45 -6.52 -7.85
C LYS B 237 -15.29 -7.00 -9.30
N HIS B 238 -16.38 -7.46 -9.93
CA HIS B 238 -16.33 -8.00 -11.32
C HIS B 238 -16.89 -6.99 -12.32
N ILE B 239 -17.01 -5.73 -11.92
CA ILE B 239 -17.54 -4.66 -12.81
C ILE B 239 -16.48 -3.54 -12.88
N LYS B 240 -16.35 -2.88 -14.03
CA LYS B 240 -15.32 -1.81 -14.20
C LYS B 240 -15.54 -0.78 -13.08
N PHE B 241 -14.48 -0.46 -12.35
CA PHE B 241 -14.60 0.48 -11.19
C PHE B 241 -15.02 1.88 -11.67
N ASP B 242 -14.40 2.37 -12.75
CA ASP B 242 -14.72 3.74 -13.23
C ASP B 242 -16.16 3.83 -13.73
N TYR B 243 -16.64 2.81 -14.45
CA TYR B 243 -18.04 2.88 -14.95
C TYR B 243 -19.04 2.89 -13.79
N MET B 244 -18.82 2.00 -12.81
CA MET B 244 -19.73 1.95 -11.63
C MET B 244 -19.68 3.30 -10.95
N SER B 245 -18.48 3.85 -10.82
CA SER B 245 -18.26 5.19 -10.20
C SER B 245 -19.15 6.23 -10.87
N SER B 246 -19.11 6.27 -12.22
CA SER B 246 -19.83 7.29 -13.03
C SER B 246 -21.27 6.82 -13.30
N TRP B 247 -21.53 5.51 -13.28
CA TRP B 247 -22.92 4.97 -13.33
C TRP B 247 -23.70 5.59 -12.16
N LEU B 248 -23.07 5.64 -10.98
CA LEU B 248 -23.75 6.04 -9.73
C LEU B 248 -23.98 7.55 -9.74
N SER B 249 -23.00 8.36 -10.12
CA SER B 249 -23.19 9.84 -10.15
C SER B 249 -24.13 10.20 -11.30
N SER B 250 -24.13 9.46 -12.42
CA SER B 250 -25.14 9.66 -13.50
C SER B 250 -26.55 9.50 -12.92
N VAL B 251 -26.79 8.42 -12.19
CA VAL B 251 -28.16 8.10 -11.72
C VAL B 251 -28.61 9.17 -10.72
N LYS B 252 -27.70 9.57 -9.82
CA LYS B 252 -27.96 10.61 -8.78
C LYS B 252 -28.40 11.93 -9.47
N SER B 253 -27.71 12.29 -10.56
CA SER B 253 -28.00 13.55 -11.31
C SER B 253 -29.23 13.35 -12.18
N THR B 254 -29.31 12.32 -13.04
CA THR B 254 -30.49 12.09 -13.94
C THR B 254 -31.79 11.95 -13.14
N THR B 255 -31.80 11.49 -11.89
CA THR B 255 -33.04 11.29 -11.11
C THR B 255 -33.27 12.46 -10.16
N GLY B 256 -32.23 13.22 -9.84
CA GLY B 256 -32.29 14.30 -8.82
C GLY B 256 -32.23 13.77 -7.40
N LYS B 257 -32.29 12.45 -7.20
CA LYS B 257 -32.00 11.79 -5.90
C LYS B 257 -30.48 11.90 -5.68
N SER B 258 -29.98 13.03 -5.22
CA SER B 258 -28.52 13.27 -5.09
C SER B 258 -28.03 12.75 -3.74
N ASN B 259 -28.96 12.38 -2.86
CA ASN B 259 -28.71 11.72 -1.55
C ASN B 259 -28.87 10.20 -1.68
N LEU B 260 -29.10 9.68 -2.88
CA LEU B 260 -29.21 8.22 -3.16
C LEU B 260 -28.12 7.50 -2.38
N PHE B 261 -28.56 6.57 -1.52
CA PHE B 261 -27.69 5.68 -0.74
C PHE B 261 -27.24 4.53 -1.65
N ALA B 262 -26.01 4.09 -1.48
CA ALA B 262 -25.46 2.98 -2.28
C ALA B 262 -24.50 2.17 -1.42
N VAL B 263 -24.67 0.86 -1.43
CA VAL B 263 -23.74 -0.11 -0.79
C VAL B 263 -23.39 -1.13 -1.86
N GLY B 264 -22.12 -1.51 -1.95
CA GLY B 264 -21.65 -2.53 -2.92
C GLY B 264 -21.20 -3.79 -2.20
N GLU B 265 -21.40 -4.95 -2.85
CA GLU B 265 -20.83 -6.25 -2.44
C GLU B 265 -19.47 -6.35 -3.12
N TYR B 266 -18.39 -5.96 -2.42
CA TYR B 266 -17.01 -6.30 -2.82
C TYR B 266 -16.60 -7.49 -2.00
N TRP B 267 -16.75 -8.69 -2.54
CA TRP B 267 -16.46 -9.91 -1.75
C TRP B 267 -14.96 -10.13 -1.72
N ASN B 268 -14.30 -9.72 -0.65
CA ASN B 268 -12.85 -9.96 -0.44
C ASN B 268 -12.58 -9.90 1.06
N THR B 269 -11.79 -10.84 1.60
CA THR B 269 -11.52 -10.92 3.06
C THR B 269 -10.48 -9.86 3.46
N SER B 270 -9.84 -9.19 2.49
CA SER B 270 -8.73 -8.22 2.70
C SER B 270 -9.22 -6.77 2.62
N LEU B 271 -9.05 -6.01 3.70
CA LEU B 271 -9.47 -4.57 3.79
C LEU B 271 -8.77 -3.78 2.68
N GLY B 272 -7.53 -4.15 2.34
CA GLY B 272 -6.75 -3.51 1.26
C GLY B 272 -7.57 -3.40 -0.02
N ALA B 273 -8.14 -4.52 -0.47
CA ALA B 273 -8.90 -4.63 -1.74
C ALA B 273 -10.12 -3.69 -1.72
N LEU B 274 -10.70 -3.54 -0.53
CA LEU B 274 -11.94 -2.75 -0.30
C LEU B 274 -11.55 -1.28 -0.37
N GLU B 275 -10.56 -0.90 0.44
CA GLU B 275 -9.90 0.45 0.40
C GLU B 275 -9.59 0.79 -1.07
N ASN B 276 -8.97 -0.13 -1.83
CA ASN B 276 -8.67 0.11 -3.25
C ASN B 276 -9.94 0.55 -3.98
N TYR B 277 -11.03 -0.24 -3.85
CA TYR B 277 -12.29 -0.01 -4.59
C TYR B 277 -12.86 1.38 -4.19
N GLU B 278 -12.83 1.67 -2.89
CA GLU B 278 -13.31 2.97 -2.37
C GLU B 278 -12.53 4.09 -3.07
N ASN B 279 -11.19 4.00 -3.04
CA ASN B 279 -10.28 5.00 -3.66
C ASN B 279 -10.71 5.21 -5.11
N LYS B 280 -10.77 4.14 -5.90
CA LYS B 280 -11.12 4.21 -7.35
C LYS B 280 -12.57 4.61 -7.61
N THR B 281 -13.42 4.86 -6.60
CA THR B 281 -14.85 5.24 -6.78
C THR B 281 -15.18 6.46 -5.92
N ASN B 282 -14.16 7.23 -5.54
CA ASN B 282 -14.25 8.52 -4.78
C ASN B 282 -15.06 8.38 -3.50
N TRP B 283 -14.96 7.23 -2.82
CA TRP B 283 -15.66 7.02 -1.53
C TRP B 283 -17.14 7.45 -1.66
N SER B 284 -17.71 7.26 -2.85
CA SER B 284 -19.07 7.73 -3.20
C SER B 284 -20.12 6.72 -2.70
N MET B 285 -19.70 5.49 -2.36
CA MET B 285 -20.59 4.40 -1.87
C MET B 285 -19.97 3.70 -0.66
N SER B 286 -20.81 3.09 0.18
CA SER B 286 -20.46 2.16 1.29
C SER B 286 -20.19 0.75 0.73
N LEU B 287 -19.60 -0.11 1.56
CA LEU B 287 -19.35 -1.55 1.24
C LEU B 287 -19.77 -2.44 2.41
N PHE B 288 -20.18 -3.66 2.09
CA PHE B 288 -20.44 -4.68 3.11
C PHE B 288 -19.10 -5.00 3.80
N ASP B 289 -19.09 -4.96 5.14
CA ASP B 289 -17.90 -5.28 5.95
C ASP B 289 -17.65 -6.80 5.93
N VAL B 290 -17.19 -7.31 4.80
CA VAL B 290 -16.90 -8.76 4.63
C VAL B 290 -15.85 -9.21 5.65
N PRO B 291 -14.75 -8.47 5.88
CA PRO B 291 -13.75 -8.90 6.86
C PRO B 291 -14.33 -9.08 8.29
N LEU B 292 -15.28 -8.25 8.70
CA LEU B 292 -15.90 -8.39 10.04
C LEU B 292 -16.67 -9.73 10.07
N HIS B 293 -17.42 -10.02 9.00
CA HIS B 293 -18.14 -11.30 8.86
C HIS B 293 -17.16 -12.46 9.05
N MET B 294 -15.99 -12.40 8.42
CA MET B 294 -14.98 -13.49 8.48
C MET B 294 -14.48 -13.64 9.92
N ASN B 295 -14.35 -12.53 10.63
CA ASN B 295 -13.91 -12.51 12.04
C ASN B 295 -14.98 -13.14 12.92
N PHE B 296 -16.26 -12.81 12.66
CA PHE B 296 -17.39 -13.39 13.41
C PHE B 296 -17.36 -14.91 13.20
N GLN B 297 -17.17 -15.38 11.97
CA GLN B 297 -17.04 -16.84 11.71
C GLN B 297 -15.88 -17.39 12.52
N ALA B 298 -14.73 -16.73 12.55
CA ALA B 298 -13.53 -17.32 13.18
C ALA B 298 -13.81 -17.53 14.67
N ALA B 299 -14.46 -16.54 15.29
CA ALA B 299 -14.78 -16.53 16.72
C ALA B 299 -15.82 -17.62 17.02
N ALA B 300 -16.83 -17.72 16.17
CA ALA B 300 -17.89 -18.75 16.28
C ALA B 300 -17.26 -20.14 16.23
N ASN B 301 -16.26 -20.35 15.36
CA ASN B 301 -15.65 -21.69 15.20
C ASN B 301 -14.39 -21.82 16.09
N GLY B 302 -14.10 -20.86 16.95
CA GLY B 302 -12.85 -20.86 17.74
C GLY B 302 -12.94 -21.68 19.01
N GLY B 303 -14.15 -22.12 19.36
CA GLY B 303 -14.42 -22.93 20.57
C GLY B 303 -13.99 -22.24 21.83
N GLY B 304 -13.97 -20.91 21.85
CA GLY B 304 -13.68 -20.12 23.06
C GLY B 304 -12.27 -19.59 23.02
N TYR B 305 -11.49 -20.09 22.06
CA TYR B 305 -10.03 -19.85 22.00
C TYR B 305 -9.71 -18.71 21.03
N TYR B 306 -10.67 -18.20 20.23
CA TYR B 306 -10.51 -16.94 19.46
C TYR B 306 -10.10 -15.85 20.45
N ASP B 307 -9.23 -14.96 19.97
CA ASP B 307 -8.74 -13.81 20.77
C ASP B 307 -9.67 -12.61 20.51
N MET B 308 -10.65 -12.42 21.38
CA MET B 308 -11.77 -11.47 21.17
C MET B 308 -11.21 -10.04 21.08
N ARG B 309 -9.95 -9.82 21.45
CA ARG B 309 -9.32 -8.49 21.28
C ARG B 309 -9.19 -8.15 19.81
N ASN B 310 -9.12 -9.14 18.92
CA ASN B 310 -8.89 -8.92 17.47
C ASN B 310 -10.21 -8.88 16.69
N LEU B 311 -11.36 -8.92 17.37
CA LEU B 311 -12.65 -9.10 16.68
C LEU B 311 -12.84 -8.03 15.58
N LEU B 312 -12.39 -6.80 15.79
CA LEU B 312 -12.68 -5.68 14.86
C LEU B 312 -11.46 -5.36 13.95
N ASN B 313 -10.32 -6.02 14.14
CA ASN B 313 -9.11 -5.78 13.32
C ASN B 313 -9.44 -5.96 11.84
N ASN B 314 -9.00 -5.02 10.99
CA ASN B 314 -8.93 -5.16 9.51
C ASN B 314 -10.33 -5.12 8.93
N THR B 315 -11.20 -4.31 9.53
CA THR B 315 -12.64 -4.23 9.17
C THR B 315 -12.97 -2.82 8.72
N MET B 316 -13.91 -2.69 7.81
CA MET B 316 -14.50 -1.37 7.50
C MET B 316 -15.10 -0.78 8.78
N MET B 317 -15.65 -1.60 9.67
CA MET B 317 -16.28 -1.09 10.90
C MET B 317 -15.26 -0.24 11.66
N LYS B 318 -14.06 -0.76 11.91
CA LYS B 318 -13.04 -0.08 12.77
C LYS B 318 -12.44 1.08 11.99
N ASN B 319 -12.10 0.87 10.72
CA ASN B 319 -11.14 1.64 9.90
C ASN B 319 -11.81 2.67 8.97
N HIS B 320 -13.10 2.53 8.66
CA HIS B 320 -13.86 3.39 7.70
C HIS B 320 -15.34 3.33 8.01
N PRO B 321 -15.71 3.56 9.27
CA PRO B 321 -17.08 3.36 9.74
C PRO B 321 -18.16 4.06 8.91
N ILE B 322 -17.82 5.19 8.30
CA ILE B 322 -18.87 5.97 7.57
C ILE B 322 -19.28 5.21 6.32
N GLN B 323 -18.40 4.36 5.76
CA GLN B 323 -18.65 3.63 4.50
C GLN B 323 -18.86 2.14 4.79
N ALA B 324 -19.03 1.75 6.05
CA ALA B 324 -19.26 0.34 6.47
C ALA B 324 -20.75 0.04 6.59
N VAL B 325 -21.20 -0.97 5.86
CA VAL B 325 -22.48 -1.68 6.19
C VAL B 325 -22.09 -3.02 6.82
N THR B 326 -22.31 -3.13 8.13
CA THR B 326 -21.95 -4.31 8.95
C THR B 326 -23.07 -5.36 8.85
N PHE B 327 -22.70 -6.63 8.82
CA PHE B 327 -23.64 -7.78 8.76
C PHE B 327 -23.03 -9.00 9.48
N VAL B 328 -23.86 -9.95 9.88
CA VAL B 328 -23.40 -11.22 10.50
C VAL B 328 -23.44 -12.33 9.46
N ASP B 329 -24.53 -12.41 8.68
CA ASP B 329 -24.73 -13.45 7.64
C ASP B 329 -25.64 -12.88 6.54
N ASN B 330 -25.65 -13.52 5.37
CA ASN B 330 -26.48 -13.06 4.23
C ASN B 330 -26.83 -14.27 3.36
N HIS B 331 -27.56 -14.04 2.28
CA HIS B 331 -28.04 -15.08 1.36
C HIS B 331 -26.87 -15.89 0.80
N ASP B 332 -25.69 -15.29 0.71
CA ASP B 332 -24.52 -15.92 0.05
C ASP B 332 -23.77 -16.78 1.11
N THR B 333 -23.79 -16.38 2.38
CA THR B 333 -23.05 -17.07 3.48
C THR B 333 -23.90 -18.16 4.17
N GLU B 334 -25.21 -18.24 3.87
CA GLU B 334 -26.13 -19.15 4.58
C GLU B 334 -25.84 -20.57 4.13
N PRO B 335 -26.23 -21.59 4.90
CA PRO B 335 -25.84 -22.97 4.61
C PRO B 335 -26.22 -23.37 3.18
N GLY B 336 -25.28 -23.95 2.45
CA GLY B 336 -25.51 -24.53 1.11
C GLY B 336 -25.25 -23.53 0.01
N GLN B 337 -25.13 -22.25 0.31
CA GLN B 337 -24.85 -21.24 -0.74
C GLN B 337 -23.34 -21.09 -0.99
N ALA B 338 -23.02 -20.21 -1.94
CA ALA B 338 -21.75 -20.15 -2.69
C ALA B 338 -20.60 -19.67 -1.81
N LEU B 339 -20.88 -18.86 -0.79
CA LEU B 339 -19.87 -18.29 0.11
C LEU B 339 -20.12 -18.77 1.54
N GLN B 340 -20.68 -19.97 1.70
CA GLN B 340 -21.08 -20.56 3.01
C GLN B 340 -19.98 -20.21 4.00
N SER B 341 -20.31 -19.49 5.05
CA SER B 341 -19.37 -19.03 6.10
C SER B 341 -20.22 -18.66 7.32
N TRP B 342 -21.15 -19.55 7.64
CA TRP B 342 -22.27 -19.31 8.60
C TRP B 342 -21.70 -19.12 10.00
N VAL B 343 -22.30 -18.21 10.75
CA VAL B 343 -21.98 -17.95 12.18
C VAL B 343 -22.94 -18.79 13.05
N SER B 344 -22.39 -19.74 13.82
CA SER B 344 -23.14 -20.63 14.74
C SER B 344 -24.12 -19.80 15.59
N ASP B 345 -25.24 -20.44 15.96
CA ASP B 345 -26.27 -19.90 16.87
C ASP B 345 -25.66 -19.30 18.15
N TRP B 346 -24.66 -19.93 18.76
CA TRP B 346 -24.20 -19.49 20.10
C TRP B 346 -23.51 -18.12 20.00
N PHE B 347 -22.82 -17.87 18.90
CA PHE B 347 -22.01 -16.63 18.73
C PHE B 347 -22.87 -15.54 18.09
N LYS B 348 -23.92 -15.89 17.36
CA LYS B 348 -24.73 -14.94 16.55
C LYS B 348 -25.17 -13.75 17.40
N PRO B 349 -25.67 -13.92 18.64
CA PRO B 349 -26.04 -12.77 19.47
C PRO B 349 -24.87 -11.85 19.84
N LEU B 350 -23.66 -12.39 20.05
CA LEU B 350 -22.43 -11.60 20.30
C LEU B 350 -22.14 -10.74 19.07
N ALA B 351 -22.29 -11.33 17.87
CA ALA B 351 -22.01 -10.66 16.59
C ALA B 351 -23.01 -9.53 16.41
N TYR B 352 -24.31 -9.80 16.60
CA TYR B 352 -25.39 -8.80 16.38
C TYR B 352 -25.27 -7.69 17.43
N ALA B 353 -24.83 -8.01 18.65
CA ALA B 353 -24.63 -6.98 19.70
C ALA B 353 -23.49 -6.05 19.27
N THR B 354 -22.44 -6.64 18.69
CA THR B 354 -21.28 -5.91 18.15
C THR B 354 -21.76 -4.89 17.11
N ILE B 355 -22.61 -5.25 16.16
CA ILE B 355 -22.94 -4.32 15.04
C ILE B 355 -24.09 -3.38 15.43
N LEU B 356 -24.86 -3.68 16.47
CA LEU B 356 -26.13 -2.98 16.80
C LEU B 356 -25.92 -1.98 17.93
N THR B 357 -24.96 -2.19 18.85
CA THR B 357 -24.80 -1.31 20.03
C THR B 357 -23.56 -0.40 19.89
N ARG B 358 -22.84 -0.45 18.79
CA ARG B 358 -21.62 0.38 18.59
C ARG B 358 -21.91 1.51 17.60
N GLN B 359 -21.21 2.63 17.76
CA GLN B 359 -21.47 3.83 16.94
C GLN B 359 -20.98 3.59 15.49
N GLU B 360 -19.98 2.74 15.29
CA GLU B 360 -19.40 2.49 13.95
C GLU B 360 -20.34 1.64 13.07
N GLY B 361 -20.56 2.03 11.83
CA GLY B 361 -21.25 1.19 10.83
C GLY B 361 -22.76 1.42 10.77
N TYR B 362 -23.33 1.15 9.59
CA TYR B 362 -24.78 0.97 9.30
C TYR B 362 -25.06 -0.53 9.35
N PRO B 363 -25.63 -1.04 10.45
CA PRO B 363 -25.88 -2.47 10.59
C PRO B 363 -27.08 -2.97 9.78
N CYS B 364 -26.98 -4.22 9.33
CA CYS B 364 -27.95 -4.93 8.46
C CYS B 364 -28.36 -6.25 9.11
N VAL B 365 -29.64 -6.33 9.49
CA VAL B 365 -30.23 -7.58 10.05
C VAL B 365 -30.65 -8.46 8.88
N PHE B 366 -30.20 -9.72 8.87
CA PHE B 366 -30.59 -10.76 7.89
C PHE B 366 -32.00 -11.32 8.18
N TYR B 367 -32.87 -11.35 7.17
CA TYR B 367 -34.20 -12.01 7.22
C TYR B 367 -34.02 -13.47 7.70
N GLY B 368 -33.03 -14.14 7.14
CA GLY B 368 -32.77 -15.55 7.49
C GLY B 368 -32.54 -15.71 8.98
N ASP B 369 -32.02 -14.67 9.62
CA ASP B 369 -31.76 -14.72 11.07
C ASP B 369 -33.05 -14.34 11.78
N TYR B 370 -33.68 -13.25 11.38
CA TYR B 370 -34.84 -12.68 12.12
C TYR B 370 -36.01 -13.65 12.06
N TYR B 371 -36.33 -14.14 10.87
CA TYR B 371 -37.52 -15.00 10.61
C TYR B 371 -37.13 -16.47 10.49
N GLY B 372 -35.84 -16.80 10.42
CA GLY B 372 -35.39 -18.20 10.38
C GLY B 372 -35.27 -18.72 8.96
N ILE B 373 -34.65 -19.90 8.84
CA ILE B 373 -34.47 -20.62 7.53
C ILE B 373 -34.98 -22.04 7.72
N PRO B 374 -36.29 -22.25 7.51
CA PRO B 374 -36.88 -23.57 7.74
C PRO B 374 -36.20 -24.66 6.91
N SER B 375 -35.80 -24.37 5.68
CA SER B 375 -35.23 -25.42 4.80
C SER B 375 -33.85 -25.87 5.36
N GLN B 376 -33.23 -25.16 6.29
CA GLN B 376 -31.96 -25.61 6.92
C GLN B 376 -32.13 -25.72 8.43
N SER B 377 -33.34 -25.82 8.94
CA SER B 377 -33.60 -26.06 10.39
C SER B 377 -32.94 -24.97 11.26
N VAL B 378 -33.00 -23.72 10.83
CA VAL B 378 -32.48 -22.56 11.60
C VAL B 378 -33.66 -21.90 12.31
N SER B 379 -33.64 -21.86 13.65
CA SER B 379 -34.73 -21.20 14.43
C SER B 379 -34.75 -19.74 14.02
N ALA B 380 -35.88 -19.07 14.11
CA ALA B 380 -35.95 -17.59 14.03
C ALA B 380 -35.31 -17.01 15.30
N LYS B 381 -34.56 -15.92 15.14
CA LYS B 381 -33.82 -15.30 16.25
C LYS B 381 -34.55 -14.00 16.67
N SER B 382 -35.74 -13.76 16.12
CA SER B 382 -36.59 -12.55 16.31
C SER B 382 -36.78 -12.19 17.81
N THR B 383 -37.03 -13.17 18.68
CA THR B 383 -37.34 -12.93 20.10
C THR B 383 -36.18 -12.18 20.76
N TRP B 384 -34.93 -12.62 20.59
CA TRP B 384 -33.76 -11.97 21.25
C TRP B 384 -33.25 -10.81 20.41
N LEU B 385 -33.38 -10.88 19.09
CA LEU B 385 -32.97 -9.76 18.20
C LEU B 385 -33.81 -8.53 18.54
N ASP B 386 -35.11 -8.70 18.85
CA ASP B 386 -36.03 -7.57 19.14
C ASP B 386 -35.50 -6.73 20.30
N LYS B 387 -34.94 -7.40 21.32
CA LYS B 387 -34.37 -6.78 22.54
C LYS B 387 -33.07 -6.05 22.17
N GLN B 388 -32.23 -6.63 21.30
CA GLN B 388 -30.99 -5.95 20.84
C GLN B 388 -31.41 -4.74 20.01
N LEU B 389 -32.43 -4.87 19.17
CA LEU B 389 -32.89 -3.77 18.30
C LEU B 389 -33.51 -2.66 19.16
N SER B 390 -34.16 -3.03 20.27
CA SER B 390 -34.67 -2.06 21.27
C SER B 390 -33.49 -1.27 21.85
N ALA B 391 -32.45 -1.96 22.32
CA ALA B 391 -31.19 -1.34 22.78
C ALA B 391 -30.70 -0.33 21.73
N ARG B 392 -30.55 -0.74 20.47
CA ARG B 392 -30.07 0.18 19.41
C ARG B 392 -31.01 1.39 19.26
N LYS B 393 -32.31 1.15 19.12
CA LYS B 393 -33.33 2.19 18.81
C LYS B 393 -33.37 3.26 19.91
N SER B 394 -33.29 2.85 21.17
CA SER B 394 -33.65 3.72 22.32
C SER B 394 -32.47 4.00 23.25
N TYR B 395 -31.33 3.27 23.16
CA TYR B 395 -30.27 3.38 24.19
C TYR B 395 -28.86 3.58 23.62
N ALA B 396 -28.55 3.13 22.39
CA ALA B 396 -27.17 3.13 21.84
C ALA B 396 -26.83 4.51 21.27
N TYR B 397 -26.53 5.44 22.17
CA TYR B 397 -26.40 6.89 21.88
C TYR B 397 -25.30 7.50 22.74
N GLY B 398 -24.57 8.48 22.19
CA GLY B 398 -23.63 9.31 22.96
C GLY B 398 -22.25 8.70 22.98
N THR B 399 -21.32 9.29 23.73
CA THR B 399 -19.88 8.93 23.70
C THR B 399 -19.72 7.43 23.96
N GLN B 400 -18.92 6.76 23.15
CA GLN B 400 -18.55 5.33 23.30
C GLN B 400 -17.20 5.23 24.00
N HIS B 401 -17.05 4.29 24.94
CA HIS B 401 -15.75 3.89 25.54
C HIS B 401 -15.55 2.39 25.27
N ASP B 402 -14.43 2.01 24.65
CA ASP B 402 -14.12 0.63 24.22
C ASP B 402 -13.22 -0.06 25.25
N TYR B 403 -13.51 -1.32 25.57
CA TYR B 403 -12.66 -2.16 26.45
C TYR B 403 -12.45 -3.50 25.75
N LEU B 404 -11.79 -3.44 24.59
CA LEU B 404 -11.49 -4.64 23.80
C LEU B 404 -10.13 -5.21 24.24
N ASP B 405 -10.08 -5.63 25.51
CA ASP B 405 -8.83 -5.76 26.29
C ASP B 405 -8.68 -7.15 26.95
N ASN B 406 -9.41 -8.20 26.53
CA ASN B 406 -9.22 -9.57 27.08
C ASN B 406 -9.57 -10.61 26.02
N GLN B 407 -8.88 -11.75 26.03
CA GLN B 407 -9.02 -12.82 25.01
C GLN B 407 -10.45 -13.36 24.99
N ASP B 408 -11.13 -13.25 26.14
CA ASP B 408 -12.47 -13.87 26.34
C ASP B 408 -13.49 -12.75 26.52
N VAL B 409 -13.38 -11.97 27.58
CA VAL B 409 -14.41 -10.96 27.97
C VAL B 409 -14.09 -9.59 27.35
N ILE B 410 -14.98 -9.00 26.58
CA ILE B 410 -14.80 -7.63 26.03
C ILE B 410 -16.10 -6.87 26.24
N GLY B 411 -16.05 -5.57 26.01
CA GLY B 411 -17.21 -4.70 26.23
C GLY B 411 -16.95 -3.29 25.75
N TRP B 412 -18.00 -2.50 25.74
CA TRP B 412 -17.95 -1.06 25.44
C TRP B 412 -19.17 -0.42 26.11
N THR B 413 -19.13 0.90 26.34
CA THR B 413 -20.26 1.66 26.92
C THR B 413 -20.70 2.74 25.94
N ARG B 414 -21.92 3.24 26.14
CA ARG B 414 -22.47 4.43 25.45
C ARG B 414 -23.07 5.31 26.54
N GLU B 415 -22.66 6.58 26.62
CA GLU B 415 -22.95 7.49 27.76
C GLU B 415 -24.43 7.89 27.72
N GLY B 416 -25.07 7.87 26.55
CA GLY B 416 -26.39 8.48 26.32
C GLY B 416 -26.21 9.88 25.76
N ASP B 417 -27.23 10.39 25.08
CA ASP B 417 -27.40 11.81 24.64
C ASP B 417 -28.66 12.30 25.34
N SER B 418 -28.96 13.60 25.32
CA SER B 418 -30.21 14.16 25.92
C SER B 418 -31.40 14.04 24.95
N ALA B 419 -31.15 13.97 23.63
CA ALA B 419 -32.20 13.74 22.60
C ALA B 419 -33.03 12.47 22.88
N HIS B 420 -32.43 11.41 23.42
CA HIS B 420 -33.12 10.11 23.71
C HIS B 420 -33.17 9.89 25.22
N ALA B 421 -34.34 10.11 25.83
CA ALA B 421 -34.64 9.87 27.26
C ALA B 421 -34.03 8.54 27.70
N GLY B 422 -33.56 8.45 28.95
CA GLY B 422 -33.13 7.22 29.63
C GLY B 422 -31.98 6.50 28.93
N SER B 423 -31.40 7.12 27.89
CA SER B 423 -30.48 6.42 26.95
C SER B 423 -29.11 6.25 27.62
N GLY B 424 -28.27 5.38 27.04
CA GLY B 424 -27.00 4.86 27.61
C GLY B 424 -27.03 3.36 27.78
N LEU B 425 -25.90 2.68 27.56
CA LEU B 425 -25.79 1.22 27.80
C LEU B 425 -24.34 0.78 28.04
N ALA B 426 -24.22 -0.42 28.59
CA ALA B 426 -22.95 -1.18 28.74
C ALA B 426 -23.16 -2.57 28.14
N THR B 427 -22.52 -2.83 27.02
CA THR B 427 -22.48 -4.17 26.38
C THR B 427 -21.24 -4.92 26.89
N VAL B 428 -21.42 -6.14 27.37
CA VAL B 428 -20.31 -7.01 27.82
C VAL B 428 -20.61 -8.44 27.35
N MET B 429 -19.59 -9.16 26.90
CA MET B 429 -19.75 -10.47 26.22
C MET B 429 -18.47 -11.30 26.44
N SER B 430 -18.60 -12.62 26.42
CA SER B 430 -17.43 -13.52 26.53
C SER B 430 -17.57 -14.66 25.51
N ASP B 431 -16.48 -14.92 24.77
CA ASP B 431 -16.35 -16.08 23.85
C ASP B 431 -16.11 -17.31 24.72
N GLY B 432 -15.93 -17.13 26.03
CA GLY B 432 -15.45 -18.18 26.95
C GLY B 432 -16.17 -18.14 28.30
N PRO B 433 -15.49 -18.36 29.44
CA PRO B 433 -16.16 -18.32 30.74
C PRO B 433 -16.79 -16.96 31.04
N GLY B 434 -17.76 -16.96 31.95
CA GLY B 434 -18.45 -15.74 32.37
C GLY B 434 -17.53 -14.79 33.11
N GLY B 435 -17.91 -13.51 33.20
CA GLY B 435 -17.14 -12.51 33.95
C GLY B 435 -17.86 -11.18 34.05
N SER B 436 -17.09 -10.18 34.44
CA SER B 436 -17.44 -8.78 34.76
C SER B 436 -16.52 -7.91 33.91
N LYS B 437 -16.94 -6.70 33.59
CA LYS B 437 -15.97 -5.61 33.33
C LYS B 437 -16.42 -4.39 34.11
N THR B 438 -15.47 -3.67 34.69
CA THR B 438 -15.72 -2.32 35.23
C THR B 438 -15.55 -1.32 34.08
N MET B 439 -16.64 -0.62 33.73
CA MET B 439 -16.60 0.32 32.57
C MET B 439 -17.33 1.60 32.96
N TYR B 440 -16.98 2.71 32.30
CA TYR B 440 -17.50 4.07 32.59
C TYR B 440 -18.71 4.29 31.69
N VAL B 441 -19.91 4.47 32.25
CA VAL B 441 -21.13 4.79 31.45
C VAL B 441 -21.46 6.28 31.55
N GLY B 442 -20.71 7.04 32.36
CA GLY B 442 -20.97 8.48 32.63
C GLY B 442 -21.39 8.77 34.06
N THR B 443 -20.81 9.83 34.66
CA THR B 443 -21.12 10.33 36.04
C THR B 443 -22.59 10.77 36.10
N ALA B 444 -23.13 11.27 34.98
CA ALA B 444 -24.58 11.50 34.68
C ALA B 444 -25.46 10.39 35.28
N HIS B 445 -25.04 9.13 35.20
CA HIS B 445 -25.86 7.93 35.51
C HIS B 445 -25.64 7.47 36.96
N ALA B 446 -24.87 8.21 37.76
CA ALA B 446 -24.50 7.80 39.13
C ALA B 446 -25.77 7.50 39.93
N GLY B 447 -25.75 6.43 40.74
CA GLY B 447 -26.89 6.02 41.59
C GLY B 447 -27.97 5.24 40.83
N GLN B 448 -28.03 5.31 39.49
CA GLN B 448 -29.03 4.56 38.67
C GLN B 448 -28.77 3.06 38.80
N VAL B 449 -29.83 2.27 38.67
CA VAL B 449 -29.77 0.78 38.63
C VAL B 449 -29.97 0.30 37.17
N PHE B 450 -29.05 -0.50 36.64
CA PHE B 450 -29.11 -1.07 35.27
C PHE B 450 -29.62 -2.51 35.32
N LYS B 451 -30.43 -2.90 34.33
CA LYS B 451 -30.92 -4.27 34.09
C LYS B 451 -30.32 -4.80 32.77
N ASP B 452 -30.33 -6.12 32.58
CA ASP B 452 -29.89 -6.76 31.29
C ASP B 452 -31.10 -6.77 30.34
N ILE B 453 -31.14 -5.85 29.38
CA ILE B 453 -32.30 -5.80 28.43
C ILE B 453 -32.44 -7.14 27.70
N THR B 454 -31.39 -7.96 27.63
CA THR B 454 -31.44 -9.24 26.88
C THR B 454 -32.21 -10.27 27.68
N GLY B 455 -32.25 -10.15 29.01
CA GLY B 455 -32.90 -11.15 29.86
C GLY B 455 -31.98 -12.31 30.23
N ASN B 456 -30.77 -12.35 29.65
CA ASN B 456 -29.78 -13.42 29.86
C ASN B 456 -29.34 -13.44 31.32
N ARG B 457 -29.33 -12.28 31.99
CA ARG B 457 -29.02 -12.23 33.44
C ARG B 457 -30.15 -11.47 34.14
N THR B 458 -30.50 -11.90 35.35
CA THR B 458 -31.60 -11.34 36.18
C THR B 458 -31.07 -10.39 37.26
N ASP B 459 -29.77 -10.40 37.56
CA ASP B 459 -29.19 -9.41 38.50
C ASP B 459 -29.16 -8.02 37.85
N THR B 460 -28.88 -7.02 38.68
CA THR B 460 -28.84 -5.57 38.33
C THR B 460 -27.49 -4.99 38.71
N VAL B 461 -27.07 -3.95 38.03
CA VAL B 461 -25.77 -3.26 38.27
C VAL B 461 -26.09 -1.85 38.72
N THR B 462 -25.56 -1.46 39.88
CA THR B 462 -25.76 -0.11 40.45
C THR B 462 -24.56 0.76 40.04
N ILE B 463 -24.81 1.93 39.45
CA ILE B 463 -23.72 2.82 38.98
C ILE B 463 -23.22 3.62 40.19
N ASN B 464 -21.92 3.52 40.49
CA ASN B 464 -21.25 4.28 41.58
C ASN B 464 -21.17 5.76 41.16
N SER B 465 -20.76 6.64 42.07
CA SER B 465 -20.74 8.12 41.84
C SER B 465 -19.56 8.52 40.96
N ALA B 466 -18.54 7.68 40.78
CA ALA B 466 -17.46 7.90 39.77
C ALA B 466 -17.99 7.68 38.33
N GLY B 467 -19.22 7.14 38.17
CA GLY B 467 -19.87 6.88 36.86
C GLY B 467 -19.50 5.51 36.27
N ASN B 468 -19.06 4.58 37.11
CA ASN B 468 -18.66 3.21 36.69
C ASN B 468 -19.66 2.19 37.22
N GLY B 469 -19.80 1.10 36.48
CA GLY B 469 -20.49 -0.13 36.91
C GLY B 469 -19.57 -1.30 36.70
N THR B 470 -19.82 -2.38 37.44
CA THR B 470 -19.21 -3.71 37.19
C THR B 470 -20.28 -4.60 36.56
N PHE B 471 -20.13 -4.83 35.25
CA PHE B 471 -21.15 -5.43 34.36
C PHE B 471 -20.79 -6.88 34.04
N PRO B 472 -21.62 -7.84 34.50
CA PRO B 472 -21.39 -9.25 34.20
C PRO B 472 -22.08 -9.74 32.92
N CYS B 473 -21.55 -10.82 32.37
CA CYS B 473 -22.16 -11.63 31.30
C CYS B 473 -22.01 -13.11 31.67
N ASN B 474 -22.84 -13.96 31.07
CA ASN B 474 -22.68 -15.43 31.15
C ASN B 474 -21.48 -15.85 30.29
N GLY B 475 -20.98 -17.08 30.48
CA GLY B 475 -20.07 -17.73 29.52
C GLY B 475 -20.71 -17.85 28.16
N GLY B 476 -19.94 -17.60 27.09
CA GLY B 476 -20.39 -17.69 25.69
C GLY B 476 -21.72 -17.01 25.46
N SER B 477 -21.99 -15.88 26.13
CA SER B 477 -23.20 -15.06 25.85
C SER B 477 -22.82 -13.58 25.92
N VAL B 478 -23.83 -12.71 25.86
CA VAL B 478 -23.71 -11.24 25.87
C VAL B 478 -24.82 -10.69 26.77
N SER B 479 -24.53 -9.67 27.55
CA SER B 479 -25.56 -8.90 28.28
C SER B 479 -25.44 -7.44 27.82
N ILE B 480 -26.60 -6.76 27.70
CA ILE B 480 -26.66 -5.33 27.31
C ILE B 480 -27.41 -4.63 28.42
N TRP B 481 -26.66 -3.84 29.19
CA TRP B 481 -27.13 -3.22 30.46
C TRP B 481 -27.65 -1.81 30.18
N VAL B 482 -28.85 -1.51 30.67
CA VAL B 482 -29.54 -0.19 30.45
C VAL B 482 -30.23 0.20 31.75
N LYS B 483 -30.43 1.51 31.94
CA LYS B 483 -31.20 2.10 33.08
C LYS B 483 -32.51 1.30 33.20
N GLN B 484 -32.72 0.70 34.36
CA GLN B 484 -33.97 -0.04 34.72
C GLN B 484 -35.14 0.92 34.52
CA GLY C 4 -1.83 52.83 -30.96
C GLY C 4 -0.73 51.80 -30.64
N ASP C 5 -0.47 51.54 -29.35
CA ASP C 5 0.85 51.14 -28.73
C ASP C 5 0.81 49.84 -27.91
N ASN C 6 1.98 49.33 -27.50
CA ASN C 6 2.06 48.12 -26.62
C ASN C 6 1.38 48.43 -25.29
N GLY C 7 0.86 47.39 -24.64
CA GLY C 7 0.24 47.46 -23.31
C GLY C 7 1.11 46.78 -22.27
N THR C 8 1.12 47.31 -21.05
CA THR C 8 1.97 46.80 -19.96
C THR C 8 1.23 46.99 -18.64
N MET C 9 1.01 45.90 -17.93
CA MET C 9 0.31 45.91 -16.64
C MET C 9 1.38 46.10 -15.57
N MET C 10 0.98 46.58 -14.40
CA MET C 10 1.81 46.59 -13.17
C MET C 10 0.93 46.13 -12.00
N GLN C 11 1.37 45.08 -11.30
CA GLN C 11 0.83 44.70 -9.98
C GLN C 11 1.32 45.74 -9.00
N TYR C 12 0.45 46.62 -8.51
CA TYR C 12 0.85 47.77 -7.67
C TYR C 12 0.68 47.40 -6.20
N PHE C 13 1.29 46.29 -5.80
CA PHE C 13 1.47 45.94 -4.37
C PHE C 13 2.43 44.76 -4.24
N GLU C 14 2.85 44.50 -3.01
CA GLU C 14 3.52 43.25 -2.60
C GLU C 14 3.00 42.94 -1.19
N TRP C 15 3.30 41.74 -0.72
CA TRP C 15 2.73 41.18 0.52
C TRP C 15 3.10 42.01 1.75
N TYR C 16 4.37 42.44 1.81
CA TYR C 16 5.02 42.94 3.05
C TYR C 16 5.02 44.47 3.05
N LEU C 17 4.17 45.11 2.26
CA LEU C 17 3.97 46.58 2.40
C LEU C 17 3.62 46.89 3.83
N PRO C 18 4.06 48.05 4.36
CA PRO C 18 3.73 48.43 5.74
C PRO C 18 2.24 48.79 5.82
N ASN C 19 1.66 48.51 6.99
CA ASN C 19 0.24 48.83 7.28
C ASN C 19 0.15 50.30 7.69
N ASP C 20 0.28 51.24 6.75
CA ASP C 20 0.32 52.68 7.08
C ASP C 20 -0.78 53.45 6.33
N GLY C 21 -1.69 52.78 5.65
CA GLY C 21 -2.79 53.44 4.95
C GLY C 21 -2.34 54.46 3.91
N THR C 22 -1.25 54.20 3.19
CA THR C 22 -0.69 55.15 2.18
C THR C 22 -0.62 54.62 0.75
N LEU C 23 -0.93 53.35 0.48
CA LEU C 23 -0.73 52.80 -0.89
C LEU C 23 -1.60 53.57 -1.90
N TRP C 24 -2.85 53.90 -1.57
CA TRP C 24 -3.74 54.62 -2.53
C TRP C 24 -3.13 55.99 -2.84
N THR C 25 -2.81 56.76 -1.80
CA THR C 25 -2.07 58.04 -1.90
C THR C 25 -0.93 57.88 -2.91
N LYS C 26 -0.02 56.93 -2.66
CA LYS C 26 1.23 56.72 -3.45
C LYS C 26 0.88 56.41 -4.92
N MET C 27 -0.03 55.47 -5.14
CA MET C 27 -0.49 55.05 -6.50
C MET C 27 -0.93 56.29 -7.28
N GLY C 28 -1.76 57.14 -6.65
CA GLY C 28 -2.19 58.46 -7.17
C GLY C 28 -0.98 59.25 -7.65
N SER C 29 -0.02 59.51 -6.76
CA SER C 29 1.22 60.30 -7.08
C SER C 29 1.98 59.65 -8.23
N ASP C 30 2.08 58.32 -8.22
CA ASP C 30 2.90 57.57 -9.20
C ASP C 30 2.31 57.60 -10.63
N ALA C 31 1.05 57.98 -10.77
CA ALA C 31 0.33 57.95 -12.07
C ALA C 31 1.22 58.45 -13.22
N SER C 32 1.71 59.69 -13.15
CA SER C 32 2.37 60.29 -14.34
C SER C 32 3.74 59.63 -14.59
N HIS C 33 4.43 59.18 -13.53
CA HIS C 33 5.69 58.39 -13.59
C HIS C 33 5.41 57.06 -14.30
N LEU C 34 4.40 56.33 -13.85
CA LEU C 34 3.98 55.03 -14.46
C LEU C 34 3.74 55.28 -15.96
N LYS C 35 3.07 56.37 -16.35
CA LYS C 35 2.80 56.56 -17.80
C LYS C 35 4.12 56.76 -18.53
N SER C 36 5.08 57.49 -17.96
CA SER C 36 6.35 57.81 -18.66
C SER C 36 7.16 56.52 -18.93
N ILE C 37 6.98 55.45 -18.15
CA ILE C 37 7.76 54.17 -18.31
C ILE C 37 6.92 53.15 -19.11
N GLY C 38 5.66 53.46 -19.43
CA GLY C 38 4.87 52.70 -20.42
C GLY C 38 3.82 51.80 -19.77
N ILE C 39 3.41 52.11 -18.56
CA ILE C 39 2.34 51.33 -17.88
C ILE C 39 1.01 51.82 -18.42
N THR C 40 0.22 50.90 -18.99
CA THR C 40 -1.10 51.20 -19.60
C THR C 40 -2.22 50.73 -18.66
N GLY C 41 -1.90 49.86 -17.71
CA GLY C 41 -2.89 49.28 -16.78
C GLY C 41 -2.28 48.87 -15.45
N VAL C 42 -3.03 49.05 -14.38
CA VAL C 42 -2.58 48.81 -12.98
C VAL C 42 -3.54 47.87 -12.28
N TRP C 43 -3.02 46.75 -11.79
CA TRP C 43 -3.80 45.84 -10.93
C TRP C 43 -3.54 46.25 -9.47
N PHE C 44 -4.56 46.68 -8.75
CA PHE C 44 -4.46 47.13 -7.34
C PHE C 44 -5.09 46.06 -6.44
N PRO C 45 -4.64 45.93 -5.18
CA PRO C 45 -5.04 44.79 -4.35
C PRO C 45 -6.45 44.89 -3.77
N PRO C 46 -6.94 43.82 -3.12
CA PRO C 46 -8.27 43.85 -2.55
C PRO C 46 -8.50 45.15 -1.74
N ALA C 47 -9.44 45.96 -2.21
CA ALA C 47 -9.71 47.34 -1.75
C ALA C 47 -10.74 47.39 -0.61
N TYR C 48 -11.34 46.25 -0.27
CA TYR C 48 -12.45 46.13 0.70
C TYR C 48 -11.90 45.59 2.03
N LYS C 49 -12.70 45.71 3.08
CA LYS C 49 -12.27 45.51 4.49
C LYS C 49 -12.03 44.02 4.73
N GLY C 50 -10.83 43.69 5.20
CA GLY C 50 -10.48 42.32 5.61
C GLY C 50 -10.75 42.14 7.10
N GLN C 51 -10.30 41.02 7.66
CA GLN C 51 -10.60 40.60 9.05
C GLN C 51 -9.85 41.49 10.06
N SER C 52 -8.85 42.24 9.62
CA SER C 52 -8.05 43.20 10.45
C SER C 52 -7.63 44.36 9.56
N GLN C 53 -7.13 45.43 10.19
CA GLN C 53 -6.68 46.60 9.41
C GLN C 53 -5.50 46.18 8.55
N SER C 54 -4.70 45.25 9.05
CA SER C 54 -3.39 44.89 8.47
C SER C 54 -3.55 43.81 7.40
N ASP C 55 -4.75 43.28 7.19
CA ASP C 55 -4.98 42.21 6.20
C ASP C 55 -4.52 42.71 4.82
N VAL C 56 -3.78 41.87 4.10
CA VAL C 56 -3.27 42.16 2.73
C VAL C 56 -4.47 42.28 1.79
N GLY C 57 -5.63 41.68 2.12
CA GLY C 57 -6.88 41.82 1.35
C GLY C 57 -7.64 40.51 1.12
N TYR C 58 -6.94 39.38 1.17
CA TYR C 58 -7.48 38.07 0.78
C TYR C 58 -8.29 37.50 1.96
N GLY C 59 -8.19 38.07 3.16
CA GLY C 59 -9.02 37.64 4.31
C GLY C 59 -10.29 38.48 4.36
N VAL C 60 -11.10 38.37 3.29
CA VAL C 60 -12.27 39.22 2.99
C VAL C 60 -13.31 39.16 4.11
N TYR C 61 -13.68 40.33 4.63
CA TYR C 61 -14.78 40.49 5.63
C TYR C 61 -16.02 41.04 4.92
N ASP C 62 -15.95 42.27 4.43
CA ASP C 62 -17.13 43.02 3.89
C ASP C 62 -16.77 43.69 2.56
N MET C 63 -17.32 43.22 1.45
CA MET C 63 -16.87 43.71 0.12
C MET C 63 -17.54 45.04 -0.20
N TYR C 64 -18.43 45.54 0.67
CA TYR C 64 -19.16 46.82 0.47
C TYR C 64 -18.46 47.95 1.26
N ASP C 65 -17.48 47.59 2.08
CA ASP C 65 -16.64 48.53 2.89
C ASP C 65 -15.29 48.75 2.19
N LEU C 66 -15.17 49.80 1.39
CA LEU C 66 -13.90 50.13 0.71
C LEU C 66 -13.02 51.03 1.59
N GLY C 67 -13.00 50.82 2.90
CA GLY C 67 -12.33 51.71 3.87
C GLY C 67 -13.15 52.97 4.03
N GLU C 68 -14.44 52.77 4.31
CA GLU C 68 -15.47 53.83 4.44
C GLU C 68 -16.09 53.75 5.84
N PHE C 69 -16.31 52.55 6.35
CA PHE C 69 -17.08 52.25 7.58
C PHE C 69 -16.12 51.80 8.67
N ASN C 70 -16.48 52.01 9.93
CA ASN C 70 -15.64 51.59 11.08
C ASN C 70 -16.03 50.16 11.44
N GLN C 71 -15.26 49.18 10.96
CA GLN C 71 -15.41 47.74 11.31
C GLN C 71 -14.01 47.15 11.50
N LYS C 72 -13.93 46.09 12.30
CA LYS C 72 -12.65 45.39 12.57
C LYS C 72 -11.65 46.40 13.13
N GLY C 73 -12.16 47.43 13.82
CA GLY C 73 -11.39 48.41 14.61
C GLY C 73 -10.74 49.51 13.77
N THR C 74 -11.14 49.70 12.51
CA THR C 74 -10.52 50.68 11.59
C THR C 74 -11.56 51.16 10.58
N VAL C 75 -11.40 52.38 10.07
CA VAL C 75 -12.16 52.84 8.89
C VAL C 75 -11.37 52.38 7.67
N ARG C 76 -10.11 52.79 7.54
CA ARG C 76 -9.28 52.47 6.35
C ARG C 76 -8.96 50.96 6.31
N THR C 77 -8.79 50.44 5.08
CA THR C 77 -8.13 49.15 4.80
C THR C 77 -6.62 49.29 5.07
N LYS C 78 -5.82 48.25 4.89
CA LYS C 78 -4.34 48.38 4.95
C LYS C 78 -3.91 49.51 4.00
N TYR C 79 -4.68 49.76 2.95
CA TYR C 79 -4.20 50.51 1.78
C TYR C 79 -4.64 51.99 1.83
N GLY C 80 -5.65 52.32 2.65
CA GLY C 80 -6.22 53.69 2.73
C GLY C 80 -7.75 53.71 2.75
N THR C 81 -8.34 54.85 2.37
CA THR C 81 -9.80 55.16 2.44
C THR C 81 -10.42 55.13 1.04
N LYS C 82 -11.72 54.85 0.98
CA LYS C 82 -12.49 54.87 -0.29
C LYS C 82 -12.16 56.17 -1.05
N ALA C 83 -12.17 57.30 -0.32
CA ALA C 83 -11.87 58.65 -0.84
C ALA C 83 -10.52 58.57 -1.56
N GLN C 84 -9.49 58.02 -0.87
CA GLN C 84 -8.06 58.03 -1.34
C GLN C 84 -7.96 57.16 -2.59
N LEU C 85 -8.62 55.98 -2.58
CA LEU C 85 -8.70 55.06 -3.76
C LEU C 85 -9.35 55.71 -4.98
N GLN C 86 -10.50 56.39 -4.79
CA GLN C 86 -11.18 57.09 -5.89
C GLN C 86 -10.26 58.20 -6.45
N SER C 87 -9.49 58.95 -5.64
CA SER C 87 -8.59 60.02 -6.16
C SER C 87 -7.51 59.37 -7.04
N ALA C 88 -6.99 58.24 -6.56
CA ALA C 88 -5.92 57.48 -7.23
C ALA C 88 -6.41 56.95 -8.58
N ILE C 89 -7.63 56.41 -8.63
CA ILE C 89 -8.16 55.84 -9.89
C ILE C 89 -8.36 57.01 -10.87
N THR C 90 -8.85 58.16 -10.40
CA THR C 90 -9.05 59.37 -11.25
C THR C 90 -7.70 59.76 -11.85
N SER C 91 -6.67 59.78 -11.00
CA SER C 91 -5.30 60.16 -11.39
C SER C 91 -4.76 59.17 -12.45
N LEU C 92 -4.96 57.86 -12.24
CA LEU C 92 -4.56 56.83 -13.23
C LEU C 92 -5.26 57.18 -14.55
N HIS C 93 -6.58 57.38 -14.50
CA HIS C 93 -7.41 57.71 -15.68
C HIS C 93 -6.87 58.98 -16.35
N ASN C 94 -6.62 60.05 -15.60
CA ASN C 94 -6.06 61.31 -16.17
C ASN C 94 -4.73 61.02 -16.86
N ASN C 95 -3.96 59.98 -16.51
CA ASN C 95 -2.69 59.67 -17.21
C ASN C 95 -2.89 58.54 -18.24
N GLY C 96 -4.14 58.23 -18.57
CA GLY C 96 -4.46 57.23 -19.61
C GLY C 96 -4.00 55.85 -19.18
N ILE C 97 -4.23 55.50 -17.91
CA ILE C 97 -3.91 54.17 -17.35
C ILE C 97 -5.23 53.54 -16.88
N GLN C 98 -5.40 52.25 -17.17
CA GLN C 98 -6.59 51.45 -16.79
C GLN C 98 -6.45 50.95 -15.35
N ALA C 99 -7.56 50.75 -14.67
CA ALA C 99 -7.59 50.30 -13.26
C ALA C 99 -8.31 48.96 -13.18
N TYR C 100 -7.60 47.94 -12.69
CA TYR C 100 -8.10 46.56 -12.53
C TYR C 100 -8.15 46.29 -11.03
N GLY C 101 -9.34 46.01 -10.48
CA GLY C 101 -9.52 45.74 -9.04
C GLY C 101 -9.43 44.25 -8.74
N ASP C 102 -8.81 43.92 -7.62
CA ASP C 102 -8.66 42.50 -7.19
C ASP C 102 -10.02 42.11 -6.65
N VAL C 103 -10.54 40.97 -7.13
CA VAL C 103 -11.90 40.47 -6.78
C VAL C 103 -11.72 39.11 -6.12
N VAL C 104 -12.12 38.98 -4.86
CA VAL C 104 -11.92 37.78 -4.02
C VAL C 104 -13.29 37.21 -3.62
N LEU C 105 -13.71 36.15 -4.31
CA LEU C 105 -15.10 35.62 -4.23
C LEU C 105 -15.12 34.24 -3.58
N ASN C 106 -13.98 33.60 -3.38
CA ASN C 106 -13.92 32.20 -2.90
C ASN C 106 -14.60 32.08 -1.53
N HIS C 107 -14.37 33.00 -0.60
CA HIS C 107 -14.62 32.79 0.86
C HIS C 107 -14.89 34.11 1.58
N ARG C 108 -15.15 34.02 2.89
CA ARG C 108 -15.15 35.15 3.85
C ARG C 108 -14.46 34.70 5.13
N MET C 109 -13.92 35.65 5.89
CA MET C 109 -13.33 35.44 7.24
C MET C 109 -13.63 36.64 8.13
N GLY C 110 -13.39 36.48 9.42
CA GLY C 110 -13.69 37.48 10.46
C GLY C 110 -15.18 37.62 10.64
N ALA C 111 -15.92 36.51 10.59
CA ALA C 111 -17.36 36.50 10.90
C ALA C 111 -17.52 37.18 12.27
N ASP C 112 -18.60 37.97 12.44
CA ASP C 112 -18.90 38.74 13.68
C ASP C 112 -19.25 37.80 14.82
N ALA C 113 -19.89 36.65 14.58
CA ALA C 113 -20.04 35.62 15.65
C ALA C 113 -20.27 34.24 15.04
N THR C 114 -20.17 33.23 15.91
CA THR C 114 -20.36 31.80 15.59
C THR C 114 -21.86 31.51 15.51
N GLU C 115 -22.23 30.49 14.74
CA GLU C 115 -23.56 29.86 14.70
C GLU C 115 -23.34 28.36 14.99
N THR C 116 -24.15 27.75 15.85
CA THR C 116 -24.14 26.28 16.02
C THR C 116 -24.83 25.65 14.81
N ILE C 117 -24.19 24.67 14.16
CA ILE C 117 -24.71 24.01 12.92
C ILE C 117 -24.22 22.57 12.87
N SER C 118 -24.94 21.74 12.14
CA SER C 118 -24.59 20.32 11.91
C SER C 118 -23.60 20.28 10.74
N ALA C 119 -22.48 19.58 10.91
CA ALA C 119 -21.47 19.37 9.86
C ALA C 119 -20.78 18.03 10.05
N VAL C 120 -20.24 17.49 8.94
CA VAL C 120 -19.40 16.25 8.89
C VAL C 120 -17.96 16.65 8.57
N GLU C 121 -16.98 15.90 9.08
CA GLU C 121 -15.57 16.05 8.66
C GLU C 121 -15.34 15.31 7.33
N VAL C 122 -14.62 15.95 6.41
CA VAL C 122 -14.09 15.31 5.18
C VAL C 122 -12.56 15.23 5.29
N ASN C 123 -11.96 14.40 4.46
CA ASN C 123 -10.50 14.12 4.40
C ASN C 123 -9.86 15.24 3.60
N PRO C 124 -8.91 16.00 4.19
CA PRO C 124 -8.22 17.08 3.47
C PRO C 124 -7.51 16.66 2.17
N SER C 125 -7.08 15.40 2.04
CA SER C 125 -6.51 14.83 0.79
C SER C 125 -7.61 14.46 -0.20
N ASN C 126 -8.85 14.27 0.27
CA ASN C 126 -9.98 13.83 -0.59
C ASN C 126 -11.27 14.34 0.02
N ARG C 127 -11.74 15.51 -0.40
CA ARG C 127 -12.88 16.21 0.24
C ARG C 127 -14.18 15.49 -0.15
N ASN C 128 -14.12 14.64 -1.18
CA ASN C 128 -15.23 13.75 -1.63
C ASN C 128 -15.46 12.66 -0.55
N GLN C 129 -14.43 12.23 0.18
CA GLN C 129 -14.50 11.19 1.26
C GLN C 129 -14.91 11.83 2.60
N VAL C 130 -16.08 11.49 3.12
CA VAL C 130 -16.57 11.88 4.47
C VAL C 130 -15.89 10.98 5.52
N THR C 131 -15.54 11.52 6.69
CA THR C 131 -14.73 10.81 7.71
C THR C 131 -15.36 10.92 9.10
N SER C 132 -16.57 11.47 9.23
CA SER C 132 -17.34 11.39 10.51
C SER C 132 -18.84 11.53 10.24
N GLY C 133 -19.64 11.15 11.24
CA GLY C 133 -21.08 11.42 11.24
C GLY C 133 -21.30 12.90 11.46
N ALA C 134 -22.53 13.36 11.17
CA ALA C 134 -23.02 14.72 11.49
C ALA C 134 -22.83 14.98 12.99
N TYR C 135 -22.58 16.23 13.36
CA TYR C 135 -22.61 16.69 14.77
C TYR C 135 -22.49 18.22 14.80
N ASN C 136 -22.73 18.76 15.98
CA ASN C 136 -22.85 20.21 16.20
C ASN C 136 -21.45 20.80 16.37
N ILE C 137 -21.13 21.83 15.57
CA ILE C 137 -19.90 22.67 15.66
C ILE C 137 -20.36 24.12 15.82
N SER C 138 -19.50 24.97 16.36
CA SER C 138 -19.64 26.45 16.42
C SER C 138 -18.77 27.03 15.29
N ALA C 139 -19.37 27.43 14.18
CA ALA C 139 -18.70 27.84 12.93
C ALA C 139 -18.77 29.35 12.77
N TRP C 140 -17.70 29.96 12.27
CA TRP C 140 -17.64 31.43 12.10
C TRP C 140 -18.34 31.81 10.78
N THR C 141 -19.68 31.87 10.79
CA THR C 141 -20.50 32.04 9.56
C THR C 141 -21.48 33.22 9.65
N ASP C 142 -21.51 33.99 10.76
CA ASP C 142 -22.47 35.11 10.96
C ASP C 142 -21.79 36.45 10.62
N PHE C 143 -22.12 37.01 9.45
CA PHE C 143 -21.61 38.31 8.97
C PHE C 143 -22.75 39.35 9.02
N GLU C 144 -22.71 40.25 10.02
CA GLU C 144 -23.81 41.21 10.31
C GLU C 144 -23.45 42.59 9.75
N PHE C 145 -22.16 42.90 9.61
CA PHE C 145 -21.65 44.19 9.09
C PHE C 145 -22.16 45.34 9.96
N PRO C 146 -21.93 45.31 11.30
CA PRO C 146 -22.46 46.31 12.22
C PRO C 146 -22.12 47.75 11.80
N GLY C 147 -20.88 48.06 11.44
CA GLY C 147 -20.49 49.47 11.17
C GLY C 147 -21.01 50.03 9.84
N ARG C 148 -21.60 49.19 8.99
CA ARG C 148 -22.12 49.69 7.68
C ARG C 148 -23.60 50.06 7.82
N GLY C 149 -24.30 49.42 8.76
CA GLY C 149 -25.73 49.72 9.03
C GLY C 149 -26.62 49.59 7.80
N ASN C 150 -26.39 48.55 6.98
CA ASN C 150 -27.16 48.20 5.76
C ASN C 150 -26.90 49.16 4.59
N THR C 151 -25.87 50.00 4.67
CA THR C 151 -25.59 50.93 3.55
C THR C 151 -25.19 50.08 2.33
N TYR C 152 -25.74 50.43 1.15
CA TYR C 152 -25.53 49.76 -0.18
C TYR C 152 -26.23 48.40 -0.26
N SER C 153 -25.88 47.44 0.60
CA SER C 153 -26.50 46.10 0.60
C SER C 153 -26.97 45.72 2.00
N SER C 154 -28.21 45.20 2.12
CA SER C 154 -28.78 44.76 3.43
C SER C 154 -28.58 43.25 3.56
N PHE C 155 -27.77 42.68 2.67
CA PHE C 155 -27.45 41.23 2.60
C PHE C 155 -26.54 40.88 3.79
N LYS C 156 -26.94 39.84 4.54
CA LYS C 156 -26.21 39.31 5.71
C LYS C 156 -25.91 37.83 5.42
N TRP C 157 -24.70 37.38 5.74
CA TRP C 157 -24.26 35.99 5.49
C TRP C 157 -24.49 35.15 6.74
N HIS C 158 -25.01 33.93 6.56
CA HIS C 158 -25.20 32.91 7.63
C HIS C 158 -24.77 31.53 7.08
N SER C 159 -24.66 30.54 7.97
CA SER C 159 -24.15 29.18 7.69
C SER C 159 -24.68 28.61 6.38
N TYR C 160 -25.96 28.85 6.09
CA TYR C 160 -26.67 28.28 4.91
C TYR C 160 -26.20 28.95 3.62
N TYR C 161 -25.21 29.87 3.66
CA TYR C 161 -24.64 30.43 2.40
C TYR C 161 -23.25 29.87 2.12
N PHE C 162 -22.72 29.00 3.00
CA PHE C 162 -21.36 28.41 2.96
C PHE C 162 -21.43 26.88 2.84
N ASP C 163 -20.56 26.30 2.02
CA ASP C 163 -20.41 24.82 1.85
C ASP C 163 -19.56 24.19 2.96
N GLY C 164 -18.76 24.96 3.72
CA GLY C 164 -17.76 24.40 4.66
C GLY C 164 -16.94 25.43 5.43
N VAL C 165 -16.28 25.00 6.51
CA VAL C 165 -15.32 25.81 7.32
C VAL C 165 -14.13 24.93 7.76
N ASP C 166 -13.10 25.52 8.34
CA ASP C 166 -11.92 24.73 8.78
C ASP C 166 -11.74 24.94 10.28
N TRP C 167 -12.80 25.39 10.97
CA TRP C 167 -12.63 25.65 12.42
C TRP C 167 -13.94 25.58 13.21
N ASP C 168 -13.99 24.65 14.17
CA ASP C 168 -15.03 24.46 15.20
C ASP C 168 -14.60 25.21 16.47
N GLN C 169 -15.20 26.37 16.75
CA GLN C 169 -14.78 27.25 17.88
C GLN C 169 -14.96 26.51 19.20
N SER C 170 -15.97 25.63 19.28
CA SER C 170 -16.29 24.86 20.51
C SER C 170 -15.16 23.87 20.83
N ARG C 171 -14.55 23.17 19.86
CA ARG C 171 -13.56 22.09 20.13
C ARG C 171 -12.12 22.50 19.77
N GLN C 172 -11.95 23.44 18.81
CA GLN C 172 -10.66 24.11 18.46
C GLN C 172 -9.56 23.11 18.02
N LEU C 173 -9.69 22.47 16.88
CA LEU C 173 -8.77 21.39 16.42
C LEU C 173 -8.12 21.77 15.09
N SER C 174 -6.86 21.38 14.93
CA SER C 174 -6.06 21.58 13.70
C SER C 174 -6.43 20.53 12.64
N GLY C 175 -6.23 20.89 11.38
CA GLY C 175 -6.12 19.94 10.25
C GLY C 175 -7.46 19.44 9.78
N LYS C 176 -8.57 20.05 10.22
CA LYS C 176 -9.93 19.59 9.84
C LYS C 176 -10.50 20.46 8.72
N ILE C 177 -11.31 19.86 7.86
CA ILE C 177 -12.28 20.54 6.98
C ILE C 177 -13.68 20.01 7.31
N TYR C 178 -14.57 20.89 7.75
CA TYR C 178 -15.99 20.59 8.05
C TYR C 178 -16.82 20.93 6.81
N GLN C 179 -17.64 19.98 6.32
CA GLN C 179 -18.73 20.24 5.34
C GLN C 179 -20.04 20.49 6.09
N ILE C 180 -20.69 21.64 5.87
CA ILE C 180 -22.01 21.98 6.47
C ILE C 180 -23.00 20.89 6.03
N GLN C 181 -23.82 20.36 6.96
CA GLN C 181 -24.83 19.28 6.69
C GLN C 181 -25.72 19.71 5.52
N GLY C 182 -25.87 18.82 4.54
CA GLY C 182 -26.79 18.96 3.39
C GLY C 182 -26.24 19.88 2.31
N LYS C 183 -24.92 20.01 2.23
CA LYS C 183 -24.22 20.86 1.23
C LYS C 183 -23.28 19.98 0.41
N ALA C 184 -23.01 20.37 -0.81
CA ALA C 184 -22.10 19.63 -1.72
C ALA C 184 -21.00 20.60 -2.13
N TRP C 185 -19.75 20.16 -2.03
CA TRP C 185 -18.62 20.89 -2.69
C TRP C 185 -19.07 21.27 -4.11
N ASP C 186 -18.82 22.50 -4.53
CA ASP C 186 -19.28 22.99 -5.87
C ASP C 186 -18.49 22.33 -7.00
N TRP C 187 -19.12 22.24 -8.19
CA TRP C 187 -18.52 21.64 -9.41
C TRP C 187 -18.97 22.49 -10.61
N GLU C 188 -18.14 22.64 -11.65
CA GLU C 188 -16.76 22.10 -11.75
C GLU C 188 -15.78 22.98 -10.98
N VAL C 189 -14.67 22.37 -10.55
CA VAL C 189 -13.54 23.04 -9.83
C VAL C 189 -12.26 22.25 -10.13
N ASP C 190 -11.14 22.65 -9.53
CA ASP C 190 -9.87 21.89 -9.69
C ASP C 190 -10.04 20.61 -8.89
N SER C 191 -9.46 19.52 -9.37
CA SER C 191 -9.73 18.17 -8.80
C SER C 191 -8.57 17.70 -7.88
N GLU C 192 -7.60 18.56 -7.57
CA GLU C 192 -6.55 18.24 -6.57
C GLU C 192 -7.27 18.13 -5.24
N ASN C 193 -6.91 17.16 -4.40
CA ASN C 193 -7.63 16.80 -3.15
C ASN C 193 -9.04 16.28 -3.47
N GLY C 194 -9.23 15.74 -4.67
CA GLY C 194 -10.51 15.19 -5.15
C GLY C 194 -11.48 16.26 -5.58
N ASN C 195 -11.68 17.26 -4.71
CA ASN C 195 -12.45 18.51 -4.99
C ASN C 195 -11.79 19.66 -4.20
N TYR C 196 -11.25 20.67 -4.92
CA TYR C 196 -10.49 21.83 -4.32
C TYR C 196 -11.41 23.06 -4.17
N ASP C 197 -12.72 22.87 -4.01
CA ASP C 197 -13.65 24.00 -3.75
C ASP C 197 -13.23 24.67 -2.44
N TYR C 198 -12.98 23.87 -1.40
CA TYR C 198 -12.61 24.40 -0.07
C TYR C 198 -11.10 24.70 -0.08
N LEU C 199 -10.75 25.93 0.27
CA LEU C 199 -9.34 26.39 0.43
C LEU C 199 -9.12 26.83 1.88
N MET C 200 -9.83 27.88 2.29
CA MET C 200 -9.71 28.47 3.64
C MET C 200 -10.99 29.24 3.97
N GLY C 201 -11.08 29.68 5.23
CA GLY C 201 -12.18 30.53 5.74
C GLY C 201 -13.51 29.82 5.67
N ALA C 202 -14.60 30.58 5.51
CA ALA C 202 -15.97 30.07 5.23
C ALA C 202 -16.15 29.99 3.70
N ASP C 203 -16.27 28.78 3.13
CA ASP C 203 -16.29 28.61 1.66
C ASP C 203 -17.68 28.91 1.12
N ILE C 204 -17.85 30.00 0.37
CA ILE C 204 -19.15 30.42 -0.21
C ILE C 204 -19.69 29.29 -1.08
N ASP C 205 -20.96 28.91 -0.88
CA ASP C 205 -21.73 27.90 -1.66
C ASP C 205 -22.31 28.57 -2.91
N TYR C 206 -21.72 28.34 -4.07
CA TYR C 206 -22.21 29.00 -5.31
C TYR C 206 -23.39 28.22 -5.92
N ASP C 207 -23.89 27.22 -5.20
CA ASP C 207 -25.10 26.49 -5.67
C ASP C 207 -26.31 27.28 -5.15
N HIS C 208 -26.22 27.81 -3.92
CA HIS C 208 -27.35 28.58 -3.36
C HIS C 208 -27.65 29.80 -4.23
N PRO C 209 -28.88 29.96 -4.79
CA PRO C 209 -29.13 30.98 -5.81
C PRO C 209 -29.34 32.39 -5.23
N ASP C 210 -29.56 32.53 -3.91
CA ASP C 210 -29.55 33.86 -3.23
C ASP C 210 -28.16 34.48 -3.33
N VAL C 211 -27.15 33.64 -3.07
CA VAL C 211 -25.69 33.95 -3.18
C VAL C 211 -25.37 34.35 -4.62
N GLN C 212 -25.74 33.53 -5.58
CA GLN C 212 -25.42 33.77 -7.02
C GLN C 212 -25.86 35.18 -7.42
N THR C 213 -27.06 35.62 -7.05
CA THR C 213 -27.57 36.92 -7.58
C THR C 213 -27.03 38.05 -6.68
N GLU C 214 -26.74 37.80 -5.39
CA GLU C 214 -26.15 38.86 -4.50
C GLU C 214 -24.74 39.20 -5.00
N VAL C 215 -23.94 38.18 -5.27
CA VAL C 215 -22.51 38.34 -5.69
C VAL C 215 -22.46 38.99 -7.08
N LYS C 216 -23.44 38.79 -7.95
CA LYS C 216 -23.47 39.51 -9.26
C LYS C 216 -23.88 40.97 -9.07
N ASN C 217 -24.61 41.31 -8.01
CA ASN C 217 -24.96 42.72 -7.67
C ASN C 217 -23.72 43.38 -7.11
N TRP C 218 -23.04 42.68 -6.18
CA TRP C 218 -21.78 43.19 -5.59
C TRP C 218 -20.86 43.56 -6.77
N GLY C 219 -20.71 42.65 -7.74
CA GLY C 219 -19.90 42.85 -8.96
C GLY C 219 -20.24 44.17 -9.64
N LYS C 220 -21.53 44.40 -9.89
CA LYS C 220 -22.02 45.62 -10.59
C LYS C 220 -21.63 46.84 -9.76
N TRP C 221 -21.87 46.77 -8.43
CA TRP C 221 -21.68 47.90 -7.49
C TRP C 221 -20.20 48.30 -7.49
N PHE C 222 -19.34 47.30 -7.36
CA PHE C 222 -17.87 47.46 -7.28
C PHE C 222 -17.39 48.12 -8.57
N VAL C 223 -17.70 47.52 -9.73
CA VAL C 223 -17.20 48.05 -11.03
C VAL C 223 -17.74 49.46 -11.23
N ASN C 224 -19.00 49.74 -10.86
CA ASN C 224 -19.63 51.07 -11.10
C ASN C 224 -19.01 52.09 -10.13
N THR C 225 -19.02 51.79 -8.82
CA THR C 225 -18.55 52.70 -7.73
C THR C 225 -17.12 53.18 -8.01
N LEU C 226 -16.21 52.32 -8.48
CA LEU C 226 -14.78 52.71 -8.68
C LEU C 226 -14.49 53.00 -10.15
N ASN C 227 -15.44 52.74 -11.04
CA ASN C 227 -15.33 53.00 -12.51
C ASN C 227 -14.14 52.18 -13.05
N LEU C 228 -14.14 50.89 -12.75
CA LEU C 228 -13.01 49.98 -13.11
C LEU C 228 -13.03 49.69 -14.61
N ASP C 229 -11.88 49.46 -15.19
CA ASP C 229 -11.71 49.06 -16.60
C ASP C 229 -11.56 47.53 -16.67
N GLY C 230 -11.40 46.88 -15.52
CA GLY C 230 -11.13 45.42 -15.47
C GLY C 230 -11.16 44.86 -14.06
N VAL C 231 -11.05 43.55 -13.96
CA VAL C 231 -10.99 42.83 -12.65
C VAL C 231 -9.87 41.77 -12.73
N ARG C 232 -9.28 41.49 -11.58
CA ARG C 232 -8.33 40.37 -11.40
C ARG C 232 -9.02 39.42 -10.42
N LEU C 233 -9.20 38.15 -10.82
CA LEU C 233 -10.10 37.21 -10.13
C LEU C 233 -9.27 36.22 -9.32
N ASP C 234 -9.32 36.37 -7.98
CA ASP C 234 -8.55 35.54 -7.00
C ASP C 234 -9.11 34.11 -7.07
N ALA C 235 -8.20 33.14 -7.14
CA ALA C 235 -8.44 31.74 -6.69
C ALA C 235 -9.50 31.08 -7.55
N VAL C 236 -9.52 31.33 -8.86
CA VAL C 236 -10.64 30.86 -9.74
C VAL C 236 -10.70 29.33 -9.74
N LYS C 237 -9.58 28.65 -9.45
CA LYS C 237 -9.54 27.16 -9.46
C LYS C 237 -10.44 26.64 -8.31
N HIS C 238 -10.66 27.44 -7.26
CA HIS C 238 -11.46 27.00 -6.09
C HIS C 238 -12.88 27.58 -6.14
N ILE C 239 -13.28 28.12 -7.29
CA ILE C 239 -14.64 28.72 -7.45
C ILE C 239 -15.34 27.99 -8.61
N LYS C 240 -16.66 27.82 -8.51
CA LYS C 240 -17.43 27.08 -9.55
C LYS C 240 -17.14 27.74 -10.90
N PHE C 241 -16.76 26.93 -11.90
CA PHE C 241 -16.38 27.44 -13.23
C PHE C 241 -17.55 28.11 -13.94
N ASP C 242 -18.73 27.48 -13.92
CA ASP C 242 -19.90 28.07 -14.63
C ASP C 242 -20.36 29.37 -13.97
N TYR C 243 -20.36 29.44 -12.64
CA TYR C 243 -20.82 30.68 -11.97
C TYR C 243 -19.88 31.85 -12.29
N MET C 244 -18.57 31.62 -12.22
CA MET C 244 -17.61 32.70 -12.53
C MET C 244 -17.85 33.13 -13.98
N SER C 245 -18.00 32.14 -14.86
CA SER C 245 -18.26 32.41 -16.31
C SER C 245 -19.42 33.38 -16.47
N SER C 246 -20.53 33.13 -15.78
CA SER C 246 -21.78 33.91 -15.90
C SER C 246 -21.75 35.12 -14.94
N TRP C 247 -20.97 35.04 -13.85
CA TRP C 247 -20.71 36.22 -12.98
C TRP C 247 -20.09 37.32 -13.86
N LEU C 248 -19.16 36.95 -14.73
CA LEU C 248 -18.38 37.93 -15.53
C LEU C 248 -19.27 38.52 -16.62
N SER C 249 -20.04 37.72 -17.36
CA SER C 249 -20.92 38.27 -18.43
C SER C 249 -22.08 39.05 -17.80
N SER C 250 -22.55 38.67 -16.61
CA SER C 250 -23.55 39.47 -15.84
C SER C 250 -22.99 40.88 -15.59
N VAL C 251 -21.77 40.97 -15.08
CA VAL C 251 -21.21 42.28 -14.65
C VAL C 251 -20.99 43.15 -15.90
N LYS C 252 -20.49 42.56 -16.99
CA LYS C 252 -20.24 43.24 -18.29
C LYS C 252 -21.56 43.85 -18.82
N SER C 253 -22.62 43.06 -18.69
CA SER C 253 -24.01 43.39 -19.10
C SER C 253 -24.58 44.44 -18.13
N THR C 254 -24.73 44.15 -16.83
CA THR C 254 -25.31 45.07 -15.80
C THR C 254 -24.59 46.43 -15.75
N THR C 255 -23.31 46.54 -16.08
CA THR C 255 -22.56 47.83 -15.98
C THR C 255 -22.49 48.50 -17.35
N GLY C 256 -22.66 47.74 -18.42
CA GLY C 256 -22.48 48.24 -19.80
C GLY C 256 -21.03 48.33 -20.21
N LYS C 257 -20.09 48.10 -19.29
CA LYS C 257 -18.64 47.92 -19.60
C LYS C 257 -18.52 46.55 -20.30
N SER C 258 -18.82 46.46 -21.59
CA SER C 258 -18.84 45.17 -22.32
C SER C 258 -17.42 44.85 -22.82
N ASN C 259 -16.48 45.81 -22.72
CA ASN C 259 -15.04 45.60 -23.00
C ASN C 259 -14.24 45.32 -21.71
N LEU C 260 -14.93 45.21 -20.55
CA LEU C 260 -14.30 44.94 -19.22
C LEU C 260 -13.24 43.86 -19.42
N PHE C 261 -12.01 44.18 -19.02
CA PHE C 261 -10.85 43.25 -19.03
C PHE C 261 -10.95 42.37 -17.78
N ALA C 262 -10.57 41.11 -17.93
CA ALA C 262 -10.56 40.17 -16.81
C ALA C 262 -9.38 39.20 -16.96
N VAL C 263 -8.63 39.05 -15.87
CA VAL C 263 -7.56 38.02 -15.76
C VAL C 263 -7.85 37.22 -14.48
N GLY C 264 -7.71 35.89 -14.55
CA GLY C 264 -7.91 35.01 -13.37
C GLY C 264 -6.59 34.39 -12.95
N GLU C 265 -6.43 34.15 -11.63
CA GLU C 265 -5.34 33.34 -11.06
C GLU C 265 -5.84 31.89 -11.01
N TYR C 266 -5.51 31.10 -12.03
CA TYR C 266 -5.61 29.63 -11.97
C TYR C 266 -4.22 29.11 -11.63
N TRP C 267 -3.98 28.83 -10.34
CA TRP C 267 -2.61 28.37 -9.97
C TRP C 267 -2.47 26.90 -10.33
N ASN C 268 -1.84 26.60 -11.46
CA ASN C 268 -1.49 25.20 -11.81
C ASN C 268 -0.32 25.23 -12.79
N THR C 269 0.68 24.37 -12.61
CA THR C 269 1.91 24.34 -13.43
C THR C 269 1.63 23.70 -14.79
N SER C 270 0.45 23.09 -14.97
CA SER C 270 0.06 22.32 -16.17
C SER C 270 -0.84 23.15 -17.10
N LEU C 271 -0.41 23.37 -18.35
CA LEU C 271 -1.18 24.13 -19.36
C LEU C 271 -2.55 23.49 -19.55
N GLY C 272 -2.60 22.15 -19.50
CA GLY C 272 -3.85 21.37 -19.61
C GLY C 272 -4.94 21.91 -18.72
N ALA C 273 -4.66 22.08 -17.43
CA ALA C 273 -5.62 22.52 -16.38
C ALA C 273 -6.18 23.90 -16.72
N LEU C 274 -5.32 24.74 -17.31
CA LEU C 274 -5.59 26.15 -17.64
C LEU C 274 -6.52 26.12 -18.86
N GLU C 275 -6.09 25.45 -19.93
CA GLU C 275 -6.90 25.16 -21.14
C GLU C 275 -8.29 24.66 -20.69
N ASN C 276 -8.36 23.69 -19.77
CA ASN C 276 -9.65 23.19 -19.26
C ASN C 276 -10.50 24.38 -18.77
N TYR C 277 -9.95 25.23 -17.91
CA TYR C 277 -10.68 26.36 -17.29
C TYR C 277 -11.17 27.32 -18.40
N GLU C 278 -10.29 27.60 -19.36
CA GLU C 278 -10.64 28.49 -20.49
C GLU C 278 -11.85 27.89 -21.22
N ASN C 279 -11.77 26.60 -21.58
CA ASN C 279 -12.85 25.85 -22.29
C ASN C 279 -14.15 26.04 -21.50
N LYS C 280 -14.17 25.69 -20.22
CA LYS C 280 -15.39 25.75 -19.37
C LYS C 280 -15.82 27.21 -19.06
N THR C 281 -15.16 28.26 -19.56
CA THR C 281 -15.55 29.68 -19.31
C THR C 281 -15.59 30.44 -20.64
N ASN C 282 -15.72 29.73 -21.76
CA ASN C 282 -15.87 30.28 -23.15
C ASN C 282 -14.75 31.25 -23.50
N TRP C 283 -13.54 31.00 -23.02
CA TRP C 283 -12.38 31.85 -23.39
C TRP C 283 -12.73 33.32 -23.16
N SER C 284 -13.57 33.61 -22.17
CA SER C 284 -14.12 34.96 -21.90
C SER C 284 -13.12 35.80 -21.09
N MET C 285 -12.10 35.18 -20.47
CA MET C 285 -11.08 35.88 -19.63
C MET C 285 -9.66 35.37 -19.95
N SER C 286 -8.65 36.20 -19.67
CA SER C 286 -7.20 35.86 -19.68
C SER C 286 -6.82 35.14 -18.38
N LEU C 287 -5.65 34.47 -18.37
CA LEU C 287 -5.08 33.82 -17.16
C LEU C 287 -3.61 34.20 -16.99
N PHE C 288 -3.16 34.25 -15.74
CA PHE C 288 -1.73 34.45 -15.44
C PHE C 288 -0.98 33.21 -15.94
N ASP C 289 0.04 33.41 -16.78
CA ASP C 289 0.85 32.33 -17.38
C ASP C 289 1.76 31.71 -16.30
N VAL C 290 1.15 30.94 -15.39
CA VAL C 290 1.90 30.23 -14.31
C VAL C 290 2.95 29.30 -14.90
N PRO C 291 2.69 28.51 -15.94
CA PRO C 291 3.73 27.64 -16.50
C PRO C 291 4.99 28.39 -16.97
N LEU C 292 4.84 29.59 -17.51
CA LEU C 292 6.00 30.41 -17.95
C LEU C 292 6.81 30.78 -16.70
N HIS C 293 6.11 31.21 -15.64
CA HIS C 293 6.75 31.52 -14.34
C HIS C 293 7.60 30.34 -13.88
N MET C 294 7.06 29.12 -13.97
CA MET C 294 7.74 27.89 -13.49
C MET C 294 8.98 27.64 -14.36
N ASN C 295 8.89 27.95 -15.65
CA ASN C 295 10.02 27.80 -16.60
C ASN C 295 11.11 28.81 -16.24
N PHE C 296 10.71 30.05 -15.92
CA PHE C 296 11.67 31.11 -15.51
C PHE C 296 12.39 30.61 -14.24
N GLN C 297 11.65 30.09 -13.26
CA GLN C 297 12.31 29.53 -12.06
C GLN C 297 13.28 28.42 -12.45
N ALA C 298 12.90 27.52 -13.35
CA ALA C 298 13.73 26.35 -13.66
C ALA C 298 15.07 26.83 -14.24
N ALA C 299 14.99 27.83 -15.12
CA ALA C 299 16.16 28.40 -15.83
C ALA C 299 17.04 29.13 -14.82
N ALA C 300 16.42 29.89 -13.91
CA ALA C 300 17.12 30.62 -12.84
C ALA C 300 17.90 29.64 -11.97
N ASN C 301 17.32 28.50 -11.66
CA ASN C 301 17.93 27.51 -10.75
C ASN C 301 18.71 26.45 -11.55
N GLY C 302 18.86 26.60 -12.86
CA GLY C 302 19.50 25.59 -13.72
C GLY C 302 21.02 25.66 -13.71
N GLY C 303 21.61 26.71 -13.14
CA GLY C 303 23.08 26.84 -13.08
C GLY C 303 23.70 26.88 -14.46
N GLY C 304 22.96 27.33 -15.48
CA GLY C 304 23.42 27.49 -16.86
C GLY C 304 23.04 26.30 -17.72
N TYR C 305 22.53 25.26 -17.08
CA TYR C 305 22.29 23.95 -17.72
C TYR C 305 20.82 23.78 -18.08
N TYR C 306 19.92 24.72 -17.78
CA TYR C 306 18.58 24.77 -18.41
C TYR C 306 18.76 24.84 -19.93
N ASP C 307 17.85 24.18 -20.66
CA ASP C 307 17.85 24.18 -22.13
C ASP C 307 16.97 25.33 -22.60
N MET C 308 17.59 26.48 -22.90
CA MET C 308 16.87 27.75 -23.15
C MET C 308 15.97 27.60 -24.38
N ARG C 309 16.16 26.56 -25.19
CA ARG C 309 15.24 26.30 -26.33
C ARG C 309 13.83 26.02 -25.83
N ASN C 310 13.67 25.51 -24.62
CA ASN C 310 12.35 25.09 -24.08
C ASN C 310 11.72 26.20 -23.24
N LEU C 311 12.29 27.39 -23.19
CA LEU C 311 11.85 28.43 -22.23
C LEU C 311 10.35 28.71 -22.37
N LEU C 312 9.78 28.65 -23.57
CA LEU C 312 8.36 29.03 -23.82
C LEU C 312 7.44 27.80 -23.90
N ASN C 313 7.97 26.59 -23.91
CA ASN C 313 7.15 25.36 -24.06
C ASN C 313 6.09 25.31 -22.97
N ASN C 314 4.85 25.02 -23.36
CA ASN C 314 3.73 24.60 -22.45
C ASN C 314 3.26 25.80 -21.66
N THR C 315 3.25 26.96 -22.30
CA THR C 315 2.91 28.27 -21.68
C THR C 315 1.70 28.85 -22.40
N MET C 316 0.88 29.61 -21.69
CA MET C 316 -0.15 30.44 -22.35
C MET C 316 0.54 31.40 -23.33
N MET C 317 1.74 31.88 -23.01
CA MET C 317 2.43 32.85 -23.89
C MET C 317 2.54 32.25 -25.30
N LYS C 318 3.03 31.02 -25.42
CA LYS C 318 3.32 30.39 -26.74
C LYS C 318 2.00 29.98 -27.40
N ASN C 319 1.11 29.36 -26.63
CA ASN C 319 0.01 28.47 -27.08
C ASN C 319 -1.34 29.21 -27.12
N HIS C 320 -1.52 30.34 -26.44
CA HIS C 320 -2.80 31.09 -26.32
C HIS C 320 -2.49 32.54 -25.97
N PRO C 321 -1.59 33.19 -26.73
CA PRO C 321 -1.09 34.52 -26.40
C PRO C 321 -2.18 35.57 -26.15
N ILE C 322 -3.33 35.42 -26.76
CA ILE C 322 -4.39 36.46 -26.67
C ILE C 322 -4.96 36.43 -25.24
N GLN C 323 -4.89 35.30 -24.53
CA GLN C 323 -5.47 35.12 -23.18
C GLN C 323 -4.36 35.02 -22.13
N ALA C 324 -3.11 35.31 -22.49
CA ALA C 324 -1.95 35.23 -21.57
C ALA C 324 -1.68 36.59 -20.92
N VAL C 325 -1.70 36.63 -19.58
CA VAL C 325 -1.00 37.68 -18.81
C VAL C 325 0.29 37.09 -18.26
N THR C 326 1.42 37.51 -18.83
CA THR C 326 2.78 37.05 -18.48
C THR C 326 3.29 37.81 -17.24
N PHE C 327 4.01 37.13 -16.36
CA PHE C 327 4.63 37.69 -15.13
C PHE C 327 5.93 36.94 -14.81
N VAL C 328 6.81 37.54 -14.01
CA VAL C 328 8.05 36.87 -13.54
C VAL C 328 7.85 36.38 -12.10
N ASP C 329 7.27 37.23 -11.26
CA ASP C 329 7.01 36.93 -9.83
C ASP C 329 5.78 37.74 -9.35
N ASN C 330 5.20 37.38 -8.21
CA ASN C 330 4.01 38.08 -7.68
C ASN C 330 4.01 37.95 -6.16
N HIS C 331 3.00 38.51 -5.51
CA HIS C 331 2.87 38.53 -4.04
C HIS C 331 2.87 37.10 -3.50
N ASP C 332 2.44 36.13 -4.29
CA ASP C 332 2.27 34.72 -3.81
C ASP C 332 3.61 33.99 -3.98
N THR C 333 4.42 34.34 -4.99
CA THR C 333 5.72 33.67 -5.30
C THR C 333 6.90 34.31 -4.56
N GLU C 334 6.69 35.46 -3.93
CA GLU C 334 7.79 36.22 -3.29
C GLU C 334 8.21 35.48 -2.04
N PRO C 335 9.44 35.71 -1.55
CA PRO C 335 9.96 34.91 -0.44
C PRO C 335 9.03 34.95 0.76
N GLY C 336 8.75 33.78 1.32
CA GLY C 336 8.01 33.61 2.58
C GLY C 336 6.53 33.46 2.35
N GLN C 337 6.04 33.75 1.16
CA GLN C 337 4.60 33.54 0.84
C GLN C 337 4.36 32.11 0.35
N ALA C 338 3.10 31.81 0.08
CA ALA C 338 2.52 30.46 0.07
C ALA C 338 2.97 29.68 -1.16
N LEU C 339 3.28 30.35 -2.26
CA LEU C 339 3.68 29.70 -3.53
C LEU C 339 5.12 30.10 -3.89
N GLN C 340 5.95 30.35 -2.86
CA GLN C 340 7.35 30.79 -3.00
C GLN C 340 7.94 30.00 -4.18
N SER C 341 8.40 30.70 -5.20
CA SER C 341 8.99 30.12 -6.43
C SER C 341 9.77 31.25 -7.10
N TRP C 342 10.55 31.97 -6.30
CA TRP C 342 11.19 33.25 -6.66
C TRP C 342 12.22 33.02 -7.78
N VAL C 343 12.31 33.97 -8.70
CA VAL C 343 13.30 33.99 -9.80
C VAL C 343 14.54 34.79 -9.37
N SER C 344 15.71 34.13 -9.31
CA SER C 344 17.01 34.73 -8.93
C SER C 344 17.21 36.08 -9.64
N ASP C 345 17.89 36.99 -8.96
CA ASP C 345 18.26 38.33 -9.49
C ASP C 345 18.96 38.16 -10.84
N TRP C 346 19.83 37.17 -11.03
CA TRP C 346 20.68 37.10 -12.25
C TRP C 346 19.81 36.81 -13.46
N PHE C 347 18.76 36.01 -13.28
CA PHE C 347 17.89 35.55 -14.41
C PHE C 347 16.73 36.54 -14.61
N LYS C 348 16.35 37.29 -13.59
CA LYS C 348 15.14 38.15 -13.61
C LYS C 348 15.15 39.07 -14.83
N PRO C 349 16.27 39.72 -15.21
CA PRO C 349 16.27 40.54 -16.42
C PRO C 349 16.03 39.75 -17.73
N LEU C 350 16.52 38.50 -17.82
CA LEU C 350 16.27 37.61 -18.99
C LEU C 350 14.76 37.33 -19.06
N ALA C 351 14.13 37.12 -17.91
CA ALA C 351 12.69 36.79 -17.81
C ALA C 351 11.89 38.00 -18.25
N TYR C 352 12.20 39.19 -17.73
CA TYR C 352 11.46 40.45 -18.01
C TYR C 352 11.68 40.81 -19.49
N ALA C 353 12.85 40.55 -20.05
CA ALA C 353 13.12 40.80 -21.49
C ALA C 353 12.21 39.90 -22.34
N THR C 354 12.08 38.64 -21.91
CA THR C 354 11.19 37.65 -22.55
C THR C 354 9.75 38.17 -22.59
N ILE C 355 9.20 38.71 -21.50
CA ILE C 355 7.75 39.06 -21.49
C ILE C 355 7.53 40.47 -22.06
N LEU C 356 8.57 41.32 -22.15
CA LEU C 356 8.41 42.76 -22.44
C LEU C 356 8.77 43.07 -23.90
N THR C 357 9.62 42.27 -24.56
CA THR C 357 10.07 42.58 -25.94
C THR C 357 9.44 41.64 -26.97
N ARG C 358 8.55 40.74 -26.56
CA ARG C 358 7.90 39.77 -27.49
C ARG C 358 6.44 40.15 -27.73
N GLN C 359 5.93 39.82 -28.92
CA GLN C 359 4.57 40.26 -29.32
C GLN C 359 3.52 39.46 -28.53
N GLU C 360 3.81 38.24 -28.09
CA GLU C 360 2.83 37.36 -27.40
C GLU C 360 2.59 37.86 -25.96
N GLY C 361 1.34 38.00 -25.53
CA GLY C 361 1.02 38.20 -24.10
C GLY C 361 0.95 39.64 -23.65
N TYR C 362 0.14 39.88 -22.60
CA TYR C 362 0.02 41.14 -21.84
C TYR C 362 0.93 41.04 -20.61
N PRO C 363 2.13 41.66 -20.63
CA PRO C 363 3.07 41.53 -19.52
C PRO C 363 2.70 42.40 -18.30
N CYS C 364 3.06 41.89 -17.11
CA CYS C 364 2.76 42.45 -15.76
C CYS C 364 4.06 42.62 -14.97
N VAL C 365 4.42 43.86 -14.69
CA VAL C 365 5.61 44.21 -13.87
C VAL C 365 5.20 44.16 -12.40
N PHE C 366 5.95 43.42 -11.58
CA PHE C 366 5.72 43.28 -10.13
C PHE C 366 6.28 44.50 -9.38
N TYR C 367 5.48 45.12 -8.52
CA TYR C 367 5.92 46.22 -7.61
C TYR C 367 7.14 45.74 -6.81
N GLY C 368 7.08 44.52 -6.32
CA GLY C 368 8.17 43.95 -5.51
C GLY C 368 9.47 43.98 -6.29
N ASP C 369 9.39 43.88 -7.61
CA ASP C 369 10.61 43.89 -8.45
C ASP C 369 11.00 45.33 -8.71
N TYR C 370 10.05 46.17 -9.10
CA TYR C 370 10.35 47.55 -9.57
C TYR C 370 10.88 48.37 -8.38
N TYR C 371 10.16 48.32 -7.26
CA TYR C 371 10.45 49.15 -6.06
C TYR C 371 11.18 48.34 -4.98
N GLY C 372 11.32 47.04 -5.14
CA GLY C 372 12.08 46.21 -4.17
C GLY C 372 11.22 45.68 -3.04
N ILE C 373 11.78 44.73 -2.28
CA ILE C 373 11.13 44.12 -1.08
C ILE C 373 12.13 44.22 0.06
N PRO C 374 12.10 45.35 0.79
CA PRO C 374 13.07 45.58 1.86
C PRO C 374 13.04 44.46 2.91
N SER C 375 11.86 43.94 3.22
CA SER C 375 11.70 42.97 4.32
C SER C 375 12.40 41.65 3.92
N GLN C 376 12.71 41.42 2.63
CA GLN C 376 13.44 40.19 2.22
C GLN C 376 14.73 40.57 1.50
N SER C 377 15.26 41.77 1.72
CA SER C 377 16.59 42.18 1.18
C SER C 377 16.64 42.04 -0.34
N VAL C 378 15.58 42.40 -1.04
CA VAL C 378 15.52 42.41 -2.51
C VAL C 378 15.75 43.85 -2.99
N SER C 379 16.83 44.10 -3.73
CA SER C 379 17.11 45.47 -4.27
C SER C 379 15.95 45.84 -5.19
N ALA C 380 15.65 47.12 -5.36
CA ALA C 380 14.74 47.60 -6.42
C ALA C 380 15.44 47.40 -7.76
N LYS C 381 14.69 46.96 -8.78
CA LYS C 381 15.24 46.65 -10.11
C LYS C 381 14.86 47.78 -11.08
N SER C 382 14.31 48.89 -10.56
CA SER C 382 13.75 50.04 -11.34
C SER C 382 14.75 50.57 -12.39
N THR C 383 16.03 50.70 -12.03
CA THR C 383 17.07 51.30 -12.91
C THR C 383 17.15 50.52 -14.22
N TRP C 384 17.26 49.19 -14.19
CA TRP C 384 17.41 48.38 -15.44
C TRP C 384 16.04 48.07 -16.04
N LEU C 385 15.00 47.95 -15.21
CA LEU C 385 13.63 47.69 -15.71
C LEU C 385 13.19 48.88 -16.57
N ASP C 386 13.56 50.11 -16.21
CA ASP C 386 13.13 51.35 -16.93
C ASP C 386 13.59 51.28 -18.39
N LYS C 387 14.79 50.75 -18.62
CA LYS C 387 15.42 50.62 -19.94
C LYS C 387 14.69 49.52 -20.72
N GLN C 388 14.32 48.42 -20.07
CA GLN C 388 13.56 47.34 -20.75
C GLN C 388 12.19 47.89 -21.11
N LEU C 389 11.57 48.65 -20.20
CA LEU C 389 10.22 49.21 -20.42
C LEU C 389 10.28 50.26 -21.54
N SER C 390 11.40 50.97 -21.66
CA SER C 390 11.65 51.91 -22.79
C SER C 390 11.65 51.10 -24.10
N ALA C 391 12.44 50.03 -24.17
CA ALA C 391 12.44 49.09 -25.32
C ALA C 391 10.99 48.70 -25.67
N ARG C 392 10.20 48.23 -24.71
CA ARG C 392 8.79 47.83 -24.97
C ARG C 392 7.97 49.01 -25.52
N LYS C 393 8.00 50.15 -24.83
CA LYS C 393 7.12 51.32 -25.12
C LYS C 393 7.39 51.85 -26.54
N SER C 394 8.66 51.90 -26.95
CA SER C 394 9.08 52.70 -28.13
C SER C 394 9.69 51.85 -29.22
N TYR C 395 10.05 50.58 -29.00
CA TYR C 395 10.82 49.79 -30.01
C TYR C 395 10.23 48.41 -30.32
N ALA C 396 9.48 47.78 -29.41
CA ALA C 396 9.04 46.36 -29.56
C ALA C 396 7.78 46.30 -30.41
N TYR C 397 7.97 46.45 -31.73
CA TYR C 397 6.91 46.67 -32.73
C TYR C 397 7.26 45.97 -34.04
N GLY C 398 6.23 45.45 -34.72
CA GLY C 398 6.34 44.92 -36.10
C GLY C 398 6.66 43.44 -36.08
N THR C 399 6.85 42.86 -37.26
CA THR C 399 7.11 41.42 -37.45
C THR C 399 8.20 40.93 -36.51
N GLN C 400 7.94 39.81 -35.82
CA GLN C 400 8.91 39.13 -34.91
C GLN C 400 9.55 37.97 -35.67
N HIS C 401 10.85 37.77 -35.50
CA HIS C 401 11.58 36.55 -35.95
C HIS C 401 12.23 35.91 -34.72
N ASP C 402 11.95 34.64 -34.46
CA ASP C 402 12.39 33.88 -33.26
C ASP C 402 13.62 33.04 -33.59
N TYR C 403 14.63 33.04 -32.72
CA TYR C 403 15.83 32.17 -32.84
C TYR C 403 16.03 31.46 -31.51
N LEU C 404 15.06 30.67 -31.12
CA LEU C 404 15.11 29.90 -29.87
C LEU C 404 15.76 28.55 -30.16
N ASP C 405 17.03 28.60 -30.58
CA ASP C 405 17.74 27.53 -31.33
C ASP C 405 19.08 27.12 -30.67
N ASN C 406 19.34 27.41 -29.40
CA ASN C 406 20.60 26.97 -28.71
C ASN C 406 20.32 26.78 -27.20
N GLN C 407 20.99 25.82 -26.56
CA GLN C 407 20.77 25.49 -25.13
C GLN C 407 21.08 26.68 -24.22
N ASP C 408 21.96 27.56 -24.69
CA ASP C 408 22.51 28.67 -23.88
C ASP C 408 22.01 29.99 -24.47
N VAL C 409 22.40 30.31 -25.70
CA VAL C 409 22.13 31.64 -26.33
C VAL C 409 20.84 31.59 -27.15
N ILE C 410 19.87 32.45 -26.88
CA ILE C 410 18.65 32.57 -27.73
C ILE C 410 18.41 34.03 -28.00
N GLY C 411 17.50 34.33 -28.91
CA GLY C 411 17.09 35.70 -29.22
C GLY C 411 15.88 35.75 -30.11
N TRP C 412 15.42 36.96 -30.36
CA TRP C 412 14.36 37.27 -31.34
C TRP C 412 14.55 38.71 -31.81
N THR C 413 13.99 39.05 -32.97
CA THR C 413 14.02 40.44 -33.51
C THR C 413 12.59 40.96 -33.64
N ARG C 414 12.46 42.27 -33.74
CA ARG C 414 11.20 42.98 -34.11
C ARG C 414 11.61 43.98 -35.18
N GLU C 415 10.92 43.94 -36.34
CA GLU C 415 11.33 44.69 -37.57
C GLU C 415 11.08 46.18 -37.36
N GLY C 416 10.14 46.55 -36.49
CA GLY C 416 9.61 47.92 -36.41
C GLY C 416 8.34 48.02 -37.23
N ASP C 417 7.47 48.98 -36.91
CA ASP C 417 6.29 49.42 -37.68
C ASP C 417 6.58 50.88 -38.04
N SER C 418 5.80 51.47 -38.93
CA SER C 418 5.93 52.90 -39.31
C SER C 418 5.21 53.80 -38.28
N ALA C 419 4.17 53.31 -37.59
CA ALA C 419 3.46 54.05 -36.52
C ALA C 419 4.43 54.53 -35.41
N HIS C 420 5.49 53.80 -35.08
CA HIS C 420 6.47 54.18 -34.00
C HIS C 420 7.84 54.46 -34.62
N ALA C 421 8.20 55.74 -34.74
CA ALA C 421 9.53 56.25 -35.19
C ALA C 421 10.64 55.36 -34.65
N GLY C 422 11.71 55.14 -35.43
CA GLY C 422 12.99 54.58 -34.93
C GLY C 422 12.86 53.16 -34.38
N SER C 423 11.66 52.56 -34.50
CA SER C 423 11.29 51.32 -33.80
C SER C 423 11.95 50.13 -34.49
N GLY C 424 11.98 48.99 -33.77
CA GLY C 424 12.74 47.76 -34.11
C GLY C 424 13.77 47.44 -33.04
N LEU C 425 14.00 46.15 -32.79
CA LEU C 425 15.02 45.67 -31.83
C LEU C 425 15.48 44.24 -32.11
N ALA C 426 16.61 43.89 -31.52
CA ALA C 426 17.15 42.53 -31.44
C ALA C 426 17.47 42.23 -29.96
N THR C 427 16.68 41.36 -29.35
CA THR C 427 16.92 40.83 -27.98
C THR C 427 17.77 39.56 -28.08
N VAL C 428 18.87 39.47 -27.37
CA VAL C 428 19.76 38.28 -27.34
C VAL C 428 20.21 38.05 -25.89
N MET C 429 20.25 36.79 -25.43
CA MET C 429 20.39 36.46 -23.99
C MET C 429 21.03 35.09 -23.86
N SER C 430 21.81 34.86 -22.81
CA SER C 430 22.43 33.54 -22.56
C SER C 430 22.29 33.16 -21.09
N ASP C 431 21.83 31.93 -20.85
CA ASP C 431 21.75 31.30 -19.51
C ASP C 431 23.18 30.88 -19.16
N GLY C 432 24.12 31.02 -20.09
CA GLY C 432 25.48 30.44 -20.01
C GLY C 432 26.55 31.41 -20.52
N PRO C 433 27.60 30.92 -21.19
CA PRO C 433 28.65 31.80 -21.69
C PRO C 433 28.13 32.84 -22.68
N GLY C 434 28.89 33.93 -22.84
CA GLY C 434 28.55 35.01 -23.77
C GLY C 434 28.65 34.56 -25.22
N GLY C 435 27.99 35.29 -26.12
CA GLY C 435 27.95 34.95 -27.54
C GLY C 435 27.23 35.98 -28.37
N SER C 436 26.99 35.61 -29.63
CA SER C 436 26.46 36.41 -30.76
C SER C 436 25.28 35.62 -31.31
N LYS C 437 24.33 36.29 -31.93
CA LYS C 437 23.42 35.63 -32.90
C LYS C 437 23.33 36.53 -34.11
N THR C 438 23.39 35.95 -35.31
CA THR C 438 23.05 36.65 -36.57
C THR C 438 21.54 36.55 -36.76
N MET C 439 20.86 37.67 -36.74
CA MET C 439 19.37 37.70 -36.81
C MET C 439 18.94 38.83 -37.75
N TYR C 440 17.77 38.66 -38.37
CA TYR C 440 17.23 39.57 -39.39
C TYR C 440 16.36 40.62 -38.66
N VAL C 441 16.72 41.90 -38.71
CA VAL C 441 15.90 42.99 -38.11
C VAL C 441 15.11 43.72 -39.21
N GLY C 442 15.34 43.39 -40.49
CA GLY C 442 14.73 44.07 -41.65
C GLY C 442 15.75 44.81 -42.52
N THR C 443 15.61 44.69 -43.84
CA THR C 443 16.41 45.41 -44.89
C THR C 443 16.20 46.93 -44.74
N ALA C 444 15.01 47.36 -44.31
CA ALA C 444 14.68 48.76 -43.91
C ALA C 444 15.78 49.38 -43.05
N HIS C 445 16.44 48.61 -42.18
CA HIS C 445 17.39 49.09 -41.14
C HIS C 445 18.84 49.05 -41.65
N ALA C 446 19.06 48.65 -42.92
CA ALA C 446 20.41 48.44 -43.47
C ALA C 446 21.24 49.70 -43.26
N GLY C 447 22.52 49.55 -42.90
CA GLY C 447 23.45 50.68 -42.66
C GLY C 447 23.26 51.38 -41.31
N GLN C 448 22.13 51.20 -40.60
CA GLN C 448 21.93 51.76 -39.23
C GLN C 448 22.94 51.13 -38.26
N VAL C 449 23.29 51.87 -37.22
CA VAL C 449 24.08 51.36 -36.06
C VAL C 449 23.17 51.13 -34.85
N PHE C 450 23.20 49.93 -34.26
CA PHE C 450 22.41 49.58 -33.06
C PHE C 450 23.28 49.65 -31.80
N LYS C 451 22.70 50.12 -30.69
CA LYS C 451 23.31 50.15 -29.33
C LYS C 451 22.56 49.20 -28.39
N ASP C 452 23.17 48.80 -27.27
CA ASP C 452 22.48 47.99 -26.22
C ASP C 452 21.71 48.92 -25.28
N ILE C 453 20.40 49.06 -25.47
CA ILE C 453 19.59 50.00 -24.63
C ILE C 453 19.74 49.63 -23.15
N THR C 454 20.14 48.39 -22.81
CA THR C 454 20.24 47.96 -21.39
C THR C 454 21.51 48.56 -20.77
N GLY C 455 22.53 48.87 -21.56
CA GLY C 455 23.80 49.37 -21.04
C GLY C 455 24.75 48.25 -20.65
N ASN C 456 24.29 46.99 -20.71
CA ASN C 456 25.08 45.80 -20.31
C ASN C 456 26.30 45.67 -21.25
N ARG C 457 26.17 46.08 -22.51
CA ARG C 457 27.32 46.09 -23.45
C ARG C 457 27.45 47.48 -24.07
N THR C 458 28.68 47.92 -24.25
CA THR C 458 29.03 49.29 -24.72
C THR C 458 29.38 49.29 -26.21
N ASP C 459 29.64 48.14 -26.82
CA ASP C 459 29.86 48.06 -28.29
C ASP C 459 28.54 48.28 -29.01
N THR C 460 28.63 48.41 -30.34
CA THR C 460 27.52 48.68 -31.30
C THR C 460 27.51 47.62 -32.38
N VAL C 461 26.34 47.41 -33.00
CA VAL C 461 26.16 46.43 -34.10
C VAL C 461 25.65 47.31 -35.24
N THR C 462 26.30 47.22 -36.38
CA THR C 462 25.91 47.93 -37.63
C THR C 462 25.15 46.93 -38.50
N ILE C 463 24.00 47.28 -39.04
CA ILE C 463 23.19 46.32 -39.87
C ILE C 463 23.72 46.30 -41.31
N ASN C 464 24.03 45.12 -41.84
CA ASN C 464 24.45 44.90 -43.25
C ASN C 464 23.24 45.14 -44.18
N SER C 465 23.46 45.14 -45.51
CA SER C 465 22.41 45.50 -46.50
C SER C 465 21.43 44.34 -46.72
N ALA C 466 21.79 43.11 -46.33
CA ALA C 466 20.83 41.97 -46.28
C ALA C 466 19.78 42.17 -45.16
N GLY C 467 19.98 43.13 -44.24
CA GLY C 467 19.08 43.41 -43.09
C GLY C 467 19.40 42.58 -41.86
N ASN C 468 20.62 42.07 -41.75
CA ASN C 468 21.06 41.24 -40.59
C ASN C 468 22.08 42.01 -39.77
N GLY C 469 22.10 41.71 -38.47
CA GLY C 469 23.17 42.07 -37.54
C GLY C 469 23.69 40.83 -36.86
N THR C 470 24.92 40.91 -36.36
CA THR C 470 25.49 39.92 -35.41
C THR C 470 25.49 40.55 -34.02
N PHE C 471 24.54 40.12 -33.17
CA PHE C 471 24.18 40.74 -31.87
C PHE C 471 24.74 39.94 -30.70
N PRO C 472 25.68 40.54 -29.93
CA PRO C 472 26.27 39.88 -28.77
C PRO C 472 25.50 40.16 -27.46
N CYS C 473 25.67 39.25 -26.51
CA CYS C 473 25.26 39.41 -25.09
C CYS C 473 26.40 38.93 -24.21
N ASN C 474 26.41 39.35 -22.95
CA ASN C 474 27.35 38.82 -21.93
C ASN C 474 26.90 37.42 -21.52
N GLY C 475 27.77 36.65 -20.85
CA GLY C 475 27.39 35.43 -20.14
C GLY C 475 26.33 35.75 -19.08
N GLY C 476 25.32 34.89 -18.93
CA GLY C 476 24.24 35.03 -17.93
C GLY C 476 23.63 36.43 -17.90
N SER C 477 23.53 37.13 -19.03
CA SER C 477 22.81 38.42 -19.10
C SER C 477 21.98 38.46 -20.39
N VAL C 478 21.41 39.62 -20.67
CA VAL C 478 20.60 39.91 -21.88
C VAL C 478 21.03 41.29 -22.42
N SER C 479 21.09 41.43 -23.73
CA SER C 479 21.25 42.74 -24.41
C SER C 479 20.02 42.95 -25.30
N ILE C 480 19.52 44.18 -25.35
CA ILE C 480 18.39 44.58 -26.23
C ILE C 480 18.90 45.69 -27.13
N TRP C 481 19.09 45.35 -28.41
CA TRP C 481 19.76 46.22 -29.42
C TRP C 481 18.71 47.04 -30.17
N VAL C 482 18.92 48.36 -30.27
CA VAL C 482 17.99 49.32 -30.94
C VAL C 482 18.81 50.34 -31.73
N LYS C 483 18.19 50.92 -32.77
CA LYS C 483 18.78 52.04 -33.55
C LYS C 483 19.35 53.07 -32.56
N GLN C 484 20.66 53.31 -32.67
CA GLN C 484 21.40 54.33 -31.87
C GLN C 484 20.67 55.67 -31.96
N GLY D 4 1.54 -60.21 4.94
CA GLY D 4 0.83 -59.04 4.36
C GLY D 4 -0.36 -58.60 5.19
N ASP D 5 -0.23 -58.66 6.53
CA ASP D 5 -1.15 -58.06 7.53
C ASP D 5 -1.11 -56.54 7.46
N ASN D 6 -2.28 -55.87 7.49
CA ASN D 6 -2.33 -54.39 7.43
C ASN D 6 -1.55 -53.81 8.62
N GLY D 7 -1.03 -52.61 8.48
CA GLY D 7 -0.36 -51.85 9.55
C GLY D 7 -1.21 -50.68 10.02
N THR D 8 -1.16 -50.40 11.32
CA THR D 8 -1.98 -49.34 11.92
C THR D 8 -1.17 -48.71 13.05
N MET D 9 -0.93 -47.40 12.95
CA MET D 9 -0.17 -46.64 13.95
C MET D 9 -1.18 -46.12 14.96
N MET D 10 -0.72 -45.80 16.15
CA MET D 10 -1.51 -45.09 17.20
C MET D 10 -0.60 -44.04 17.83
N GLN D 11 -1.03 -42.78 17.78
CA GLN D 11 -0.42 -41.70 18.59
C GLN D 11 -0.86 -41.94 20.02
N TYR D 12 0.04 -42.37 20.89
CA TYR D 12 -0.28 -42.80 22.26
C TYR D 12 -0.06 -41.64 23.24
N PHE D 13 -0.69 -40.51 22.94
CA PHE D 13 -0.80 -39.36 23.87
C PHE D 13 -1.80 -38.34 23.31
N GLU D 14 -2.14 -37.37 24.15
CA GLU D 14 -2.78 -36.10 23.75
C GLU D 14 -2.22 -35.02 24.66
N TRP D 15 -2.55 -33.77 24.35
CA TRP D 15 -1.94 -32.59 24.98
C TRP D 15 -2.26 -32.52 26.48
N TYR D 16 -3.50 -32.82 26.85
CA TYR D 16 -4.09 -32.49 28.17
C TYR D 16 -4.06 -33.70 29.10
N LEU D 17 -3.23 -34.70 28.81
CA LEU D 17 -3.02 -35.80 29.79
C LEU D 17 -2.59 -35.19 31.11
N PRO D 18 -2.96 -35.80 32.24
CA PRO D 18 -2.53 -35.32 33.56
C PRO D 18 -1.02 -35.57 33.71
N ASN D 19 -0.39 -34.67 34.47
CA ASN D 19 1.04 -34.76 34.84
C ASN D 19 1.16 -35.71 36.03
N ASP D 20 1.01 -37.01 35.85
CA ASP D 20 1.02 -37.98 36.98
C ASP D 20 2.10 -39.06 36.78
N GLY D 21 2.96 -38.92 35.79
CA GLY D 21 4.05 -39.89 35.57
C GLY D 21 3.58 -41.32 35.36
N THR D 22 2.45 -41.54 34.66
CA THR D 22 1.87 -42.89 34.48
C THR D 22 1.73 -43.34 33.01
N LEU D 23 2.00 -42.48 32.03
CA LEU D 23 1.71 -42.85 30.62
C LEU D 23 2.56 -44.07 30.23
N TRP D 24 3.84 -44.13 30.64
CA TRP D 24 4.71 -45.28 30.24
C TRP D 24 4.13 -46.58 30.83
N THR D 25 3.87 -46.58 32.14
CA THR D 25 3.18 -47.68 32.86
C THR D 25 1.99 -48.14 32.01
N LYS D 26 1.05 -47.23 31.70
CA LYS D 26 -0.23 -47.51 30.98
C LYS D 26 0.06 -48.13 29.60
N MET D 27 0.94 -47.49 28.82
CA MET D 27 1.33 -47.96 27.46
C MET D 27 1.77 -49.44 27.53
N GLY D 28 2.64 -49.76 28.50
CA GLY D 28 3.06 -51.14 28.84
C GLY D 28 1.84 -52.03 29.00
N SER D 29 0.93 -51.68 29.92
CA SER D 29 -0.30 -52.47 30.20
C SER D 29 -1.12 -52.65 28.92
N ASP D 30 -1.24 -51.58 28.13
CA ASP D 30 -2.13 -51.58 26.94
C ASP D 30 -1.61 -52.44 25.79
N ALA D 31 -0.33 -52.85 25.81
CA ALA D 31 0.31 -53.62 24.73
C ALA D 31 -0.63 -54.71 24.18
N SER D 32 -1.08 -55.66 24.99
CA SER D 32 -1.78 -56.85 24.42
C SER D 32 -3.18 -56.46 23.93
N HIS D 33 -3.82 -55.44 24.55
CA HIS D 33 -5.10 -54.84 24.10
C HIS D 33 -4.90 -54.21 22.72
N LEU D 34 -3.88 -53.34 22.59
CA LEU D 34 -3.52 -52.69 21.31
C LEU D 34 -3.35 -53.78 20.24
N LYS D 35 -2.67 -54.89 20.54
CA LYS D 35 -2.45 -55.91 19.48
C LYS D 35 -3.79 -56.52 19.08
N SER D 36 -4.72 -56.74 20.02
CA SER D 36 -6.01 -57.40 19.71
C SER D 36 -6.84 -56.53 18.78
N ILE D 37 -6.66 -55.20 18.77
CA ILE D 37 -7.47 -54.26 17.93
C ILE D 37 -6.70 -53.91 16.64
N GLY D 38 -5.46 -54.36 16.49
CA GLY D 38 -4.72 -54.36 15.21
C GLY D 38 -3.69 -53.24 15.13
N ILE D 39 -3.23 -52.74 16.27
CA ILE D 39 -2.15 -51.72 16.31
C ILE D 39 -0.81 -52.44 16.11
N THR D 40 -0.08 -52.06 15.08
CA THR D 40 1.21 -52.67 14.69
C THR D 40 2.36 -51.74 15.08
N GLY D 41 2.07 -50.47 15.34
CA GLY D 41 3.09 -49.46 15.68
C GLY D 41 2.52 -48.34 16.54
N VAL D 42 3.34 -47.84 17.46
CA VAL D 42 2.94 -46.82 18.47
C VAL D 42 3.91 -45.65 18.40
N TRP D 43 3.36 -44.45 18.15
CA TRP D 43 4.16 -43.21 18.27
C TRP D 43 3.97 -42.67 19.70
N PHE D 44 5.05 -42.60 20.47
CA PHE D 44 5.02 -42.11 21.87
C PHE D 44 5.66 -40.74 21.92
N PRO D 45 5.27 -39.87 22.88
CA PRO D 45 5.67 -38.47 22.86
C PRO D 45 7.12 -38.23 23.32
N PRO D 46 7.61 -36.98 23.18
CA PRO D 46 8.97 -36.67 23.58
C PRO D 46 9.26 -37.24 24.98
N ALA D 47 10.22 -38.17 25.03
CA ALA D 47 10.55 -39.03 26.20
C ALA D 47 11.61 -38.40 27.09
N TYR D 48 12.19 -37.28 26.67
CA TYR D 48 13.36 -36.62 27.33
C TYR D 48 12.86 -35.40 28.09
N LYS D 49 13.71 -34.87 28.97
CA LYS D 49 13.36 -33.86 30.00
C LYS D 49 13.07 -32.53 29.31
N GLY D 50 11.88 -31.98 29.56
CA GLY D 50 11.49 -30.64 29.09
C GLY D 50 11.79 -29.62 30.16
N GLN D 51 11.36 -28.38 29.97
CA GLN D 51 11.72 -27.22 30.81
C GLN D 51 11.05 -27.31 32.18
N SER D 52 10.04 -28.18 32.35
CA SER D 52 9.31 -28.46 33.63
C SER D 52 8.87 -29.92 33.60
N GLN D 53 8.45 -30.40 34.76
CA GLN D 53 7.97 -31.80 34.87
C GLN D 53 6.73 -31.95 34.01
N SER D 54 5.94 -30.88 33.91
CA SER D 54 4.58 -30.90 33.31
C SER D 54 4.65 -30.67 31.81
N ASP D 55 5.83 -30.36 31.25
CA ASP D 55 5.96 -30.11 29.79
C ASP D 55 5.45 -31.33 29.01
N VAL D 56 4.67 -31.08 27.96
CA VAL D 56 4.12 -32.12 27.04
C VAL D 56 5.29 -32.80 26.32
N GLY D 57 6.42 -32.12 26.17
CA GLY D 57 7.65 -32.71 25.57
C GLY D 57 8.37 -31.80 24.57
N TYR D 58 7.64 -30.86 23.97
CA TYR D 58 8.15 -30.05 22.84
C TYR D 58 8.99 -28.90 23.42
N GLY D 59 8.96 -28.63 24.73
CA GLY D 59 9.83 -27.62 25.37
C GLY D 59 11.12 -28.26 25.82
N VAL D 60 11.88 -28.80 24.86
CA VAL D 60 13.07 -29.67 25.05
C VAL D 60 14.14 -28.98 25.87
N TYR D 61 14.57 -29.61 26.95
CA TYR D 61 15.71 -29.17 27.80
C TYR D 61 16.94 -30.02 27.48
N ASP D 62 16.90 -31.31 27.84
CA ASP D 62 18.05 -32.25 27.78
C ASP D 62 17.65 -33.58 27.14
N MET D 63 18.14 -33.85 25.94
CA MET D 63 17.64 -35.04 25.18
C MET D 63 18.33 -36.31 25.68
N TYR D 64 19.26 -36.21 26.64
CA TYR D 64 20.02 -37.36 27.21
C TYR D 64 19.39 -37.78 28.53
N ASP D 65 18.44 -37.00 29.05
CA ASP D 65 17.69 -37.27 30.31
C ASP D 65 16.31 -37.85 29.96
N LEU D 66 16.17 -39.17 29.94
CA LEU D 66 14.86 -39.83 29.66
C LEU D 66 14.05 -40.02 30.96
N GLY D 67 14.10 -39.07 31.88
CA GLY D 67 13.49 -39.20 33.21
C GLY D 67 14.34 -40.13 34.06
N GLU D 68 15.64 -39.82 34.09
CA GLU D 68 16.70 -40.60 34.78
C GLU D 68 17.37 -39.71 35.82
N PHE D 69 17.60 -38.43 35.50
CA PHE D 69 18.42 -37.47 36.27
C PHE D 69 17.49 -36.45 36.93
N ASN D 70 17.89 -35.88 38.05
CA ASN D 70 17.10 -34.85 38.75
C ASN D 70 17.49 -33.48 38.17
N GLN D 71 16.68 -32.97 37.23
CA GLN D 71 16.82 -31.61 36.66
C GLN D 71 15.42 -31.01 36.50
N LYS D 72 15.35 -29.68 36.49
CA LYS D 72 14.06 -28.95 36.35
C LYS D 72 13.11 -29.42 37.44
N GLY D 73 13.67 -29.85 38.58
CA GLY D 73 12.95 -30.13 39.83
C GLY D 73 12.28 -31.49 39.85
N THR D 74 12.64 -32.42 38.95
CA THR D 74 12.00 -33.75 38.84
C THR D 74 13.01 -34.75 38.28
N VAL D 75 12.86 -36.04 38.62
CA VAL D 75 13.55 -37.13 37.91
C VAL D 75 12.70 -37.50 36.70
N ARG D 76 11.44 -37.89 36.90
CA ARG D 76 10.55 -38.33 35.79
C ARG D 76 10.19 -37.14 34.87
N THR D 77 9.96 -37.44 33.59
CA THR D 77 9.25 -36.56 32.62
C THR D 77 7.77 -36.52 32.99
N LYS D 78 6.93 -35.77 32.26
CA LYS D 78 5.46 -35.82 32.46
C LYS D 78 5.03 -37.28 32.41
N TYR D 79 5.74 -38.12 31.68
CA TYR D 79 5.23 -39.43 31.20
C TYR D 79 5.71 -40.58 32.10
N GLY D 80 6.77 -40.38 32.91
CA GLY D 80 7.38 -41.44 33.75
C GLY D 80 8.91 -41.45 33.71
N THR D 81 9.51 -42.60 34.05
CA THR D 81 10.98 -42.80 34.22
C THR D 81 11.54 -43.62 33.05
N LYS D 82 12.83 -43.43 32.78
CA LYS D 82 13.55 -44.21 31.74
C LYS D 82 13.21 -45.70 31.92
N ALA D 83 13.29 -46.18 33.17
CA ALA D 83 13.00 -47.57 33.58
C ALA D 83 11.61 -47.91 33.04
N GLN D 84 10.61 -47.04 33.33
CA GLN D 84 9.16 -47.29 33.02
C GLN D 84 8.97 -47.36 31.48
N LEU D 85 9.59 -46.42 30.76
CA LEU D 85 9.62 -46.41 29.27
C LEU D 85 10.22 -47.67 28.64
N GLN D 86 11.38 -48.11 29.14
CA GLN D 86 12.05 -49.34 28.66
C GLN D 86 11.12 -50.55 28.93
N SER D 87 10.39 -50.63 30.07
CA SER D 87 9.48 -51.78 30.35
C SER D 87 8.38 -51.80 29.29
N ALA D 88 7.84 -50.61 29.01
CA ALA D 88 6.74 -50.40 28.05
C ALA D 88 7.17 -50.78 26.64
N ILE D 89 8.37 -50.39 26.23
CA ILE D 89 8.85 -50.69 24.85
C ILE D 89 9.02 -52.21 24.73
N THR D 90 9.56 -52.85 25.77
CA THR D 90 9.75 -54.33 25.80
C THR D 90 8.37 -54.99 25.62
N SER D 91 7.39 -54.51 26.37
CA SER D 91 6.01 -55.04 26.33
C SER D 91 5.41 -54.86 24.92
N LEU D 92 5.59 -53.69 24.30
CA LEU D 92 5.12 -53.45 22.92
C LEU D 92 5.76 -54.50 22.02
N HIS D 93 7.09 -54.64 22.12
CA HIS D 93 7.88 -55.61 21.31
C HIS D 93 7.34 -57.02 21.55
N ASN D 94 7.15 -57.44 22.82
CA ASN D 94 6.61 -58.79 23.13
C ASN D 94 5.23 -58.97 22.46
N ASN D 95 4.46 -57.92 22.16
CA ASN D 95 3.15 -58.09 21.47
C ASN D 95 3.28 -57.79 19.97
N GLY D 96 4.51 -57.74 19.46
CA GLY D 96 4.76 -57.53 18.02
C GLY D 96 4.26 -56.17 17.59
N ILE D 97 4.54 -55.14 18.39
CA ILE D 97 4.20 -53.73 18.08
C ILE D 97 5.51 -52.95 18.01
N GLN D 98 5.64 -52.10 17.00
CA GLN D 98 6.83 -51.25 16.76
C GLN D 98 6.75 -49.99 17.63
N ALA D 99 7.89 -49.45 18.03
CA ALA D 99 7.98 -48.24 18.88
C ALA D 99 8.67 -47.11 18.11
N TYR D 100 7.95 -46.01 17.92
CA TYR D 100 8.42 -44.81 17.21
C TYR D 100 8.54 -43.69 18.25
N GLY D 101 9.73 -43.15 18.47
CA GLY D 101 9.97 -42.09 19.46
C GLY D 101 9.86 -40.72 18.81
N ASP D 102 9.29 -39.78 19.53
CA ASP D 102 9.11 -38.39 19.02
C ASP D 102 10.50 -37.76 19.13
N VAL D 103 10.95 -37.15 18.05
CA VAL D 103 12.31 -36.53 17.96
C VAL D 103 12.13 -35.04 17.68
N VAL D 104 12.58 -34.21 18.62
CA VAL D 104 12.36 -32.73 18.61
C VAL D 104 13.73 -32.04 18.54
N LEU D 105 14.10 -31.59 17.35
CA LEU D 105 15.46 -31.11 17.03
C LEU D 105 15.43 -29.62 16.74
N ASN D 106 14.28 -28.98 16.56
CA ASN D 106 14.20 -27.58 16.10
C ASN D 106 14.94 -26.66 17.07
N HIS D 107 14.78 -26.83 18.39
CA HIS D 107 15.10 -25.80 19.42
C HIS D 107 15.43 -26.44 20.78
N ARG D 108 15.75 -25.58 21.76
CA ARG D 108 15.83 -25.92 23.19
C ARG D 108 15.17 -24.79 23.99
N MET D 109 14.67 -25.11 25.18
CA MET D 109 14.13 -24.13 26.15
C MET D 109 14.53 -24.55 27.57
N GLY D 110 14.37 -23.61 28.51
CA GLY D 110 14.73 -23.78 29.92
C GLY D 110 16.24 -23.86 30.05
N ALA D 111 16.97 -23.01 29.33
CA ALA D 111 18.42 -22.85 29.52
C ALA D 111 18.66 -22.61 31.01
N ASP D 112 19.77 -23.13 31.55
CA ASP D 112 20.15 -23.01 32.99
C ASP D 112 20.52 -21.57 33.31
N ALA D 113 21.10 -20.81 32.38
CA ALA D 113 21.37 -19.37 32.61
C ALA D 113 21.48 -18.61 31.29
N THR D 114 21.38 -17.29 31.41
CA THR D 114 21.51 -16.31 30.31
C THR D 114 22.99 -16.13 29.98
N GLU D 115 23.28 -15.75 28.75
CA GLU D 115 24.59 -15.27 28.26
C GLU D 115 24.35 -13.88 27.65
N THR D 116 25.20 -12.88 27.89
CA THR D 116 25.15 -11.60 27.14
C THR D 116 25.75 -11.84 25.75
N ILE D 117 25.04 -11.45 24.69
CA ILE D 117 25.48 -11.66 23.27
C ILE D 117 24.93 -10.54 22.40
N SER D 118 25.61 -10.31 21.28
CA SER D 118 25.21 -9.31 20.27
C SER D 118 24.18 -9.97 19.37
N ALA D 119 23.05 -9.30 19.14
CA ALA D 119 21.99 -9.76 18.23
C ALA D 119 21.26 -8.56 17.63
N VAL D 120 20.64 -8.77 16.47
CA VAL D 120 19.77 -7.80 15.74
C VAL D 120 18.31 -8.30 15.81
N GLU D 121 17.34 -7.39 15.81
CA GLU D 121 15.92 -7.75 15.60
C GLU D 121 15.62 -7.96 14.12
N VAL D 122 14.88 -9.01 13.79
CA VAL D 122 14.27 -9.24 12.45
C VAL D 122 12.74 -9.10 12.56
N ASN D 123 12.09 -8.93 11.42
CA ASN D 123 10.63 -8.72 11.26
C ASN D 123 9.97 -10.10 11.33
N PRO D 124 9.05 -10.35 12.29
CA PRO D 124 8.39 -11.64 12.38
C PRO D 124 7.61 -12.07 11.13
N SER D 125 7.15 -11.15 10.28
CA SER D 125 6.51 -11.44 8.97
C SER D 125 7.56 -11.72 7.91
N ASN D 126 8.81 -11.30 8.13
CA ASN D 126 9.91 -11.48 7.13
C ASN D 126 11.23 -11.51 7.88
N ARG D 127 11.70 -12.70 8.24
CA ARG D 127 12.88 -12.88 9.12
C ARG D 127 14.14 -12.54 8.32
N ASN D 128 14.03 -12.47 6.97
CA ASN D 128 15.11 -12.07 6.04
C ASN D 128 15.40 -10.56 6.25
N GLN D 129 14.38 -9.77 6.60
CA GLN D 129 14.48 -8.31 6.82
C GLN D 129 14.94 -8.01 8.26
N VAL D 130 16.12 -7.42 8.41
CA VAL D 130 16.65 -6.94 9.72
C VAL D 130 15.98 -5.60 10.05
N THR D 131 15.69 -5.33 11.33
CA THR D 131 14.90 -4.14 11.76
C THR D 131 15.58 -3.39 12.91
N SER D 132 16.82 -3.73 13.27
CA SER D 132 17.60 -2.89 14.23
C SER D 132 19.10 -3.14 14.06
N GLY D 133 19.90 -2.24 14.64
CA GLY D 133 21.35 -2.44 14.74
C GLY D 133 21.65 -3.53 15.73
N ALA D 134 22.87 -4.07 15.69
CA ALA D 134 23.42 -5.00 16.70
C ALA D 134 23.33 -4.34 18.08
N TYR D 135 23.14 -5.14 19.13
CA TYR D 135 23.22 -4.69 20.54
C TYR D 135 23.16 -5.90 21.46
N ASN D 136 23.46 -5.62 22.71
CA ASN D 136 23.64 -6.66 23.75
C ASN D 136 22.27 -7.01 24.32
N ILE D 137 21.95 -8.31 24.30
CA ILE D 137 20.75 -8.93 24.95
C ILE D 137 21.23 -9.99 25.94
N SER D 138 20.39 -10.30 26.92
CA SER D 138 20.55 -11.45 27.86
C SER D 138 19.68 -12.63 27.35
N ALA D 139 20.28 -13.59 26.65
CA ALA D 139 19.61 -14.68 25.91
C ALA D 139 19.72 -15.99 26.67
N TRP D 140 18.64 -16.79 26.69
CA TRP D 140 18.63 -18.07 27.43
C TRP D 140 19.28 -19.16 26.57
N THR D 141 20.62 -19.21 26.53
CA THR D 141 21.39 -20.06 25.59
C THR D 141 22.41 -20.97 26.31
N ASP D 142 22.48 -20.94 27.65
CA ASP D 142 23.48 -21.74 28.44
C ASP D 142 22.82 -23.01 29.00
N PHE D 143 23.11 -24.15 28.39
CA PHE D 143 22.62 -25.49 28.81
C PHE D 143 23.79 -26.30 29.39
N GLU D 144 23.84 -26.42 30.73
CA GLU D 144 24.99 -27.01 31.47
C GLU D 144 24.65 -28.46 31.87
N PHE D 145 23.36 -28.78 32.01
CA PHE D 145 22.86 -30.13 32.40
C PHE D 145 23.46 -30.54 33.75
N PRO D 146 23.29 -29.71 34.81
CA PRO D 146 23.90 -29.96 36.12
C PRO D 146 23.55 -31.35 36.66
N GLY D 147 22.30 -31.81 36.62
CA GLY D 147 21.92 -33.07 37.29
C GLY D 147 22.36 -34.33 36.55
N ARG D 148 22.83 -34.22 35.30
CA ARG D 148 23.28 -35.39 34.51
C ARG D 148 24.80 -35.49 34.63
N GLY D 149 25.47 -34.37 34.88
CA GLY D 149 26.93 -34.24 34.80
C GLY D 149 27.31 -34.60 33.39
N ASN D 150 28.17 -35.59 33.18
CA ASN D 150 28.73 -35.80 31.81
C ASN D 150 28.23 -37.14 31.29
N THR D 151 27.29 -37.78 31.99
CA THR D 151 26.85 -39.15 31.64
C THR D 151 26.31 -39.17 30.22
N TYR D 152 26.76 -40.12 29.39
CA TYR D 152 26.39 -40.32 27.97
C TYR D 152 26.95 -39.23 27.05
N SER D 153 27.06 -37.95 27.46
CA SER D 153 27.54 -36.84 26.59
C SER D 153 27.91 -35.65 27.48
N SER D 154 29.08 -35.08 27.24
CA SER D 154 29.60 -33.88 27.95
C SER D 154 29.36 -32.65 27.10
N PHE D 155 28.55 -32.77 26.04
CA PHE D 155 28.22 -31.65 25.13
C PHE D 155 27.39 -30.63 25.92
N LYS D 156 27.83 -29.36 25.92
CA LYS D 156 27.12 -28.21 26.55
C LYS D 156 26.75 -27.22 25.43
N TRP D 157 25.54 -26.65 25.49
CA TRP D 157 25.05 -25.69 24.48
C TRP D 157 25.31 -24.27 24.97
N HIS D 158 25.78 -23.40 24.07
CA HIS D 158 26.00 -21.95 24.30
C HIS D 158 25.51 -21.17 23.07
N SER D 159 25.43 -19.84 23.20
CA SER D 159 24.89 -18.89 22.19
C SER D 159 25.34 -19.23 20.77
N TYR D 160 26.60 -19.61 20.60
CA TYR D 160 27.23 -19.85 19.27
C TYR D 160 26.70 -21.17 18.67
N TYR D 161 25.75 -21.88 19.29
CA TYR D 161 25.14 -23.07 18.66
C TYR D 161 23.71 -22.79 18.18
N PHE D 162 23.21 -21.57 18.40
CA PHE D 162 21.83 -21.11 18.07
C PHE D 162 21.85 -19.97 17.06
N ASP D 163 20.91 -19.98 16.10
CA ASP D 163 20.72 -18.90 15.09
C ASP D 163 19.89 -17.73 15.66
N GLY D 164 19.15 -17.90 16.77
CA GLY D 164 18.18 -16.87 17.23
C GLY D 164 17.43 -17.23 18.51
N VAL D 165 16.80 -16.24 19.15
CA VAL D 165 15.91 -16.40 20.35
C VAL D 165 14.73 -15.42 20.23
N ASP D 166 13.73 -15.51 21.12
CA ASP D 166 12.52 -14.65 21.13
C ASP D 166 12.47 -13.85 22.42
N TRP D 167 13.53 -13.87 23.22
CA TRP D 167 13.50 -13.22 24.55
C TRP D 167 14.86 -12.65 24.90
N ASP D 168 14.85 -11.35 25.25
CA ASP D 168 15.93 -10.59 25.91
C ASP D 168 15.60 -10.45 27.40
N GLN D 169 16.25 -11.22 28.28
CA GLN D 169 15.91 -11.26 29.74
C GLN D 169 16.13 -9.88 30.35
N SER D 170 17.09 -9.12 29.83
CA SER D 170 17.44 -7.77 30.34
C SER D 170 16.29 -6.78 30.07
N ARG D 171 15.65 -6.79 28.91
CA ARG D 171 14.62 -5.76 28.52
C ARG D 171 13.20 -6.32 28.53
N GLN D 172 13.01 -7.63 28.35
CA GLN D 172 11.74 -8.39 28.51
C GLN D 172 10.61 -7.85 27.62
N LEU D 173 10.69 -8.00 26.30
CA LEU D 173 9.70 -7.43 25.35
C LEU D 173 9.01 -8.52 24.52
N SER D 174 7.70 -8.37 24.27
CA SER D 174 6.89 -9.29 23.43
C SER D 174 7.14 -9.07 21.94
N GLY D 175 6.92 -10.12 21.15
CA GLY D 175 6.75 -10.05 19.68
C GLY D 175 8.04 -9.83 18.92
N LYS D 176 9.18 -10.01 19.57
CA LYS D 176 10.51 -9.86 18.95
C LYS D 176 11.05 -11.23 18.55
N ILE D 177 11.79 -11.27 17.45
CA ILE D 177 12.72 -12.36 17.10
C ILE D 177 14.12 -11.74 16.97
N TYR D 178 15.05 -12.19 17.79
CA TYR D 178 16.47 -11.78 17.77
C TYR D 178 17.25 -12.81 16.93
N GLN D 179 18.01 -12.33 15.93
CA GLN D 179 19.08 -13.13 15.26
C GLN D 179 20.42 -12.89 15.96
N ILE D 180 21.08 -13.95 16.42
CA ILE D 180 22.44 -13.89 17.04
C ILE D 180 23.39 -13.28 16.00
N GLN D 181 24.23 -12.32 16.39
CA GLN D 181 25.17 -11.61 15.47
C GLN D 181 26.03 -12.66 14.74
N GLY D 182 26.11 -12.52 13.40
CA GLY D 182 26.99 -13.29 12.51
C GLY D 182 26.43 -14.67 12.21
N LYS D 183 25.11 -14.83 12.31
CA LYS D 183 24.39 -16.09 12.04
C LYS D 183 23.38 -15.85 10.92
N ALA D 184 23.09 -16.88 10.17
CA ALA D 184 22.13 -16.84 9.05
C ALA D 184 21.05 -17.87 9.35
N TRP D 185 19.79 -17.46 9.24
CA TRP D 185 18.66 -18.43 9.22
C TRP D 185 19.05 -19.58 8.29
N ASP D 186 18.86 -20.83 8.74
CA ASP D 186 19.28 -22.01 7.94
C ASP D 186 18.41 -22.17 6.69
N TRP D 187 19.02 -22.66 5.61
CA TRP D 187 18.32 -22.93 4.32
C TRP D 187 18.75 -24.32 3.84
N GLU D 188 17.78 -25.19 3.48
CA GLU D 188 16.44 -24.76 2.99
C GLU D 188 15.38 -25.10 4.03
N VAL D 189 14.40 -24.21 4.17
CA VAL D 189 13.26 -24.41 5.11
C VAL D 189 11.98 -23.90 4.44
N ASP D 190 10.88 -23.87 5.19
CA ASP D 190 9.57 -23.34 4.69
C ASP D 190 9.75 -21.84 4.58
N SER D 191 9.12 -21.25 3.58
CA SER D 191 9.37 -19.86 3.20
C SER D 191 8.26 -18.92 3.70
N GLU D 192 7.32 -19.40 4.50
CA GLU D 192 6.30 -18.53 5.17
C GLU D 192 7.10 -17.66 6.15
N ASN D 193 6.75 -16.38 6.25
CA ASN D 193 7.53 -15.36 7.02
C ASN D 193 8.92 -15.16 6.38
N GLY D 194 9.05 -15.46 5.09
CA GLY D 194 10.28 -15.30 4.30
C GLY D 194 11.26 -16.44 4.54
N ASN D 195 11.51 -16.71 5.83
CA ASN D 195 12.30 -17.88 6.32
C ASN D 195 11.71 -18.31 7.66
N TYR D 196 11.15 -19.53 7.74
CA TYR D 196 10.46 -20.08 8.95
C TYR D 196 11.42 -21.00 9.72
N ASP D 197 12.73 -20.76 9.67
CA ASP D 197 13.71 -21.53 10.49
C ASP D 197 13.37 -21.29 11.96
N TYR D 198 13.14 -20.03 12.32
CA TYR D 198 12.84 -19.66 13.73
C TYR D 198 11.35 -19.91 13.99
N LEU D 199 11.06 -20.71 15.03
CA LEU D 199 9.67 -20.95 15.50
C LEU D 199 9.54 -20.46 16.94
N MET D 200 10.32 -21.07 17.85
CA MET D 200 10.26 -20.72 19.30
C MET D 200 11.58 -21.14 19.96
N GLY D 201 11.72 -20.71 21.23
CA GLY D 201 12.85 -21.05 22.11
C GLY D 201 14.17 -20.56 21.54
N ALA D 202 15.27 -21.26 21.80
CA ALA D 202 16.60 -21.05 21.19
C ALA D 202 16.69 -21.90 19.91
N ASP D 203 16.74 -21.29 18.73
CA ASP D 203 16.70 -22.02 17.44
C ASP D 203 18.08 -22.58 17.12
N ILE D 204 18.24 -23.90 17.17
CA ILE D 204 19.53 -24.60 16.87
C ILE D 204 19.99 -24.21 15.47
N ASP D 205 21.26 -23.80 15.33
CA ASP D 205 21.96 -23.47 14.06
C ASP D 205 22.50 -24.75 13.44
N TYR D 206 21.85 -25.27 12.40
CA TYR D 206 22.30 -26.55 11.79
C TYR D 206 23.44 -26.31 10.80
N ASP D 207 23.93 -25.07 10.72
CA ASP D 207 25.10 -24.79 9.85
C ASP D 207 26.36 -25.10 10.66
N HIS D 208 26.34 -24.79 11.97
CA HIS D 208 27.53 -25.05 12.83
C HIS D 208 27.82 -26.55 12.85
N PRO D 209 29.03 -27.02 12.45
CA PRO D 209 29.26 -28.44 12.22
C PRO D 209 29.53 -29.23 13.51
N ASP D 210 29.81 -28.56 14.64
CA ASP D 210 29.90 -29.21 15.98
C ASP D 210 28.51 -29.76 16.35
N VAL D 211 27.48 -28.92 16.11
CA VAL D 211 26.03 -29.22 16.27
C VAL D 211 25.65 -30.41 15.36
N GLN D 212 25.96 -30.33 14.08
CA GLN D 212 25.57 -31.37 13.10
C GLN D 212 26.03 -32.74 13.59
N THR D 213 27.27 -32.89 14.09
CA THR D 213 27.77 -34.25 14.42
C THR D 213 27.31 -34.61 15.83
N GLU D 214 27.07 -33.65 16.74
CA GLU D 214 26.54 -33.95 18.11
C GLU D 214 25.12 -34.51 17.98
N VAL D 215 24.28 -33.85 17.19
CA VAL D 215 22.83 -34.21 17.05
C VAL D 215 22.73 -35.57 16.31
N LYS D 216 23.67 -35.92 15.44
CA LYS D 216 23.66 -37.28 14.80
C LYS D 216 24.11 -38.36 15.80
N ASN D 217 24.91 -37.99 16.82
CA ASN D 217 25.33 -38.93 17.90
C ASN D 217 24.13 -39.13 18.82
N TRP D 218 23.48 -38.02 19.19
CA TRP D 218 22.26 -38.07 20.03
C TRP D 218 21.30 -39.06 19.36
N GLY D 219 21.08 -38.90 18.05
CA GLY D 219 20.22 -39.78 17.24
C GLY D 219 20.56 -41.24 17.44
N LYS D 220 21.85 -41.59 17.30
CA LYS D 220 22.35 -42.99 17.45
C LYS D 220 22.03 -43.47 18.87
N TRP D 221 22.32 -42.62 19.88
CA TRP D 221 22.21 -42.97 21.32
C TRP D 221 20.75 -43.28 21.64
N PHE D 222 19.85 -42.39 21.18
CA PHE D 222 18.39 -42.46 21.41
C PHE D 222 17.87 -43.77 20.81
N VAL D 223 18.12 -43.97 19.52
CA VAL D 223 17.58 -45.16 18.81
C VAL D 223 18.16 -46.43 19.46
N ASN D 224 19.44 -46.43 19.86
CA ASN D 224 20.10 -47.64 20.45
C ASN D 224 19.55 -47.86 21.87
N THR D 225 19.59 -46.84 22.73
CA THR D 225 19.18 -46.91 24.16
C THR D 225 17.75 -47.48 24.30
N LEU D 226 16.81 -47.07 23.46
CA LEU D 226 15.38 -47.49 23.62
C LEU D 226 15.03 -48.58 22.60
N ASN D 227 15.95 -48.90 21.70
CA ASN D 227 15.80 -49.99 20.69
C ASN D 227 14.57 -49.66 19.82
N LEU D 228 14.54 -48.45 19.28
CA LEU D 228 13.38 -47.92 18.50
C LEU D 228 13.34 -48.58 17.14
N ASP D 229 12.14 -48.75 16.59
CA ASP D 229 11.90 -49.27 15.23
C ASP D 229 11.69 -48.08 14.28
N GLY D 230 11.58 -46.86 14.81
CA GLY D 230 11.28 -45.68 13.99
C GLY D 230 11.36 -44.38 14.78
N VAL D 231 11.23 -43.26 14.07
CA VAL D 231 11.19 -41.91 14.70
C VAL D 231 10.03 -41.09 14.10
N ARG D 232 9.47 -40.19 14.90
CA ARG D 232 8.51 -39.18 14.42
C ARG D 232 9.21 -37.84 14.61
N LEU D 233 9.33 -37.07 13.53
CA LEU D 233 10.23 -35.89 13.48
C LEU D 233 9.39 -34.62 13.59
N ASP D 234 9.52 -33.94 14.73
CA ASP D 234 8.80 -32.67 15.04
C ASP D 234 9.31 -31.59 14.09
N ALA D 235 8.38 -30.85 13.51
CA ALA D 235 8.58 -29.46 13.02
C ALA D 235 9.59 -29.44 11.88
N VAL D 236 9.56 -30.43 10.99
CA VAL D 236 10.63 -30.60 9.96
C VAL D 236 10.66 -29.37 9.03
N LYS D 237 9.53 -28.66 8.90
CA LYS D 237 9.44 -27.47 8.03
C LYS D 237 10.36 -26.37 8.57
N HIS D 238 10.68 -26.40 9.86
CA HIS D 238 11.52 -25.35 10.50
C HIS D 238 12.95 -25.84 10.72
N ILE D 239 13.32 -26.96 10.09
CA ILE D 239 14.69 -27.53 10.22
C ILE D 239 15.28 -27.65 8.82
N LYS D 240 16.61 -27.45 8.69
CA LYS D 240 17.28 -27.50 7.37
C LYS D 240 16.94 -28.85 6.73
N PHE D 241 16.46 -28.82 5.48
CA PHE D 241 16.04 -30.06 4.79
C PHE D 241 17.24 -30.99 4.57
N ASP D 242 18.37 -30.45 4.13
CA ASP D 242 19.57 -31.30 3.86
C ASP D 242 20.09 -31.93 5.15
N TYR D 243 20.15 -31.19 6.27
CA TYR D 243 20.68 -31.78 7.51
C TYR D 243 19.77 -32.92 8.00
N MET D 244 18.46 -32.69 7.99
CA MET D 244 17.50 -33.74 8.44
C MET D 244 17.70 -34.96 7.56
N SER D 245 17.77 -34.72 6.24
CA SER D 245 17.99 -35.79 5.23
C SER D 245 19.17 -36.69 5.62
N SER D 246 20.30 -36.05 5.96
CA SER D 246 21.57 -36.75 6.28
C SER D 246 21.61 -37.14 7.77
N TRP D 247 20.88 -36.43 8.63
CA TRP D 247 20.68 -36.86 10.05
C TRP D 247 20.07 -38.27 10.03
N LEU D 248 19.10 -38.49 9.14
CA LEU D 248 18.30 -39.74 9.13
C LEU D 248 19.17 -40.88 8.57
N SER D 249 19.90 -40.67 7.46
CA SER D 249 20.76 -41.74 6.88
C SER D 249 21.95 -41.99 7.82
N SER D 250 22.46 -40.98 8.52
CA SER D 250 23.51 -41.18 9.57
C SER D 250 22.99 -42.16 10.64
N VAL D 251 21.78 -41.93 11.15
CA VAL D 251 21.27 -42.74 12.30
C VAL D 251 21.02 -44.18 11.80
N LYS D 252 20.46 -44.33 10.61
CA LYS D 252 20.18 -45.67 9.99
C LYS D 252 21.49 -46.48 9.85
N SER D 253 22.54 -45.76 9.45
CA SER D 253 23.91 -46.29 9.23
C SER D 253 24.56 -46.57 10.60
N THR D 254 24.73 -45.57 11.48
CA THR D 254 25.40 -45.70 12.81
C THR D 254 24.71 -46.76 13.70
N THR D 255 23.41 -47.05 13.54
CA THR D 255 22.70 -48.01 14.43
C THR D 255 22.57 -49.36 13.73
N GLY D 256 22.69 -49.38 12.40
CA GLY D 256 22.46 -50.60 11.60
C GLY D 256 21.00 -50.88 11.37
N LYS D 257 20.09 -50.15 12.02
CA LYS D 257 18.62 -50.18 11.74
C LYS D 257 18.42 -49.49 10.38
N SER D 258 18.66 -50.16 9.27
CA SER D 258 18.60 -49.51 7.94
C SER D 258 17.16 -49.55 7.40
N ASN D 259 16.27 -50.31 8.06
CA ASN D 259 14.81 -50.28 7.80
C ASN D 259 14.06 -49.39 8.80
N LEU D 260 14.79 -48.61 9.60
CA LEU D 260 14.21 -47.58 10.52
C LEU D 260 13.11 -46.84 9.78
N PHE D 261 11.91 -46.84 10.37
CA PHE D 261 10.74 -46.09 9.88
C PHE D 261 10.87 -44.63 10.35
N ALA D 262 10.46 -43.70 9.50
CA ALA D 262 10.50 -42.27 9.85
C ALA D 262 9.30 -41.55 9.20
N VAL D 263 8.60 -40.76 10.01
CA VAL D 263 7.50 -39.87 9.55
C VAL D 263 7.82 -38.47 10.08
N GLY D 264 7.63 -37.43 9.26
CA GLY D 264 7.84 -36.04 9.67
C GLY D 264 6.52 -35.27 9.71
N GLU D 265 6.41 -34.31 10.65
CA GLU D 265 5.32 -33.31 10.68
C GLU D 265 5.79 -32.12 9.82
N TYR D 266 5.39 -32.11 8.54
CA TYR D 266 5.45 -30.90 7.70
C TYR D 266 4.07 -30.27 7.73
N TRP D 267 3.89 -29.28 8.62
CA TRP D 267 2.56 -28.63 8.71
C TRP D 267 2.36 -27.68 7.55
N ASN D 268 1.66 -28.10 6.49
CA ASN D 268 1.24 -27.18 5.40
C ASN D 268 0.00 -27.76 4.72
N THR D 269 -0.99 -26.94 4.40
CA THR D 269 -2.27 -27.42 3.80
C THR D 269 -2.07 -27.76 2.31
N SER D 270 -0.92 -27.40 1.74
CA SER D 270 -0.60 -27.50 0.29
C SER D 270 0.27 -28.72 0.00
N LEU D 271 -0.20 -29.64 -0.84
CA LEU D 271 0.54 -30.85 -1.27
C LEU D 271 1.89 -30.45 -1.87
N GLY D 272 1.90 -29.34 -2.61
CA GLY D 272 3.11 -28.77 -3.24
C GLY D 272 4.26 -28.69 -2.27
N ALA D 273 4.04 -28.07 -1.10
CA ALA D 273 5.07 -27.80 -0.07
C ALA D 273 5.65 -29.13 0.44
N LEU D 274 4.79 -30.14 0.51
CA LEU D 274 5.10 -31.48 1.06
C LEU D 274 5.96 -32.20 0.02
N GLU D 275 5.46 -32.27 -1.22
CA GLU D 275 6.20 -32.76 -2.41
C GLU D 275 7.60 -32.11 -2.42
N ASN D 276 7.68 -30.78 -2.25
CA ASN D 276 8.99 -30.08 -2.20
C ASN D 276 9.90 -30.76 -1.16
N TYR D 277 9.40 -30.93 0.07
CA TYR D 277 10.20 -31.47 1.21
C TYR D 277 10.65 -32.89 0.87
N GLU D 278 9.74 -33.68 0.32
CA GLU D 278 10.06 -35.07 -0.08
C GLU D 278 11.23 -35.02 -1.08
N ASN D 279 11.11 -34.21 -2.14
CA ASN D 279 12.15 -34.04 -3.20
C ASN D 279 13.49 -33.74 -2.51
N LYS D 280 13.54 -32.69 -1.70
CA LYS D 280 14.79 -32.25 -1.03
C LYS D 280 15.28 -33.23 0.06
N THR D 281 14.62 -34.36 0.32
CA THR D 281 15.06 -35.36 1.34
C THR D 281 15.05 -36.78 0.74
N ASN D 282 15.12 -36.87 -0.60
CA ASN D 282 15.21 -38.14 -1.40
C ASN D 282 14.08 -39.11 -1.06
N TRP D 283 12.90 -38.62 -0.76
CA TRP D 283 11.73 -39.49 -0.44
C TRP D 283 12.13 -40.55 0.60
N SER D 284 13.06 -40.22 1.49
CA SER D 284 13.66 -41.15 2.47
C SER D 284 12.75 -41.29 3.71
N MET D 285 11.77 -40.40 3.89
CA MET D 285 10.78 -40.45 5.02
C MET D 285 9.35 -40.21 4.51
N SER D 286 8.38 -40.71 5.28
CA SER D 286 6.93 -40.44 5.14
C SER D 286 6.57 -39.08 5.76
N LEU D 287 5.38 -38.55 5.45
CA LEU D 287 4.84 -37.31 6.07
C LEU D 287 3.38 -37.51 6.52
N PHE D 288 3.00 -36.81 7.57
CA PHE D 288 1.58 -36.77 7.99
C PHE D 288 0.78 -36.09 6.88
N ASP D 289 -0.28 -36.76 6.40
CA ASP D 289 -1.14 -36.25 5.31
C ASP D 289 -2.00 -35.07 5.83
N VAL D 290 -1.37 -33.92 6.05
CA VAL D 290 -2.08 -32.71 6.55
C VAL D 290 -3.20 -32.30 5.58
N PRO D 291 -2.99 -32.29 4.26
CA PRO D 291 -4.09 -31.93 3.36
C PRO D 291 -5.35 -32.80 3.48
N LEU D 292 -5.18 -34.10 3.77
CA LEU D 292 -6.35 -34.99 3.97
C LEU D 292 -7.10 -34.53 5.24
N HIS D 293 -6.35 -34.25 6.31
CA HIS D 293 -6.91 -33.71 7.56
C HIS D 293 -7.76 -32.47 7.26
N MET D 294 -7.25 -31.56 6.42
CA MET D 294 -7.94 -30.29 6.09
C MET D 294 -9.22 -30.59 5.33
N ASN D 295 -9.19 -31.62 4.48
CA ASN D 295 -10.37 -32.08 3.71
C ASN D 295 -11.41 -32.63 4.68
N PHE D 296 -10.96 -33.44 5.65
CA PHE D 296 -11.87 -34.03 6.66
C PHE D 296 -12.55 -32.88 7.40
N GLN D 297 -11.79 -31.87 7.82
CA GLN D 297 -12.40 -30.69 8.48
C GLN D 297 -13.44 -30.04 7.55
N ALA D 298 -13.12 -29.87 6.27
CA ALA D 298 -14.02 -29.11 5.37
C ALA D 298 -15.36 -29.84 5.29
N ALA D 299 -15.29 -31.17 5.17
CA ALA D 299 -16.47 -32.05 5.01
C ALA D 299 -17.28 -32.04 6.32
N ALA D 300 -16.59 -32.10 7.45
CA ALA D 300 -17.20 -32.05 8.79
C ALA D 300 -17.97 -30.75 8.95
N ASN D 301 -17.41 -29.63 8.47
CA ASN D 301 -18.03 -28.29 8.64
C ASN D 301 -18.89 -27.93 7.42
N GLY D 302 -19.09 -28.84 6.46
CA GLY D 302 -19.75 -28.54 5.17
C GLY D 302 -21.26 -28.52 5.25
N GLY D 303 -21.82 -29.03 6.34
CA GLY D 303 -23.27 -29.08 6.55
C GLY D 303 -23.94 -29.95 5.52
N GLY D 304 -23.23 -30.92 4.94
CA GLY D 304 -23.78 -31.87 3.96
C GLY D 304 -23.49 -31.41 2.53
N TYR D 305 -22.98 -30.19 2.40
CA TYR D 305 -22.80 -29.51 1.11
C TYR D 305 -21.36 -29.65 0.63
N TYR D 306 -20.42 -30.20 1.41
CA TYR D 306 -19.11 -30.65 0.86
C TYR D 306 -19.37 -31.64 -0.29
N ASP D 307 -18.52 -31.57 -1.30
CA ASP D 307 -18.60 -32.45 -2.50
C ASP D 307 -17.69 -33.64 -2.22
N MET D 308 -18.29 -34.74 -1.75
CA MET D 308 -17.56 -35.91 -1.22
C MET D 308 -16.70 -36.53 -2.32
N ARG D 309 -16.93 -36.16 -3.58
CA ARG D 309 -16.07 -36.65 -4.69
C ARG D 309 -14.65 -36.13 -4.52
N ASN D 310 -14.46 -34.98 -3.88
CA ASN D 310 -13.14 -34.32 -3.78
C ASN D 310 -12.41 -34.71 -2.48
N LEU D 311 -12.95 -35.64 -1.71
CA LEU D 311 -12.42 -35.91 -0.34
C LEU D 311 -10.92 -36.24 -0.39
N LEU D 312 -10.44 -36.91 -1.44
CA LEU D 312 -9.03 -37.37 -1.51
C LEU D 312 -8.14 -36.45 -2.36
N ASN D 313 -8.72 -35.49 -3.07
CA ASN D 313 -7.93 -34.56 -3.94
C ASN D 313 -6.82 -33.89 -3.13
N ASN D 314 -5.59 -33.90 -3.66
CA ASN D 314 -4.45 -33.04 -3.23
C ASN D 314 -3.93 -33.53 -1.90
N THR D 315 -3.93 -34.85 -1.72
CA THR D 315 -3.52 -35.53 -0.47
C THR D 315 -2.34 -36.43 -0.76
N MET D 316 -1.45 -36.61 0.21
CA MET D 316 -0.43 -37.68 0.13
C MET D 316 -1.15 -39.03 -0.03
N MET D 317 -2.32 -39.22 0.57
CA MET D 317 -3.03 -40.52 0.47
C MET D 317 -3.24 -40.88 -1.01
N LYS D 318 -3.76 -39.96 -1.81
CA LYS D 318 -4.11 -40.25 -3.23
C LYS D 318 -2.82 -40.34 -4.06
N ASN D 319 -1.91 -39.38 -3.86
CA ASN D 319 -0.86 -38.95 -4.81
C ASN D 319 0.51 -39.57 -4.47
N HIS D 320 0.73 -40.04 -3.24
CA HIS D 320 2.04 -40.56 -2.75
C HIS D 320 1.81 -41.53 -1.58
N PRO D 321 0.90 -42.51 -1.77
CA PRO D 321 0.45 -43.38 -0.70
C PRO D 321 1.57 -44.08 0.07
N ILE D 322 2.70 -44.32 -0.57
CA ILE D 322 3.79 -45.10 0.08
C ILE D 322 4.41 -44.25 1.19
N GLN D 323 4.35 -42.92 1.07
CA GLN D 323 4.98 -41.97 2.03
C GLN D 323 3.91 -41.26 2.88
N ALA D 324 2.66 -41.69 2.81
CA ALA D 324 1.53 -41.06 3.54
C ALA D 324 1.30 -41.75 4.89
N VAL D 325 1.40 -41.00 5.97
CA VAL D 325 0.77 -41.38 7.27
C VAL D 325 -0.52 -40.56 7.43
N THR D 326 -1.66 -41.23 7.28
CA THR D 326 -3.02 -40.63 7.31
C THR D 326 -3.48 -40.51 8.76
N PHE D 327 -4.19 -39.43 9.08
CA PHE D 327 -4.69 -39.13 10.45
C PHE D 327 -5.99 -38.34 10.36
N VAL D 328 -6.81 -38.36 11.42
CA VAL D 328 -8.04 -37.53 11.45
C VAL D 328 -7.80 -36.30 12.31
N ASP D 329 -7.15 -36.48 13.47
CA ASP D 329 -6.83 -35.38 14.42
C ASP D 329 -5.57 -35.74 15.22
N ASN D 330 -4.94 -34.77 15.88
CA ASN D 330 -3.71 -35.01 16.66
C ASN D 330 -3.64 -34.00 17.79
N HIS D 331 -2.58 -34.06 18.59
CA HIS D 331 -2.38 -33.20 19.76
C HIS D 331 -2.39 -31.73 19.35
N ASP D 332 -2.01 -31.42 18.11
CA ASP D 332 -1.87 -30.01 17.64
C ASP D 332 -3.24 -29.51 17.14
N THR D 333 -4.08 -30.39 16.57
CA THR D 333 -5.40 -30.03 16.01
C THR D 333 -6.53 -30.11 17.03
N GLU D 334 -6.28 -30.67 18.23
CA GLU D 334 -7.34 -30.89 19.25
C GLU D 334 -7.73 -29.53 19.82
N PRO D 335 -8.93 -29.42 20.41
CA PRO D 335 -9.42 -28.12 20.87
C PRO D 335 -8.43 -27.43 21.82
N GLY D 336 -8.16 -26.16 21.55
CA GLY D 336 -7.37 -25.28 22.43
C GLY D 336 -5.91 -25.30 22.07
N GLN D 337 -5.47 -26.25 21.25
CA GLN D 337 -4.06 -26.29 20.81
C GLN D 337 -3.89 -25.41 19.55
N ALA D 338 -2.65 -25.33 19.09
CA ALA D 338 -2.11 -24.24 18.25
C ALA D 338 -2.65 -24.35 16.83
N LEU D 339 -2.99 -25.54 16.37
CA LEU D 339 -3.46 -25.76 14.98
C LEU D 339 -4.89 -26.31 15.01
N GLN D 340 -5.67 -25.92 16.03
CA GLN D 340 -7.07 -26.34 16.23
C GLN D 340 -7.73 -26.42 14.86
N SER D 341 -8.21 -27.60 14.48
CA SER D 341 -8.84 -27.87 13.17
C SER D 341 -9.62 -29.17 13.34
N TRP D 342 -10.35 -29.25 14.44
CA TRP D 342 -10.97 -30.50 14.96
C TRP D 342 -12.05 -30.96 14.00
N VAL D 343 -12.14 -32.29 13.83
CA VAL D 343 -13.19 -32.96 13.02
C VAL D 343 -14.38 -33.32 13.90
N SER D 344 -15.55 -32.75 13.62
CA SER D 344 -16.81 -32.99 14.37
C SER D 344 -17.01 -34.49 14.61
N ASP D 345 -17.64 -34.81 15.73
CA ASP D 345 -18.03 -36.19 16.14
C ASP D 345 -18.77 -36.87 14.99
N TRP D 346 -19.67 -36.18 14.30
CA TRP D 346 -20.58 -36.84 13.33
C TRP D 346 -19.76 -37.34 12.13
N PHE D 347 -18.74 -36.59 11.74
CA PHE D 347 -17.95 -36.90 10.51
C PHE D 347 -16.77 -37.83 10.87
N LYS D 348 -16.32 -37.83 12.12
CA LYS D 348 -15.09 -38.55 12.53
C LYS D 348 -15.14 -40.02 12.10
N PRO D 349 -16.26 -40.76 12.24
CA PRO D 349 -16.30 -42.14 11.76
C PRO D 349 -16.14 -42.26 10.22
N LEU D 350 -16.67 -41.32 9.43
CA LEU D 350 -16.49 -41.28 7.95
C LEU D 350 -15.00 -41.12 7.65
N ALA D 351 -14.31 -40.28 8.41
CA ALA D 351 -12.89 -39.97 8.21
C ALA D 351 -12.07 -41.21 8.54
N TYR D 352 -12.34 -41.85 9.69
CA TYR D 352 -11.56 -43.03 10.18
C TYR D 352 -11.84 -44.20 9.23
N ALA D 353 -13.05 -44.33 8.69
CA ALA D 353 -13.37 -45.40 7.71
C ALA D 353 -12.54 -45.18 6.44
N THR D 354 -12.42 -43.92 6.02
CA THR D 354 -11.59 -43.51 4.86
C THR D 354 -10.13 -43.97 5.06
N ILE D 355 -9.53 -43.75 6.22
CA ILE D 355 -8.06 -44.04 6.36
C ILE D 355 -7.83 -45.51 6.74
N LEU D 356 -8.85 -46.23 7.23
CA LEU D 356 -8.66 -47.57 7.85
C LEU D 356 -9.08 -48.69 6.88
N THR D 357 -9.99 -48.46 5.94
CA THR D 357 -10.50 -49.52 5.03
C THR D 357 -9.92 -49.37 3.62
N ARG D 358 -9.04 -48.42 3.35
CA ARG D 358 -8.46 -48.21 1.99
C ARG D 358 -6.99 -48.67 1.96
N GLN D 359 -6.51 -49.10 0.79
CA GLN D 359 -5.16 -49.70 0.68
C GLN D 359 -4.11 -48.59 0.79
N GLU D 360 -4.41 -47.36 0.41
CA GLU D 360 -3.42 -46.24 0.38
C GLU D 360 -3.12 -45.77 1.82
N GLY D 361 -1.86 -45.63 2.19
CA GLY D 361 -1.48 -44.93 3.44
C GLY D 361 -1.31 -45.84 4.64
N TYR D 362 -0.48 -45.38 5.57
CA TYR D 362 -0.27 -45.93 6.94
C TYR D 362 -1.14 -45.12 7.89
N PRO D 363 -2.32 -45.63 8.31
CA PRO D 363 -3.21 -44.85 9.17
C PRO D 363 -2.76 -44.82 10.64
N CYS D 364 -3.09 -43.70 11.31
CA CYS D 364 -2.70 -43.34 12.71
C CYS D 364 -3.95 -42.98 13.51
N VAL D 365 -4.27 -43.82 14.50
CA VAL D 365 -5.40 -43.61 15.44
C VAL D 365 -4.93 -42.70 16.56
N PHE D 366 -5.66 -41.62 16.80
CA PHE D 366 -5.38 -40.63 17.87
C PHE D 366 -5.87 -41.16 19.23
N TYR D 367 -5.01 -41.14 20.25
CA TYR D 367 -5.37 -41.49 21.65
C TYR D 367 -6.58 -40.65 22.07
N GLY D 368 -6.52 -39.35 21.74
CA GLY D 368 -7.59 -38.41 22.10
C GLY D 368 -8.92 -38.87 21.57
N ASP D 369 -8.90 -39.59 20.45
CA ASP D 369 -10.15 -40.08 19.84
C ASP D 369 -10.52 -41.40 20.51
N TYR D 370 -9.57 -42.32 20.63
CA TYR D 370 -9.84 -43.69 21.11
C TYR D 370 -10.28 -43.64 22.57
N TYR D 371 -9.54 -42.94 23.42
CA TYR D 371 -9.75 -42.89 24.89
C TYR D 371 -10.45 -41.58 25.30
N GLY D 372 -10.62 -40.62 24.40
CA GLY D 372 -11.37 -39.38 24.70
C GLY D 372 -10.47 -38.28 25.25
N ILE D 373 -11.02 -37.06 25.34
CA ILE D 373 -10.33 -35.87 25.90
C ILE D 373 -11.24 -35.26 26.95
N PRO D 374 -11.11 -35.73 28.20
CA PRO D 374 -11.97 -35.26 29.28
C PRO D 374 -11.94 -33.75 29.45
N SER D 375 -10.77 -33.13 29.31
CA SER D 375 -10.62 -31.69 29.61
C SER D 375 -11.37 -30.88 28.53
N GLN D 376 -11.75 -31.45 27.39
CA GLN D 376 -12.54 -30.73 26.35
C GLN D 376 -13.86 -31.44 26.09
N SER D 377 -14.34 -32.28 27.00
CA SER D 377 -15.68 -32.90 26.89
C SER D 377 -15.83 -33.69 25.57
N VAL D 378 -14.79 -34.40 25.16
CA VAL D 378 -14.83 -35.30 23.98
C VAL D 378 -15.04 -36.74 24.47
N SER D 379 -16.14 -37.38 24.08
CA SER D 379 -16.39 -38.80 24.45
C SER D 379 -15.26 -39.63 23.87
N ALA D 380 -14.95 -40.77 24.47
CA ALA D 380 -14.07 -41.80 23.87
C ALA D 380 -14.85 -42.44 22.71
N LYS D 381 -14.16 -42.70 21.60
CA LYS D 381 -14.78 -43.24 20.37
C LYS D 381 -14.40 -44.73 20.24
N SER D 382 -13.79 -45.30 21.28
CA SER D 382 -13.24 -46.70 21.34
C SER D 382 -14.28 -47.74 20.88
N THR D 383 -15.53 -47.63 21.32
CA THR D 383 -16.61 -48.61 21.03
C THR D 383 -16.77 -48.77 19.52
N TRP D 384 -16.92 -47.68 18.76
CA TRP D 384 -17.15 -47.78 17.30
C TRP D 384 -15.82 -47.93 16.55
N LEU D 385 -14.75 -47.34 17.07
CA LEU D 385 -13.41 -47.47 16.46
C LEU D 385 -12.99 -48.93 16.45
N ASP D 386 -13.31 -49.69 17.50
CA ASP D 386 -12.90 -51.11 17.66
C ASP D 386 -13.40 -51.93 16.45
N LYS D 387 -14.63 -51.63 16.02
CA LYS D 387 -15.32 -52.30 14.89
C LYS D 387 -14.65 -51.90 13.58
N GLN D 388 -14.28 -50.63 13.42
CA GLN D 388 -13.57 -50.16 12.21
C GLN D 388 -12.19 -50.83 12.17
N LEU D 389 -11.53 -50.91 13.33
CA LEU D 389 -10.18 -51.50 13.41
C LEU D 389 -10.25 -53.01 13.14
N SER D 390 -11.35 -53.65 13.53
CA SER D 390 -11.61 -55.07 13.20
C SER D 390 -11.70 -55.21 11.68
N ALA D 391 -12.53 -54.40 11.02
CA ALA D 391 -12.60 -54.33 9.55
C ALA D 391 -11.17 -54.24 8.96
N ARG D 392 -10.35 -53.28 9.40
CA ARG D 392 -8.98 -53.14 8.87
C ARG D 392 -8.15 -54.41 9.10
N LYS D 393 -8.12 -54.91 10.33
CA LYS D 393 -7.23 -56.02 10.76
C LYS D 393 -7.55 -57.30 9.97
N SER D 394 -8.82 -57.58 9.74
CA SER D 394 -9.27 -58.92 9.29
C SER D 394 -9.96 -58.89 7.92
N TYR D 395 -10.34 -57.73 7.36
CA TYR D 395 -11.18 -57.70 6.13
C TYR D 395 -10.65 -56.77 5.02
N ALA D 396 -9.88 -55.73 5.33
CA ALA D 396 -9.47 -54.69 4.34
C ALA D 396 -8.25 -55.17 3.56
N TYR D 397 -8.50 -56.07 2.60
CA TYR D 397 -7.47 -56.85 1.88
C TYR D 397 -7.89 -57.06 0.42
N GLY D 398 -6.90 -57.06 -0.48
CA GLY D 398 -7.11 -57.46 -1.90
C GLY D 398 -7.44 -56.27 -2.76
N THR D 399 -7.72 -56.50 -4.03
CA THR D 399 -8.06 -55.46 -5.04
C THR D 399 -9.12 -54.50 -4.49
N GLN D 400 -8.87 -53.21 -4.62
CA GLN D 400 -9.80 -52.11 -4.27
C GLN D 400 -10.53 -51.63 -5.53
N HIS D 401 -11.81 -51.36 -5.45
CA HIS D 401 -12.61 -50.64 -6.49
C HIS D 401 -13.23 -49.40 -5.85
N ASP D 402 -12.97 -48.23 -6.43
CA ASP D 402 -13.36 -46.90 -5.92
C ASP D 402 -14.64 -46.43 -6.60
N TYR D 403 -15.59 -45.89 -5.85
CA TYR D 403 -16.82 -45.26 -6.39
C TYR D 403 -16.97 -43.90 -5.73
N LEU D 404 -15.99 -43.04 -5.95
CA LEU D 404 -16.01 -41.67 -5.38
C LEU D 404 -16.72 -40.76 -6.40
N ASP D 405 -17.99 -41.04 -6.65
CA ASP D 405 -18.75 -40.62 -7.85
C ASP D 405 -20.08 -39.89 -7.50
N ASN D 406 -20.28 -39.36 -6.28
CA ASN D 406 -21.52 -38.58 -5.95
C ASN D 406 -21.19 -37.54 -4.88
N GLN D 407 -21.86 -36.39 -4.90
CA GLN D 407 -21.58 -35.26 -3.97
C GLN D 407 -21.81 -35.68 -2.51
N ASP D 408 -22.69 -36.66 -2.31
CA ASP D 408 -23.17 -37.06 -0.96
C ASP D 408 -22.67 -38.47 -0.68
N VAL D 409 -23.12 -39.45 -1.46
CA VAL D 409 -22.86 -40.89 -1.18
C VAL D 409 -21.62 -41.37 -1.94
N ILE D 410 -20.62 -41.90 -1.26
CA ILE D 410 -19.42 -42.47 -1.92
C ILE D 410 -19.12 -43.82 -1.26
N GLY D 411 -18.22 -44.58 -1.87
CA GLY D 411 -17.82 -45.88 -1.33
C GLY D 411 -16.66 -46.48 -2.09
N TRP D 412 -16.17 -47.61 -1.59
CA TRP D 412 -15.15 -48.45 -2.24
C TRP D 412 -15.32 -49.88 -1.73
N THR D 413 -14.80 -50.86 -2.47
CA THR D 413 -14.81 -52.28 -2.07
C THR D 413 -13.38 -52.78 -1.96
N ARG D 414 -13.21 -53.88 -1.25
CA ARG D 414 -11.96 -54.67 -1.19
C ARG D 414 -12.38 -56.12 -1.43
N GLU D 415 -11.76 -56.79 -2.41
CA GLU D 415 -12.19 -58.11 -2.93
C GLU D 415 -11.88 -59.18 -1.87
N GLY D 416 -10.89 -58.96 -1.00
CA GLY D 416 -10.33 -60.00 -0.14
C GLY D 416 -9.11 -60.61 -0.80
N ASP D 417 -8.22 -61.19 -0.01
CA ASP D 417 -7.08 -62.06 -0.43
C ASP D 417 -7.39 -63.42 0.19
N SER D 418 -6.68 -64.47 -0.21
CA SER D 418 -6.83 -65.83 0.38
C SER D 418 -6.01 -65.94 1.68
N ALA D 419 -4.94 -65.16 1.86
CA ALA D 419 -4.14 -65.11 3.12
C ALA D 419 -5.03 -64.81 4.36
N HIS D 420 -6.09 -63.99 4.24
CA HIS D 420 -6.98 -63.63 5.37
C HIS D 420 -8.38 -64.20 5.14
N ALA D 421 -8.72 -65.26 5.87
CA ALA D 421 -10.03 -65.95 5.89
C ALA D 421 -11.15 -64.92 5.77
N GLY D 422 -12.24 -65.23 5.04
CA GLY D 422 -13.52 -64.48 5.09
C GLY D 422 -13.38 -63.02 4.71
N SER D 423 -12.20 -62.60 4.24
CA SER D 423 -11.83 -61.17 4.06
C SER D 423 -12.55 -60.62 2.82
N GLY D 424 -12.57 -59.29 2.71
CA GLY D 424 -13.36 -58.50 1.75
C GLY D 424 -14.34 -57.57 2.46
N LEU D 425 -14.57 -56.38 1.91
CA LEU D 425 -15.57 -55.43 2.45
C LEU D 425 -16.08 -54.44 1.40
N ALA D 426 -17.20 -53.82 1.74
CA ALA D 426 -17.80 -52.68 1.01
C ALA D 426 -18.05 -51.56 2.03
N THR D 427 -17.27 -50.50 1.96
CA THR D 427 -17.46 -49.25 2.73
C THR D 427 -18.36 -48.30 1.92
N VAL D 428 -19.42 -47.80 2.52
CA VAL D 428 -20.33 -46.80 1.88
C VAL D 428 -20.71 -45.76 2.95
N MET D 429 -20.79 -44.48 2.57
CA MET D 429 -20.89 -43.34 3.51
C MET D 429 -21.57 -42.17 2.81
N SER D 430 -22.27 -41.33 3.56
CA SER D 430 -22.94 -40.13 3.00
C SER D 430 -22.72 -38.94 3.95
N ASP D 431 -22.28 -37.81 3.37
CA ASP D 431 -22.16 -36.50 4.06
C ASP D 431 -23.57 -35.95 4.19
N GLY D 432 -24.57 -36.61 3.58
CA GLY D 432 -25.94 -36.08 3.44
C GLY D 432 -27.00 -37.16 3.65
N PRO D 433 -28.10 -37.16 2.88
CA PRO D 433 -29.14 -38.18 3.05
C PRO D 433 -28.63 -39.61 2.82
N GLY D 434 -29.35 -40.58 3.38
CA GLY D 434 -28.99 -42.01 3.27
C GLY D 434 -29.16 -42.50 1.84
N GLY D 435 -28.48 -43.60 1.49
CA GLY D 435 -28.66 -44.27 0.20
C GLY D 435 -27.93 -45.60 0.11
N SER D 436 -27.74 -46.05 -1.12
CA SER D 436 -27.23 -47.36 -1.58
C SER D 436 -26.10 -47.05 -2.55
N LYS D 437 -25.15 -47.95 -2.70
CA LYS D 437 -24.31 -48.00 -3.91
C LYS D 437 -24.25 -49.45 -4.37
N THR D 438 -24.37 -49.67 -5.69
CA THR D 438 -24.10 -51.00 -6.29
C THR D 438 -22.60 -51.07 -6.60
N MET D 439 -21.89 -51.97 -5.93
CA MET D 439 -20.42 -52.05 -6.04
C MET D 439 -20.01 -53.52 -6.16
N TYR D 440 -18.87 -53.75 -6.81
CA TYR D 440 -18.35 -55.09 -7.12
C TYR D 440 -17.40 -55.48 -5.98
N VAL D 441 -17.72 -56.54 -5.23
CA VAL D 441 -16.82 -57.05 -4.15
C VAL D 441 -16.06 -58.29 -4.65
N GLY D 442 -16.37 -58.78 -5.86
CA GLY D 442 -15.81 -60.02 -6.43
C GLY D 442 -16.84 -61.13 -6.61
N THR D 443 -16.79 -61.82 -7.76
CA THR D 443 -17.65 -63.00 -8.11
C THR D 443 -17.38 -64.13 -7.10
N ALA D 444 -16.13 -64.22 -6.57
CA ALA D 444 -15.74 -65.10 -5.42
C ALA D 444 -16.78 -65.08 -4.31
N HIS D 445 -17.42 -63.94 -4.03
CA HIS D 445 -18.32 -63.71 -2.86
C HIS D 445 -19.78 -63.99 -3.21
N ALA D 446 -20.09 -64.42 -4.44
CA ALA D 446 -21.48 -64.59 -4.94
C ALA D 446 -22.24 -65.48 -3.97
N GLY D 447 -23.51 -65.14 -3.70
CA GLY D 447 -24.38 -65.91 -2.79
C GLY D 447 -24.13 -65.65 -1.30
N GLN D 448 -22.98 -65.09 -0.90
CA GLN D 448 -22.68 -64.72 0.51
C GLN D 448 -23.68 -63.65 0.99
N VAL D 449 -23.93 -63.63 2.29
CA VAL D 449 -24.69 -62.52 2.96
C VAL D 449 -23.71 -61.60 3.74
N PHE D 450 -23.75 -60.29 3.50
CA PHE D 450 -22.91 -59.29 4.20
C PHE D 450 -23.73 -58.58 5.28
N LYS D 451 -23.09 -58.27 6.42
CA LYS D 451 -23.66 -57.51 7.57
C LYS D 451 -22.89 -56.18 7.73
N ASP D 452 -23.46 -55.19 8.43
CA ASP D 452 -22.75 -53.92 8.74
C ASP D 452 -21.90 -54.12 10.00
N ILE D 453 -20.61 -54.34 9.88
CA ILE D 453 -19.74 -54.61 11.07
C ILE D 453 -19.82 -53.42 12.03
N THR D 454 -20.22 -52.22 11.57
CA THR D 454 -20.29 -51.03 12.46
C THR D 454 -21.51 -51.13 13.39
N GLY D 455 -22.56 -51.83 12.99
CA GLY D 455 -23.80 -51.90 13.77
C GLY D 455 -24.74 -50.75 13.48
N ASN D 456 -24.33 -49.80 12.64
CA ASN D 456 -25.14 -48.61 12.27
C ASN D 456 -26.40 -49.05 11.53
N ARG D 457 -26.33 -50.16 10.79
CA ARG D 457 -27.52 -50.71 10.09
C ARG D 457 -27.67 -52.18 10.48
N THR D 458 -28.90 -52.66 10.63
CA THR D 458 -29.26 -54.02 11.09
C THR D 458 -29.65 -54.91 9.90
N ASP D 459 -29.94 -54.35 8.73
CA ASP D 459 -30.24 -55.18 7.52
C ASP D 459 -28.93 -55.79 7.02
N THR D 460 -29.07 -56.72 6.07
CA THR D 460 -27.99 -57.50 5.41
C THR D 460 -28.08 -57.32 3.89
N VAL D 461 -26.95 -57.50 3.20
CA VAL D 461 -26.86 -57.38 1.71
C VAL D 461 -26.35 -58.76 1.30
N THR D 462 -27.06 -59.38 0.38
CA THR D 462 -26.71 -60.69 -0.22
C THR D 462 -26.04 -60.41 -1.57
N ILE D 463 -24.88 -61.00 -1.86
CA ILE D 463 -24.14 -60.73 -3.13
C ILE D 463 -24.74 -61.57 -4.27
N ASN D 464 -25.11 -60.93 -5.38
CA ASN D 464 -25.63 -61.60 -6.62
C ASN D 464 -24.46 -62.35 -7.28
N SER D 465 -24.73 -63.15 -8.32
CA SER D 465 -23.73 -64.05 -8.95
C SER D 465 -22.81 -63.26 -9.88
N ALA D 466 -23.17 -62.04 -10.30
CA ALA D 466 -22.26 -61.12 -11.00
C ALA D 466 -21.14 -60.60 -10.05
N GLY D 467 -21.25 -60.82 -8.73
CA GLY D 467 -20.26 -60.38 -7.70
C GLY D 467 -20.54 -58.96 -7.18
N ASN D 468 -21.79 -58.48 -7.34
CA ASN D 468 -22.20 -57.13 -6.89
C ASN D 468 -23.15 -57.24 -5.70
N GLY D 469 -23.10 -56.24 -4.83
CA GLY D 469 -24.09 -55.96 -3.79
C GLY D 469 -24.62 -54.56 -3.96
N THR D 470 -25.83 -54.32 -3.46
CA THR D 470 -26.38 -52.96 -3.26
C THR D 470 -26.28 -52.63 -1.77
N PHE D 471 -25.33 -51.78 -1.40
CA PHE D 471 -24.87 -51.50 0.00
C PHE D 471 -25.40 -50.16 0.48
N PRO D 472 -26.29 -50.16 1.51
CA PRO D 472 -26.83 -48.93 2.07
C PRO D 472 -26.01 -48.37 3.24
N CYS D 473 -26.15 -47.07 3.47
CA CYS D 473 -25.68 -46.35 4.68
C CYS D 473 -26.80 -45.43 5.15
N ASN D 474 -26.75 -45.02 6.42
CA ASN D 474 -27.64 -43.98 6.97
C ASN D 474 -27.21 -42.61 6.43
N GLY D 475 -28.07 -41.59 6.56
CA GLY D 475 -27.65 -40.19 6.36
C GLY D 475 -26.55 -39.81 7.35
N GLY D 476 -25.57 -39.04 6.90
CA GLY D 476 -24.43 -38.57 7.72
C GLY D 476 -23.78 -39.67 8.54
N SER D 477 -23.72 -40.89 8.03
CA SER D 477 -22.98 -41.99 8.71
C SER D 477 -22.23 -42.81 7.66
N VAL D 478 -21.64 -43.91 8.10
CA VAL D 478 -20.88 -44.88 7.28
C VAL D 478 -21.29 -46.29 7.69
N SER D 479 -21.41 -47.20 6.73
CA SER D 479 -21.55 -48.65 7.00
C SER D 479 -20.35 -49.35 6.35
N ILE D 480 -19.84 -50.37 7.03
CA ILE D 480 -18.73 -51.22 6.49
C ILE D 480 -19.26 -52.65 6.45
N TRP D 481 -19.51 -53.15 5.23
CA TRP D 481 -20.19 -54.43 4.98
C TRP D 481 -19.16 -55.55 4.81
N VAL D 482 -19.34 -56.66 5.52
CA VAL D 482 -18.42 -57.83 5.51
C VAL D 482 -19.25 -59.12 5.52
N LYS D 483 -18.67 -60.21 5.01
CA LYS D 483 -19.27 -61.58 5.06
C LYS D 483 -19.76 -61.81 6.50
N GLN D 484 -21.06 -62.06 6.64
CA GLN D 484 -21.72 -62.41 7.91
C GLN D 484 -20.94 -63.55 8.59
#